data_1W0C
#
_entry.id   1W0C
#
_cell.length_a   95.851
_cell.length_b   102.945
_cell.length_c   146.707
_cell.angle_alpha   90.00
_cell.angle_beta   108.32
_cell.angle_gamma   90.00
#
_symmetry.space_group_name_H-M   'P 1 21 1'
#
loop_
_entity.id
_entity.type
_entity.pdbx_description
1 polymer 'PTERIDINE REDUCTASE'
2 non-polymer 'NADP NICOTINAMIDE-ADENINE-DINUCLEOTIDE PHOSPHATE'
3 non-polymer 2,4,6-TRIAMINOQUINAZOLINE
4 water water
#
_entity_poly.entity_id   1
_entity_poly.type   'polypeptide(L)'
_entity_poly.pdbx_seq_one_letter_code
;LMPTERIDINEREDCTASEMTAPTVPVALVTGAAKRLGRSIAEGLHAEGYAVCLHYHRSAAEANALSATLNARRPNSAIT
VQADLSNVATAPVSGADGSAPVTLFTRCAELVAACYTHWGRCDVLVNNASSFYPTPLLRNDEDGHEPCVGDREAMETATA
DLFGSNAIAPYFLIKAFAHRVAGTPAKHRGTNYSIINMVDAMTNQPLLGYTIYTMAKGALEGLTRSAALELAPLQIRVNG
VGPGLSVLVDDMPPAVWEGHRSKVPLYQRDSSAAEVSDVVIFLCSSKAKYITGTCVKVDGGYSLTRA
;
_entity_poly.pdbx_strand_id   A,B,C,D,E,F,G,H
#
loop_
_chem_comp.id
_chem_comp.type
_chem_comp.name
_chem_comp.formula
NAP non-polymer 'NADP NICOTINAMIDE-ADENINE-DINUCLEOTIDE PHOSPHATE' 'C21 H28 N7 O17 P3'
TAQ non-polymer 2,4,6-TRIAMINOQUINAZOLINE 'C8 H9 N5'
#
# COMPACT_ATOMS: atom_id res chain seq x y z
N VAL A 25 19.83 23.73 65.72
CA VAL A 25 20.75 22.69 66.30
C VAL A 25 21.08 21.53 65.34
N PRO A 26 20.10 20.86 64.69
CA PRO A 26 20.46 20.10 63.47
C PRO A 26 20.91 21.07 62.36
N VAL A 27 21.85 20.64 61.52
CA VAL A 27 22.43 21.47 60.45
C VAL A 27 22.15 20.97 59.01
N ALA A 28 21.75 21.89 58.14
CA ALA A 28 21.48 21.55 56.75
C ALA A 28 22.39 22.34 55.79
N LEU A 29 22.93 21.65 54.81
CA LEU A 29 23.61 22.28 53.68
C LEU A 29 22.70 22.22 52.44
N VAL A 30 22.44 23.37 51.84
CA VAL A 30 21.55 23.47 50.71
C VAL A 30 22.34 24.18 49.64
N THR A 31 22.60 23.49 48.55
CA THR A 31 23.29 24.09 47.40
C THR A 31 22.29 24.89 46.56
N GLY A 32 22.76 25.92 45.87
CA GLY A 32 21.89 26.82 45.11
C GLY A 32 20.77 27.38 45.96
N ALA A 33 21.12 27.89 47.13
CA ALA A 33 20.11 28.26 48.11
C ALA A 33 19.59 29.69 48.02
N ALA A 34 20.14 30.50 47.12
CA ALA A 34 19.89 31.94 47.14
C ALA A 34 18.50 32.36 46.75
N LYS A 35 17.86 31.57 45.88
CA LYS A 35 16.62 32.01 45.23
C LYS A 35 15.65 30.86 45.05
N ARG A 36 14.40 31.18 44.71
CA ARG A 36 13.41 30.22 44.19
C ARG A 36 13.26 28.96 45.07
N LEU A 37 13.29 27.75 44.47
CA LEU A 37 13.18 26.48 45.24
C LEU A 37 14.22 26.23 46.35
N GLY A 38 15.49 26.58 46.09
CA GLY A 38 16.58 26.48 47.07
C GLY A 38 16.39 27.38 48.30
N ARG A 39 15.91 28.59 48.03
CA ARG A 39 15.52 29.54 49.07
C ARG A 39 14.38 28.97 49.90
N SER A 40 13.34 28.47 49.24
CA SER A 40 12.21 27.86 49.93
C SER A 40 12.63 26.68 50.80
N ILE A 41 13.49 25.81 50.27
CA ILE A 41 14.01 24.65 51.02
C ILE A 41 14.77 25.10 52.26
N ALA A 42 15.63 26.10 52.07
CA ALA A 42 16.40 26.67 53.17
C ALA A 42 15.48 27.25 54.23
N GLU A 43 14.48 28.01 53.80
CA GLU A 43 13.54 28.64 54.71
C GLU A 43 12.78 27.58 55.48
N GLY A 44 12.33 26.57 54.75
CA GLY A 44 11.53 25.46 55.29
C GLY A 44 12.28 24.69 56.35
N LEU A 45 13.53 24.33 56.04
CA LEU A 45 14.40 23.68 56.99
C LEU A 45 14.67 24.56 58.23
N HIS A 46 14.94 25.83 57.99
CA HIS A 46 15.15 26.80 59.05
C HIS A 46 13.92 26.91 59.96
N ALA A 47 12.72 26.83 59.38
CA ALA A 47 11.47 26.90 60.15
C ALA A 47 11.25 25.66 61.05
N GLU A 48 11.91 24.55 60.69
CA GLU A 48 11.82 23.35 61.50
C GLU A 48 12.91 23.29 62.56
N GLY A 49 13.74 24.33 62.60
CA GLY A 49 14.77 24.46 63.63
C GLY A 49 16.21 24.23 63.18
N TYR A 50 16.40 24.00 61.88
CA TYR A 50 17.72 23.73 61.33
C TYR A 50 18.58 24.97 61.25
N ALA A 51 19.87 24.82 61.53
CA ALA A 51 20.84 25.82 61.11
C ALA A 51 21.16 25.53 59.65
N VAL A 52 21.28 26.58 58.83
CA VAL A 52 21.38 26.39 57.40
C VAL A 52 22.62 27.00 56.79
N CYS A 53 23.42 26.16 56.14
CA CYS A 53 24.51 26.61 55.31
C CYS A 53 24.01 26.84 53.89
N LEU A 54 23.88 28.10 53.53
CA LEU A 54 23.33 28.49 52.25
C LEU A 54 24.43 28.59 51.18
N HIS A 55 24.41 27.68 50.20
CA HIS A 55 25.40 27.70 49.16
C HIS A 55 24.92 28.56 47.96
N TYR A 56 25.87 29.22 47.33
CA TYR A 56 25.60 30.00 46.13
C TYR A 56 26.83 30.03 45.19
N HIS A 57 26.56 30.31 43.93
CA HIS A 57 27.63 30.50 43.00
C HIS A 57 27.61 31.98 42.59
N ARG A 58 26.51 32.38 41.93
CA ARG A 58 26.44 33.68 41.24
C ARG A 58 25.67 34.69 42.03
N SER A 59 24.78 34.22 42.87
CA SER A 59 23.81 35.08 43.53
C SER A 59 24.25 35.51 44.95
N ALA A 60 25.33 36.27 45.04
CA ALA A 60 25.88 36.68 46.34
C ALA A 60 24.89 37.53 47.15
N ALA A 61 24.34 38.54 46.51
CA ALA A 61 23.42 39.50 47.13
C ALA A 61 22.19 38.82 47.73
N GLU A 62 21.55 37.96 46.92
CA GLU A 62 20.33 37.22 47.28
C GLU A 62 20.59 36.18 48.36
N ALA A 63 21.82 35.65 48.46
CA ALA A 63 22.20 34.67 49.50
C ALA A 63 22.47 35.32 50.86
N ASN A 64 23.30 36.37 50.86
CA ASN A 64 23.54 37.19 52.06
C ASN A 64 22.27 37.86 52.59
N ALA A 65 21.41 38.36 51.70
CA ALA A 65 20.13 38.91 52.12
C ALA A 65 19.29 37.88 52.87
N LEU A 66 19.26 36.66 52.35
CA LEU A 66 18.51 35.56 52.96
C LEU A 66 19.11 35.16 54.31
N SER A 67 20.43 35.08 54.35
CA SER A 67 21.13 34.74 55.59
C SER A 67 20.84 35.73 56.69
N ALA A 68 20.79 37.00 56.34
CA ALA A 68 20.44 38.07 57.27
C ALA A 68 19.04 37.92 57.84
N THR A 69 18.10 37.50 56.99
CA THR A 69 16.72 37.24 57.41
C THR A 69 16.69 36.15 58.44
N LEU A 70 17.28 35.00 58.09
CA LEU A 70 17.30 33.83 58.97
C LEU A 70 18.05 34.07 60.28
N ASN A 71 19.18 34.77 60.19
CA ASN A 71 19.93 35.16 61.38
C ASN A 71 19.20 36.18 62.26
N ALA A 72 18.40 37.03 61.64
CA ALA A 72 17.56 37.98 62.39
C ALA A 72 16.46 37.27 63.18
N ARG A 73 15.87 36.23 62.58
CA ARG A 73 14.87 35.42 63.24
C ARG A 73 15.45 34.57 64.36
N ARG A 74 16.68 34.10 64.16
CA ARG A 74 17.38 33.20 65.09
C ARG A 74 18.89 33.37 64.92
N PRO A 75 19.56 33.92 65.92
CA PRO A 75 20.98 34.19 65.82
C PRO A 75 21.79 32.92 65.49
N ASN A 76 22.81 33.08 64.65
CA ASN A 76 23.73 32.00 64.26
C ASN A 76 23.04 30.74 63.67
N SER A 77 22.09 30.99 62.78
CA SER A 77 21.31 29.92 62.18
C SER A 77 21.47 29.90 60.68
N ALA A 78 22.43 30.65 60.16
CA ALA A 78 22.66 30.75 58.74
C ALA A 78 24.04 31.32 58.44
N ILE A 79 24.73 30.65 57.53
CA ILE A 79 25.95 31.15 56.92
C ILE A 79 25.81 31.04 55.40
N THR A 80 26.71 31.71 54.69
CA THR A 80 26.81 31.60 53.24
C THR A 80 28.20 31.17 52.81
N VAL A 81 28.28 30.14 51.95
CA VAL A 81 29.52 29.69 51.27
C VAL A 81 29.39 29.73 49.76
N GLN A 82 30.42 30.22 49.08
CA GLN A 82 30.44 30.34 47.62
C GLN A 82 31.20 29.18 46.92
N ALA A 83 30.64 28.63 45.85
CA ALA A 83 31.32 27.60 45.08
C ALA A 83 30.74 27.34 43.69
N ASP A 84 31.62 27.25 42.70
CA ASP A 84 31.30 26.84 41.37
C ASP A 84 31.29 25.32 41.40
N LEU A 85 30.14 24.75 41.07
CA LEU A 85 29.95 23.31 41.19
C LEU A 85 30.10 22.65 39.84
N SER A 86 30.48 23.45 38.86
CA SER A 86 30.86 22.93 37.56
C SER A 86 32.07 22.01 37.73
N ASN A 87 32.15 21.00 36.86
CA ASN A 87 33.23 20.04 36.84
C ASN A 87 34.49 20.63 36.21
N VAL A 88 35.03 21.67 36.84
CA VAL A 88 36.26 22.31 36.40
C VAL A 88 37.21 22.51 37.56
N ALA A 89 38.50 22.46 37.26
CA ALA A 89 39.51 22.93 38.19
C ALA A 89 39.46 24.46 38.25
N THR A 90 39.41 25.00 39.47
CA THR A 90 39.49 26.45 39.67
C THR A 90 40.62 26.73 40.68
N ALA A 91 41.64 27.49 40.27
CA ALA A 91 42.92 27.61 41.00
C ALA A 91 42.84 28.33 42.36
N PRO A 92 43.99 28.51 43.04
CA PRO A 92 44.02 28.98 44.41
C PRO A 92 43.09 30.18 44.71
N VAL A 93 42.87 31.07 43.73
CA VAL A 93 42.25 32.38 44.01
C VAL A 93 41.09 32.87 43.13
N SER A 94 40.51 33.99 43.57
CA SER A 94 39.49 34.78 42.86
C SER A 94 40.03 36.19 42.59
N GLY A 95 41.36 36.26 42.37
CA GLY A 95 42.11 37.52 42.19
C GLY A 95 43.63 37.40 41.94
N ALA A 96 44.36 36.79 42.89
CA ALA A 96 45.84 36.70 42.85
C ALA A 96 46.41 35.80 41.73
N ASP A 97 46.95 34.62 42.10
CA ASP A 97 47.68 33.77 41.16
C ASP A 97 47.63 32.24 41.46
N GLY A 98 48.78 31.57 41.39
CA GLY A 98 48.82 30.09 41.37
C GLY A 98 49.77 29.33 42.28
N SER A 99 49.44 28.06 42.49
CA SER A 99 50.27 27.16 43.30
C SER A 99 50.06 25.72 42.79
N ALA A 100 48.97 25.08 43.24
CA ALA A 100 48.36 23.91 42.57
C ALA A 100 46.84 24.21 42.48
N PRO A 101 46.18 23.82 41.37
CA PRO A 101 44.75 24.21 41.11
C PRO A 101 43.70 23.44 41.93
N VAL A 102 42.49 24.01 42.06
CA VAL A 102 41.46 23.44 42.92
C VAL A 102 40.40 22.64 42.17
N THR A 103 40.39 21.34 42.39
CA THR A 103 39.44 20.44 41.78
C THR A 103 38.04 20.58 42.37
N LEU A 104 37.05 20.01 41.67
CA LEU A 104 35.65 20.04 42.09
C LEU A 104 35.48 19.27 43.41
N PHE A 105 36.17 18.13 43.52
CA PHE A 105 36.12 17.33 44.73
C PHE A 105 36.57 18.12 45.97
N THR A 106 37.67 18.85 45.83
CA THR A 106 38.18 19.70 46.89
C THR A 106 37.11 20.71 47.29
N ARG A 107 36.59 21.46 46.31
CA ARG A 107 35.55 22.47 46.56
C ARG A 107 34.38 21.91 47.34
N CYS A 108 33.95 20.72 46.94
CA CYS A 108 32.82 20.04 47.55
C CYS A 108 33.12 19.59 48.96
N ALA A 109 34.32 19.06 49.18
CA ALA A 109 34.75 18.69 50.54
C ALA A 109 34.76 19.90 51.47
N GLU A 110 35.21 21.04 50.96
CA GLU A 110 35.26 22.30 51.73
C GLU A 110 33.88 22.89 52.01
N LEU A 111 32.89 22.59 51.17
CA LEU A 111 31.51 22.97 51.47
C LEU A 111 31.01 22.28 52.73
N VAL A 112 31.12 20.95 52.73
CA VAL A 112 30.69 20.13 53.84
C VAL A 112 31.49 20.49 55.08
N ALA A 113 32.80 20.64 54.94
CA ALA A 113 33.66 21.11 56.02
C ALA A 113 33.19 22.40 56.68
N ALA A 114 32.74 23.35 55.87
CA ALA A 114 32.26 24.64 56.36
C ALA A 114 31.14 24.48 57.39
N CYS A 115 30.35 23.44 57.25
CA CYS A 115 29.33 23.14 58.22
C CYS A 115 29.95 22.65 59.52
N TYR A 116 30.95 21.79 59.41
CA TYR A 116 31.56 21.19 60.58
C TYR A 116 32.42 22.21 61.36
N THR A 117 33.17 23.02 60.62
CA THR A 117 33.94 24.12 61.19
C THR A 117 33.03 25.09 61.98
N HIS A 118 31.89 25.47 61.42
CA HIS A 118 31.04 26.46 62.04
C HIS A 118 30.13 25.92 63.13
N TRP A 119 29.52 24.77 62.88
CA TRP A 119 28.53 24.23 63.80
C TRP A 119 28.86 22.86 64.36
N GLY A 120 29.98 22.27 63.94
CA GLY A 120 30.37 20.94 64.41
C GLY A 120 29.53 19.78 63.89
N ARG A 121 28.66 20.03 62.90
CA ARG A 121 27.82 18.97 62.33
C ARG A 121 27.26 19.24 60.92
N CYS A 122 26.76 18.19 60.28
CA CYS A 122 26.03 18.32 59.04
C CYS A 122 25.08 17.14 58.93
N ASP A 123 23.81 17.39 59.23
CA ASP A 123 22.82 16.34 59.37
C ASP A 123 22.03 16.10 58.08
N VAL A 124 21.82 17.16 57.31
CA VAL A 124 21.06 17.12 56.08
C VAL A 124 21.82 17.77 54.93
N LEU A 125 21.82 17.10 53.76
CA LEU A 125 22.36 17.68 52.53
C LEU A 125 21.28 17.73 51.48
N VAL A 126 21.14 18.87 50.82
CA VAL A 126 20.18 19.06 49.72
C VAL A 126 20.96 19.50 48.47
N ASN A 127 21.08 18.58 47.50
CA ASN A 127 21.68 18.86 46.22
C ASN A 127 20.64 19.49 45.33
N ASN A 128 20.61 20.82 45.38
CA ASN A 128 19.55 21.58 44.70
C ASN A 128 20.10 22.35 43.52
N ALA A 129 21.36 22.76 43.63
CA ALA A 129 22.01 23.57 42.59
C ALA A 129 22.00 22.81 41.30
N SER A 130 21.72 23.50 40.21
CA SER A 130 21.49 22.88 38.92
C SER A 130 21.43 23.93 37.84
N SER A 131 22.28 23.76 36.82
CA SER A 131 22.22 24.56 35.63
C SER A 131 21.29 23.86 34.63
N PHE A 132 20.66 24.66 33.76
CA PHE A 132 19.58 24.18 32.93
C PHE A 132 19.47 25.09 31.71
N TYR A 133 19.88 24.55 30.57
CA TYR A 133 19.89 25.28 29.28
C TYR A 133 20.13 24.28 28.12
N PRO A 134 19.69 24.65 26.91
CA PRO A 134 19.70 23.70 25.77
C PRO A 134 21.07 23.21 25.33
N THR A 135 21.17 21.92 25.05
CA THR A 135 22.29 21.35 24.29
C THR A 135 21.80 20.53 23.10
N PRO A 136 21.36 21.20 22.04
CA PRO A 136 20.72 20.53 20.91
C PRO A 136 21.61 19.54 20.18
N LEU A 137 20.99 18.44 19.79
CA LEU A 137 21.68 17.39 19.10
C LEU A 137 21.94 17.89 17.72
N LEU A 138 20.99 18.69 17.23
CA LEU A 138 21.07 19.22 15.88
C LEU A 138 21.06 20.74 15.85
N ARG A 139 21.76 21.28 14.86
CA ARG A 139 21.55 22.67 14.45
C ARG A 139 20.71 22.66 13.16
N ASN A 140 19.46 23.16 13.26
CA ASN A 140 18.56 23.42 12.08
C ASN A 140 18.12 22.24 11.19
N ASP A 141 18.40 21.01 11.64
CA ASP A 141 18.28 19.83 10.82
C ASP A 141 17.58 18.68 11.51
N VAL A 149 26.11 30.99 17.16
CA VAL A 149 27.06 30.02 16.65
C VAL A 149 27.40 28.99 17.73
N GLY A 150 28.43 28.17 17.48
CA GLY A 150 28.89 27.11 18.40
C GLY A 150 30.39 26.96 18.32
N ASP A 151 30.98 26.32 19.32
CA ASP A 151 32.43 26.32 19.47
C ASP A 151 32.86 25.14 20.33
N ARG A 152 34.15 25.06 20.68
CA ARG A 152 34.63 23.99 21.54
C ARG A 152 34.67 24.56 22.94
N GLU A 153 34.26 25.82 23.02
CA GLU A 153 34.23 26.47 24.29
C GLU A 153 32.87 26.21 24.91
N ALA A 154 31.85 26.95 24.46
CA ALA A 154 30.48 26.77 24.92
C ALA A 154 30.15 25.29 25.07
N MET A 155 30.78 24.46 24.25
CA MET A 155 30.60 23.03 24.31
C MET A 155 31.37 22.41 25.51
N GLU A 156 32.67 22.67 25.63
CA GLU A 156 33.46 22.06 26.72
C GLU A 156 33.01 22.57 28.14
N THR A 157 32.32 23.73 28.15
CA THR A 157 31.83 24.31 29.40
C THR A 157 30.37 24.00 29.73
N ALA A 158 29.52 23.83 28.72
CA ALA A 158 28.18 23.30 28.95
C ALA A 158 28.22 21.90 29.61
N THR A 159 29.03 21.00 29.05
CA THR A 159 29.22 19.63 29.59
C THR A 159 29.64 19.65 31.07
N ALA A 160 30.56 20.55 31.40
CA ALA A 160 31.20 20.55 32.68
C ALA A 160 30.26 21.16 33.69
N ASP A 161 29.52 22.18 33.26
CA ASP A 161 28.53 22.89 34.11
C ASP A 161 27.27 22.09 34.38
N LEU A 162 26.66 21.56 33.33
CA LEU A 162 25.44 20.79 33.45
C LEU A 162 25.67 19.49 34.19
N PHE A 163 26.73 18.78 33.84
CA PHE A 163 27.04 17.56 34.55
C PHE A 163 27.62 17.79 35.94
N GLY A 164 28.31 18.90 36.12
CA GLY A 164 28.87 19.22 37.43
C GLY A 164 27.79 19.51 38.43
N SER A 165 26.98 20.51 38.12
CA SER A 165 26.00 21.01 39.05
C SER A 165 24.98 19.93 39.40
N ASN A 166 24.57 19.17 38.38
CA ASN A 166 23.44 18.26 38.48
C ASN A 166 23.81 16.85 38.97
N ALA A 167 25.05 16.44 38.74
CA ALA A 167 25.45 15.05 39.01
C ALA A 167 26.79 14.86 39.69
N ILE A 168 27.87 15.37 39.08
CA ILE A 168 29.23 15.14 39.62
C ILE A 168 29.43 15.73 41.02
N ALA A 169 29.10 17.03 41.17
CA ALA A 169 29.23 17.68 42.47
C ALA A 169 28.38 16.99 43.55
N PRO A 170 27.09 16.71 43.28
CA PRO A 170 26.27 15.89 44.17
C PRO A 170 26.98 14.63 44.63
N TYR A 171 27.63 13.92 43.71
CA TYR A 171 28.40 12.73 44.11
C TYR A 171 29.53 13.01 45.09
N PHE A 172 30.33 14.03 44.82
CA PHE A 172 31.42 14.42 45.71
C PHE A 172 30.89 15.01 47.02
N LEU A 173 29.80 15.76 46.93
CA LEU A 173 29.17 16.29 48.14
C LEU A 173 28.77 15.15 49.02
N ILE A 174 28.11 14.15 48.44
CA ILE A 174 27.66 12.97 49.17
C ILE A 174 28.85 12.20 49.75
N LYS A 175 29.91 12.00 48.97
CA LYS A 175 31.12 11.40 49.49
C LYS A 175 31.61 12.14 50.75
N ALA A 176 31.80 13.45 50.65
CA ALA A 176 32.31 14.23 51.77
C ALA A 176 31.38 14.13 52.99
N PHE A 177 30.07 14.29 52.77
CA PHE A 177 29.06 14.07 53.78
C PHE A 177 29.21 12.72 54.47
N ALA A 178 29.38 11.65 53.69
CA ALA A 178 29.45 10.30 54.23
C ALA A 178 30.75 10.08 54.97
N HIS A 179 31.82 10.72 54.51
CA HIS A 179 33.06 10.57 55.21
C HIS A 179 33.07 11.23 56.57
N ARG A 180 32.32 12.34 56.73
CA ARG A 180 32.34 13.04 57.98
C ARG A 180 31.43 12.30 58.99
N VAL A 181 30.41 11.64 58.47
CA VAL A 181 29.55 10.85 59.33
C VAL A 181 30.32 9.62 59.81
N ALA A 182 30.89 8.89 58.87
CA ALA A 182 31.66 7.69 59.18
C ALA A 182 32.79 7.99 60.16
N GLY A 183 33.37 9.18 60.02
CA GLY A 183 34.50 9.62 60.83
C GLY A 183 34.13 10.06 62.24
N THR A 184 32.85 10.24 62.49
CA THR A 184 32.36 10.55 63.82
C THR A 184 32.17 9.24 64.60
N PRO A 185 32.65 9.18 65.85
CA PRO A 185 32.44 7.99 66.65
C PRO A 185 30.96 7.81 66.87
N ALA A 186 30.47 6.57 66.80
CA ALA A 186 29.03 6.27 66.87
C ALA A 186 28.26 7.03 67.98
N LYS A 187 28.91 7.21 69.12
CA LYS A 187 28.35 7.94 70.25
C LYS A 187 27.93 9.38 69.89
N HIS A 188 28.77 10.10 69.13
CA HIS A 188 28.53 11.50 68.74
C HIS A 188 27.95 11.65 67.34
N ARG A 189 27.17 10.69 66.86
CA ARG A 189 26.48 10.84 65.58
C ARG A 189 25.06 11.36 65.75
N GLY A 190 24.57 12.09 64.74
CA GLY A 190 23.20 12.55 64.71
C GLY A 190 22.27 11.36 64.56
N THR A 191 20.97 11.59 64.69
CA THR A 191 19.98 10.50 64.65
C THR A 191 19.02 10.64 63.46
N ASN A 192 19.22 11.68 62.65
CA ASN A 192 18.37 11.90 61.46
C ASN A 192 19.19 12.44 60.28
N TYR A 193 20.08 11.62 59.74
CA TYR A 193 20.87 11.98 58.55
C TYR A 193 20.07 11.77 57.28
N SER A 194 19.97 12.83 56.49
CA SER A 194 19.14 12.78 55.29
C SER A 194 19.79 13.51 54.10
N ILE A 195 19.84 12.86 52.94
CA ILE A 195 20.22 13.54 51.71
C ILE A 195 19.06 13.59 50.74
N ILE A 196 18.76 14.79 50.24
CA ILE A 196 17.72 15.02 49.21
C ILE A 196 18.34 15.50 47.90
N ASN A 197 17.96 14.85 46.79
CA ASN A 197 18.47 15.19 45.48
C ASN A 197 17.34 15.74 44.66
N MET A 198 17.46 17.01 44.28
CA MET A 198 16.45 17.60 43.43
C MET A 198 16.55 17.03 42.01
N VAL A 199 15.65 16.11 41.71
CA VAL A 199 15.59 15.51 40.37
C VAL A 199 14.54 16.20 39.50
N ASP A 200 14.00 15.48 38.53
CA ASP A 200 13.04 16.06 37.60
C ASP A 200 11.97 15.05 37.26
N ALA A 201 10.72 15.38 37.51
CA ALA A 201 9.59 14.46 37.27
C ALA A 201 9.35 14.23 35.78
N MET A 202 9.90 15.10 34.93
CA MET A 202 9.58 15.10 33.51
C MET A 202 10.68 14.55 32.63
N THR A 203 11.76 14.04 33.22
CA THR A 203 12.91 13.57 32.42
C THR A 203 12.67 12.28 31.61
N ASN A 204 11.61 11.55 31.94
CA ASN A 204 11.25 10.42 31.11
C ASN A 204 10.50 10.88 29.86
N GLN A 205 10.05 12.13 29.89
CA GLN A 205 9.40 12.78 28.77
C GLN A 205 10.21 14.01 28.43
N PRO A 206 11.39 13.80 27.85
CA PRO A 206 12.42 14.83 27.79
C PRO A 206 11.98 16.10 27.07
N LEU A 207 12.45 17.23 27.57
CA LEU A 207 12.27 18.51 26.92
C LEU A 207 13.20 18.59 25.70
N LEU A 208 12.64 18.91 24.54
CA LEU A 208 13.36 18.90 23.29
C LEU A 208 14.57 19.83 23.34
N GLY A 209 15.76 19.24 23.17
CA GLY A 209 17.00 20.01 23.04
C GLY A 209 17.84 20.11 24.31
N TYR A 210 17.42 19.43 25.36
CA TYR A 210 18.03 19.54 26.68
C TYR A 210 18.72 18.25 27.11
N THR A 211 19.41 17.60 26.17
CA THR A 211 19.93 16.25 26.35
C THR A 211 20.90 16.11 27.53
N ILE A 212 21.90 16.98 27.59
CA ILE A 212 22.88 16.90 28.67
C ILE A 212 22.20 17.08 30.02
N TYR A 213 21.31 18.04 30.11
CA TYR A 213 20.57 18.26 31.34
C TYR A 213 19.81 17.00 31.74
N THR A 214 19.07 16.42 30.79
CA THR A 214 18.31 15.19 31.03
C THR A 214 19.24 14.07 31.47
N MET A 215 20.35 13.93 30.76
CA MET A 215 21.35 12.93 31.07
C MET A 215 21.84 13.11 32.50
N ALA A 216 22.12 14.36 32.87
CA ALA A 216 22.56 14.69 34.23
C ALA A 216 21.54 14.27 35.31
N LYS A 217 20.27 14.51 35.07
CA LYS A 217 19.26 14.12 36.03
C LYS A 217 19.17 12.61 36.12
N GLY A 218 19.33 11.94 34.97
CA GLY A 218 19.42 10.50 34.93
C GLY A 218 20.52 10.02 35.85
N ALA A 219 21.67 10.69 35.77
CA ALA A 219 22.80 10.39 36.64
C ALA A 219 22.45 10.62 38.09
N LEU A 220 21.72 11.69 38.37
CA LEU A 220 21.33 12.02 39.73
C LEU A 220 20.43 10.96 40.36
N GLU A 221 19.44 10.49 39.59
CA GLU A 221 18.59 9.36 39.98
C GLU A 221 19.39 8.11 40.36
N GLY A 222 20.36 7.75 39.51
CA GLY A 222 21.27 6.66 39.80
C GLY A 222 21.99 6.84 41.10
N LEU A 223 22.48 8.07 41.34
CA LEU A 223 23.19 8.38 42.55
C LEU A 223 22.30 8.17 43.78
N THR A 224 21.04 8.61 43.67
CA THR A 224 20.06 8.44 44.74
C THR A 224 19.95 6.96 45.12
N ARG A 225 19.76 6.08 44.15
CA ARG A 225 19.68 4.64 44.44
C ARG A 225 21.00 4.06 44.99
N SER A 226 22.10 4.33 44.31
CA SER A 226 23.39 3.81 44.69
C SER A 226 23.80 4.29 46.09
N ALA A 227 23.67 5.60 46.35
CA ALA A 227 24.01 6.14 47.67
C ALA A 227 23.10 5.60 48.78
N ALA A 228 21.80 5.48 48.52
CA ALA A 228 20.89 4.93 49.52
C ALA A 228 21.39 3.55 49.94
N LEU A 229 21.74 2.72 48.97
CA LEU A 229 22.21 1.38 49.25
C LEU A 229 23.54 1.34 50.05
N GLU A 230 24.50 2.16 49.65
CA GLU A 230 25.82 2.16 50.28
C GLU A 230 25.86 2.83 51.63
N LEU A 231 25.01 3.83 51.83
CA LEU A 231 24.96 4.61 53.08
C LEU A 231 23.88 4.14 54.07
N ALA A 232 23.13 3.10 53.72
CA ALA A 232 22.15 2.54 54.63
C ALA A 232 22.78 2.11 55.99
N PRO A 233 23.94 1.45 55.98
CA PRO A 233 24.57 1.02 57.23
C PRO A 233 24.90 2.17 58.19
N LEU A 234 25.11 3.37 57.65
CA LEU A 234 25.36 4.54 58.48
C LEU A 234 24.07 5.29 58.75
N GLN A 235 22.94 4.68 58.37
CA GLN A 235 21.61 5.26 58.57
C GLN A 235 21.50 6.64 57.92
N ILE A 236 22.21 6.80 56.81
CA ILE A 236 22.03 8.00 55.98
C ILE A 236 21.01 7.70 54.87
N ARG A 237 19.87 8.38 54.90
CA ARG A 237 18.84 8.20 53.89
C ARG A 237 19.11 9.09 52.68
N VAL A 238 18.84 8.56 51.49
CA VAL A 238 19.07 9.27 50.24
C VAL A 238 17.84 9.16 49.37
N ASN A 239 17.17 10.28 49.15
CA ASN A 239 15.95 10.29 48.40
C ASN A 239 15.97 11.38 47.38
N GLY A 240 15.08 11.28 46.39
CA GLY A 240 14.89 12.34 45.41
C GLY A 240 13.53 13.00 45.50
N VAL A 241 13.49 14.27 45.11
CA VAL A 241 12.25 14.97 44.90
C VAL A 241 12.31 15.56 43.49
N GLY A 242 11.28 15.29 42.68
CA GLY A 242 11.25 15.79 41.31
C GLY A 242 10.07 16.67 40.98
N PRO A 243 10.30 17.96 40.84
CA PRO A 243 9.27 18.88 40.42
C PRO A 243 8.87 18.64 38.98
N GLY A 244 7.66 19.11 38.62
CA GLY A 244 7.24 19.13 37.23
C GLY A 244 7.51 20.53 36.71
N LEU A 245 6.58 21.43 37.01
CA LEU A 245 6.73 22.87 36.74
C LEU A 245 6.55 23.64 38.04
N SER A 246 7.56 24.45 38.39
CA SER A 246 7.55 25.23 39.61
C SER A 246 8.05 26.61 39.36
N VAL A 247 7.30 27.57 39.90
CA VAL A 247 7.60 29.01 39.82
C VAL A 247 8.21 29.36 38.45
N LEU A 248 7.35 29.19 37.45
CA LEU A 248 7.65 29.34 36.02
C LEU A 248 7.91 30.80 35.71
N VAL A 249 8.85 31.05 34.80
CA VAL A 249 9.16 32.44 34.49
C VAL A 249 8.42 32.86 33.26
N ASP A 250 7.84 34.05 33.31
CA ASP A 250 7.01 34.58 32.22
C ASP A 250 7.78 35.45 31.23
N ASP A 251 8.99 35.02 30.83
CA ASP A 251 9.77 35.72 29.81
C ASP A 251 9.23 35.33 28.44
N MET A 252 7.94 35.61 28.26
CA MET A 252 7.14 35.15 27.14
C MET A 252 5.76 35.86 27.15
N PRO A 253 5.03 35.82 26.05
CA PRO A 253 3.66 36.38 26.01
C PRO A 253 2.79 35.79 27.12
N PRO A 254 1.91 36.59 27.75
CA PRO A 254 0.98 36.06 28.76
C PRO A 254 0.12 34.86 28.29
N ALA A 255 -0.19 34.75 27.01
CA ALA A 255 -1.06 33.71 26.54
C ALA A 255 -0.33 32.38 26.46
N VAL A 256 0.98 32.47 26.19
CA VAL A 256 1.87 31.32 25.99
C VAL A 256 2.31 30.83 27.35
N TRP A 257 2.38 31.75 28.29
CA TRP A 257 2.55 31.43 29.68
C TRP A 257 1.32 30.71 30.19
N GLU A 258 0.15 31.24 29.83
CA GLU A 258 -1.08 30.60 30.26
C GLU A 258 -1.10 29.22 29.61
N GLY A 259 -0.73 29.18 28.31
CA GLY A 259 -0.53 27.97 27.54
C GLY A 259 0.25 26.89 28.26
N HIS A 260 1.49 27.19 28.66
CA HIS A 260 2.28 26.21 29.39
C HIS A 260 1.72 25.82 30.77
N ARG A 261 1.24 26.78 31.55
CA ARG A 261 0.60 26.46 32.85
C ARG A 261 -0.49 25.40 32.78
N SER A 262 -1.32 25.47 31.74
CA SER A 262 -2.62 24.83 31.80
C SER A 262 -2.56 23.38 31.36
N LYS A 263 -1.34 22.89 31.07
CA LYS A 263 -1.23 21.52 30.68
C LYS A 263 -0.94 20.64 31.88
N VAL A 264 -0.63 21.26 33.02
CA VAL A 264 -0.62 20.54 34.30
C VAL A 264 -2.06 20.21 34.67
N PRO A 265 -2.37 18.95 34.97
CA PRO A 265 -3.74 18.54 35.21
C PRO A 265 -4.29 19.08 36.53
N LEU A 266 -3.51 18.96 37.60
CA LEU A 266 -3.94 19.54 38.87
C LEU A 266 -3.75 21.07 38.91
N TYR A 267 -4.88 21.78 38.92
CA TYR A 267 -4.96 23.24 39.10
C TYR A 267 -4.67 24.06 37.85
N GLN A 268 -4.11 23.42 36.83
CA GLN A 268 -3.66 24.07 35.60
C GLN A 268 -2.69 25.20 35.87
N ARG A 269 -1.74 24.95 36.76
CA ARG A 269 -0.68 25.91 37.08
C ARG A 269 0.58 25.20 37.51
N ASP A 270 1.69 25.90 37.35
CA ASP A 270 2.94 25.46 37.93
C ASP A 270 2.81 25.54 39.44
N SER A 271 3.69 24.86 40.18
CA SER A 271 3.63 24.90 41.64
C SER A 271 4.23 26.18 42.23
N SER A 272 3.99 26.38 43.51
CA SER A 272 4.72 27.41 44.27
C SER A 272 5.99 26.75 44.81
N ALA A 273 6.91 27.56 45.31
CA ALA A 273 8.16 27.04 45.86
C ALA A 273 7.85 26.15 47.06
N ALA A 274 6.98 26.63 47.93
CA ALA A 274 6.58 25.88 49.12
C ALA A 274 6.01 24.50 48.78
N GLU A 275 5.20 24.43 47.72
CA GLU A 275 4.57 23.17 47.30
C GLU A 275 5.60 22.07 47.01
N VAL A 276 6.80 22.49 46.63
CA VAL A 276 7.91 21.58 46.48
C VAL A 276 8.71 21.41 47.77
N SER A 277 9.07 22.53 48.42
CA SER A 277 9.96 22.47 49.61
C SER A 277 9.38 21.71 50.79
N ASP A 278 8.08 21.82 51.00
CA ASP A 278 7.39 21.06 52.05
C ASP A 278 7.59 19.55 51.92
N VAL A 279 7.70 19.07 50.68
CA VAL A 279 8.00 17.67 50.43
C VAL A 279 9.43 17.35 50.87
N VAL A 280 10.37 18.22 50.52
CA VAL A 280 11.77 18.05 50.87
C VAL A 280 11.88 17.98 52.39
N ILE A 281 11.26 18.94 53.05
CA ILE A 281 11.28 19.04 54.51
C ILE A 281 10.63 17.81 55.18
N PHE A 282 9.57 17.29 54.58
CA PHE A 282 8.96 16.10 55.14
C PHE A 282 9.88 14.91 55.05
N LEU A 283 10.52 14.75 53.90
CA LEU A 283 11.44 13.64 53.71
C LEU A 283 12.63 13.71 54.67
N CYS A 284 12.97 14.92 55.07
CA CYS A 284 14.05 15.14 56.02
C CYS A 284 13.64 14.87 57.46
N SER A 285 12.34 14.93 57.74
CA SER A 285 11.83 14.70 59.09
C SER A 285 11.98 13.23 59.51
N SER A 286 12.02 13.00 60.82
CA SER A 286 12.17 11.65 61.37
C SER A 286 10.93 10.82 61.10
N LYS A 287 9.87 11.49 60.67
CA LYS A 287 8.63 10.83 60.38
C LYS A 287 8.79 10.04 59.10
N ALA A 288 9.81 10.38 58.32
CA ALA A 288 10.07 9.71 57.04
C ALA A 288 11.28 8.77 57.14
N LYS A 289 11.59 8.28 58.33
CA LYS A 289 12.91 7.65 58.57
C LYS A 289 13.05 6.22 58.04
N TYR A 290 11.96 5.70 57.47
CA TYR A 290 12.02 4.44 56.76
C TYR A 290 12.04 4.60 55.22
N ILE A 291 11.91 5.83 54.73
CA ILE A 291 11.98 6.10 53.27
C ILE A 291 13.44 6.32 52.89
N THR A 292 13.92 5.53 51.93
CA THR A 292 15.24 5.75 51.33
C THR A 292 15.29 5.16 49.94
N GLY A 293 16.05 5.80 49.04
CA GLY A 293 16.25 5.35 47.67
C GLY A 293 15.07 5.55 46.74
N THR A 294 14.14 6.41 47.13
CA THR A 294 12.95 6.70 46.32
C THR A 294 12.91 8.15 45.84
N CYS A 295 12.24 8.35 44.71
CA CYS A 295 12.06 9.67 44.16
C CYS A 295 10.59 10.01 44.20
N VAL A 296 10.28 11.19 44.70
CA VAL A 296 8.90 11.58 44.82
C VAL A 296 8.61 12.69 43.84
N LYS A 297 7.75 12.42 42.87
CA LYS A 297 7.35 13.47 41.95
C LYS A 297 6.45 14.40 42.69
N VAL A 298 6.63 15.70 42.44
CA VAL A 298 5.77 16.78 42.90
C VAL A 298 5.41 17.59 41.65
N ASP A 299 4.40 17.12 40.92
CA ASP A 299 4.21 17.59 39.55
C ASP A 299 2.77 17.83 39.10
N GLY A 300 1.82 17.74 40.03
CA GLY A 300 0.42 18.00 39.69
C GLY A 300 -0.13 17.08 38.62
N GLY A 301 0.51 15.92 38.46
CA GLY A 301 0.09 14.92 37.48
C GLY A 301 0.55 15.21 36.07
N TYR A 302 1.48 16.15 35.91
CA TYR A 302 2.02 16.48 34.60
C TYR A 302 2.68 15.28 33.89
N SER A 303 3.37 14.42 34.64
CA SER A 303 4.03 13.23 34.06
C SER A 303 3.04 12.18 33.52
N LEU A 304 1.78 12.33 33.86
CA LEU A 304 0.72 11.47 33.37
C LEU A 304 0.19 11.90 32.01
N THR A 305 0.63 13.03 31.49
CA THR A 305 0.09 13.52 30.23
C THR A 305 0.85 12.99 29.01
N ARG A 306 0.26 13.21 27.85
CA ARG A 306 0.84 12.80 26.56
C ARG A 306 0.48 13.86 25.52
N ALA A 307 1.18 13.89 24.40
CA ALA A 307 0.92 14.88 23.36
C ALA A 307 -0.41 14.64 22.67
N THR B 24 24.58 0.09 -1.48
CA THR B 24 23.89 -1.22 -1.28
C THR B 24 24.27 -1.84 0.09
N VAL B 25 25.45 -1.49 0.60
CA VAL B 25 25.99 -2.05 1.87
C VAL B 25 25.80 -1.13 3.08
N PRO B 26 24.99 -1.56 4.05
CA PRO B 26 24.83 -0.78 5.28
C PRO B 26 26.09 -0.85 6.18
N VAL B 27 26.40 0.26 6.84
CA VAL B 27 27.59 0.39 7.68
C VAL B 27 27.29 0.61 9.18
N ALA B 28 27.99 -0.14 10.03
CA ALA B 28 27.83 -0.08 11.47
C ALA B 28 29.12 0.33 12.17
N LEU B 29 28.99 1.29 13.08
CA LEU B 29 30.07 1.64 14.01
C LEU B 29 29.82 1.02 15.39
N VAL B 30 30.76 0.21 15.85
CA VAL B 30 30.58 -0.44 17.13
C VAL B 30 31.77 -0.08 18.02
N THR B 31 31.52 0.69 19.08
CA THR B 31 32.59 1.01 20.07
C THR B 31 32.87 -0.19 21.00
N GLY B 32 34.10 -0.28 21.52
CA GLY B 32 34.51 -1.42 22.34
C GLY B 32 34.23 -2.75 21.66
N ALA B 33 34.60 -2.84 20.37
CA ALA B 33 34.22 -3.98 19.53
C ALA B 33 35.15 -5.21 19.60
N ALA B 34 36.28 -5.07 20.27
CA ALA B 34 37.34 -6.07 20.19
C ALA B 34 37.01 -7.44 20.77
N LYS B 35 36.18 -7.50 21.80
CA LYS B 35 35.86 -8.80 22.35
C LYS B 35 34.54 -8.81 23.09
N ARG B 36 34.29 -9.95 23.73
CA ARG B 36 33.05 -10.19 24.44
C ARG B 36 31.84 -9.66 23.68
N LEU B 37 31.07 -8.77 24.29
CA LEU B 37 29.80 -8.34 23.73
C LEU B 37 29.91 -7.48 22.46
N GLY B 38 30.78 -6.49 22.49
CA GLY B 38 31.06 -5.72 21.31
C GLY B 38 31.46 -6.56 20.07
N ARG B 39 32.26 -7.61 20.27
CA ARG B 39 32.67 -8.52 19.21
C ARG B 39 31.46 -9.27 18.63
N SER B 40 30.65 -9.81 19.55
CA SER B 40 29.43 -10.51 19.21
C SER B 40 28.47 -9.61 18.43
N ILE B 41 28.30 -8.36 18.87
CA ILE B 41 27.51 -7.37 18.14
C ILE B 41 28.09 -7.10 16.75
N ALA B 42 29.40 -6.86 16.70
CA ALA B 42 30.10 -6.69 15.43
C ALA B 42 29.88 -7.90 14.50
N GLU B 43 30.10 -9.11 15.02
CA GLU B 43 29.91 -10.33 14.23
C GLU B 43 28.47 -10.46 13.76
N GLY B 44 27.53 -10.19 14.67
CA GLY B 44 26.09 -10.31 14.40
C GLY B 44 25.65 -9.38 13.29
N LEU B 45 26.10 -8.13 13.37
CA LEU B 45 25.82 -7.15 12.33
C LEU B 45 26.48 -7.50 11.00
N HIS B 46 27.71 -7.96 11.05
CA HIS B 46 28.42 -8.43 9.87
C HIS B 46 27.70 -9.61 9.20
N ALA B 47 27.16 -10.54 10.00
CA ALA B 47 26.36 -11.67 9.50
C ALA B 47 25.07 -11.25 8.79
N GLU B 48 24.53 -10.08 9.13
CA GLU B 48 23.35 -9.55 8.44
C GLU B 48 23.71 -8.71 7.22
N GLY B 49 25.01 -8.61 6.91
CA GLY B 49 25.48 -7.93 5.71
C GLY B 49 26.08 -6.55 5.91
N TYR B 50 26.20 -6.11 7.16
CA TYR B 50 26.79 -4.81 7.47
C TYR B 50 28.30 -4.81 7.27
N ALA B 51 28.82 -3.68 6.78
CA ALA B 51 30.24 -3.39 6.91
C ALA B 51 30.43 -2.80 8.32
N VAL B 52 31.48 -3.21 9.01
CA VAL B 52 31.64 -2.88 10.42
C VAL B 52 32.90 -2.10 10.71
N CYS B 53 32.73 -0.93 11.29
CA CYS B 53 33.86 -0.18 11.80
C CYS B 53 34.03 -0.58 13.27
N LEU B 54 35.08 -1.36 13.52
CA LEU B 54 35.34 -1.88 14.87
C LEU B 54 36.20 -0.88 15.66
N HIS B 55 35.64 -0.32 16.73
CA HIS B 55 36.40 0.59 17.58
C HIS B 55 37.10 -0.12 18.70
N TYR B 56 38.22 0.42 19.14
CA TYR B 56 38.91 -0.15 20.27
C TYR B 56 39.71 0.92 20.94
N HIS B 57 40.16 0.64 22.15
CA HIS B 57 41.02 1.58 22.84
C HIS B 57 42.33 0.85 23.07
N ARG B 58 42.28 -0.18 23.91
CA ARG B 58 43.48 -0.83 24.35
C ARG B 58 43.69 -2.17 23.65
N SER B 59 42.62 -2.77 23.15
CA SER B 59 42.70 -4.12 22.61
C SER B 59 42.99 -4.16 21.13
N ALA B 60 44.16 -3.66 20.74
CA ALA B 60 44.57 -3.60 19.33
C ALA B 60 44.63 -4.97 18.65
N ALA B 61 45.30 -5.94 19.29
CA ALA B 61 45.49 -7.29 18.74
C ALA B 61 44.16 -7.96 18.45
N GLU B 62 43.28 -7.92 19.45
CA GLU B 62 41.98 -8.57 19.39
C GLU B 62 41.11 -7.95 18.30
N ALA B 63 41.24 -6.64 18.11
CA ALA B 63 40.44 -5.90 17.15
C ALA B 63 40.89 -6.16 15.70
N ASN B 64 42.20 -6.09 15.48
CA ASN B 64 42.76 -6.44 14.19
C ASN B 64 42.58 -7.90 13.83
N ALA B 65 42.61 -8.78 14.82
CA ALA B 65 42.34 -10.20 14.58
C ALA B 65 40.91 -10.41 14.08
N LEU B 66 39.97 -9.75 14.73
CA LEU B 66 38.56 -9.85 14.37
C LEU B 66 38.30 -9.29 12.97
N SER B 67 38.95 -8.16 12.66
CA SER B 67 38.81 -7.47 11.38
C SER B 67 39.25 -8.38 10.26
N ALA B 68 40.36 -9.07 10.47
CA ALA B 68 40.89 -10.03 9.52
C ALA B 68 39.89 -11.14 9.26
N THR B 69 39.23 -11.60 10.32
CA THR B 69 38.23 -12.64 10.19
C THR B 69 37.11 -12.17 9.28
N LEU B 70 36.51 -11.04 9.63
CA LEU B 70 35.41 -10.46 8.86
C LEU B 70 35.79 -10.14 7.43
N ASN B 71 36.98 -9.59 7.23
CA ASN B 71 37.47 -9.28 5.90
C ASN B 71 37.77 -10.52 5.08
N ALA B 72 38.17 -11.60 5.76
CA ALA B 72 38.37 -12.89 5.09
C ALA B 72 37.05 -13.48 4.60
N ARG B 73 35.98 -13.30 5.37
CA ARG B 73 34.63 -13.78 4.98
C ARG B 73 34.00 -12.92 3.89
N ARG B 74 34.37 -11.64 3.85
CA ARG B 74 33.81 -10.68 2.90
C ARG B 74 34.76 -9.49 2.79
N PRO B 75 35.37 -9.31 1.63
CA PRO B 75 36.41 -8.29 1.45
C PRO B 75 35.89 -6.91 1.72
N ASN B 76 36.69 -6.09 2.37
CA ASN B 76 36.33 -4.70 2.68
C ASN B 76 35.05 -4.54 3.49
N SER B 77 34.92 -5.35 4.54
CA SER B 77 33.71 -5.36 5.36
C SER B 77 34.02 -5.06 6.81
N ALA B 78 35.25 -4.60 7.07
CA ALA B 78 35.71 -4.33 8.43
C ALA B 78 36.94 -3.46 8.41
N ILE B 79 36.92 -2.39 9.24
CA ILE B 79 38.14 -1.61 9.59
C ILE B 79 38.21 -1.51 11.12
N THR B 80 39.36 -1.12 11.69
CA THR B 80 39.47 -0.98 13.15
C THR B 80 40.03 0.37 13.47
N VAL B 81 39.21 1.23 14.09
CA VAL B 81 39.65 2.55 14.58
C VAL B 81 39.95 2.61 16.10
N GLN B 82 40.95 3.41 16.50
CA GLN B 82 41.42 3.48 17.89
C GLN B 82 41.11 4.82 18.49
N ALA B 83 40.60 4.80 19.75
CA ALA B 83 40.18 6.03 20.44
C ALA B 83 39.90 5.78 21.90
N ASP B 84 40.46 6.67 22.72
CA ASP B 84 40.15 6.81 24.14
C ASP B 84 38.86 7.62 24.23
N LEU B 85 37.82 6.98 24.75
CA LEU B 85 36.53 7.63 24.91
C LEU B 85 36.34 8.22 26.30
N SER B 86 37.40 8.25 27.08
CA SER B 86 37.40 8.96 28.34
C SER B 86 37.20 10.46 28.11
N ASN B 87 36.60 11.13 29.07
CA ASN B 87 36.38 12.59 29.00
C ASN B 87 37.67 13.39 29.30
N VAL B 88 38.70 13.15 28.49
CA VAL B 88 39.98 13.88 28.57
C VAL B 88 40.40 14.41 27.20
N ALA B 89 41.17 15.48 27.17
CA ALA B 89 41.79 15.94 25.93
C ALA B 89 43.15 15.24 25.68
N THR B 90 43.31 14.58 24.53
CA THR B 90 44.61 13.94 24.15
C THR B 90 45.54 14.86 23.33
N ALA B 91 46.73 14.38 22.96
CA ALA B 91 47.67 15.19 22.14
C ALA B 91 47.82 14.71 20.66
N PRO B 92 47.93 15.64 19.70
CA PRO B 92 47.49 15.42 18.29
C PRO B 92 48.42 14.71 17.30
N VAL B 93 49.02 13.58 17.69
CA VAL B 93 50.06 12.88 16.90
C VAL B 93 51.41 13.63 16.96
N SER B 94 51.38 14.84 17.56
CA SER B 94 52.52 15.56 18.17
C SER B 94 53.21 16.66 17.36
N GLY B 95 54.45 16.40 16.92
CA GLY B 95 55.29 17.35 16.17
C GLY B 95 55.78 18.57 16.95
N ALA B 96 55.74 18.48 18.29
CA ALA B 96 56.10 19.57 19.24
C ALA B 96 55.64 20.97 18.83
N ASP B 97 54.46 21.03 18.21
CA ASP B 97 53.91 22.25 17.65
C ASP B 97 52.59 22.03 16.89
N GLY B 98 51.68 22.99 17.05
CA GLY B 98 50.36 22.90 16.46
C GLY B 98 49.32 22.81 17.56
N SER B 99 49.05 23.96 18.20
CA SER B 99 48.22 24.12 19.45
C SER B 99 48.29 22.93 20.42
N ALA B 100 47.48 21.90 20.16
CA ALA B 100 47.65 20.55 20.75
C ALA B 100 46.39 19.77 21.20
N PRO B 101 45.67 20.23 22.24
CA PRO B 101 44.70 19.37 22.96
C PRO B 101 43.53 18.83 22.11
N VAL B 102 43.52 17.54 21.81
CA VAL B 102 42.37 16.96 21.09
C VAL B 102 41.30 16.56 22.07
N THR B 103 40.16 17.22 21.97
CA THR B 103 39.04 16.99 22.91
C THR B 103 38.31 15.68 22.60
N LEU B 104 37.50 15.21 23.54
CA LEU B 104 36.68 14.00 23.33
C LEU B 104 35.71 14.16 22.16
N PHE B 105 35.12 15.34 22.02
CA PHE B 105 34.18 15.65 20.93
C PHE B 105 34.82 15.48 19.56
N THR B 106 36.04 15.99 19.40
CA THR B 106 36.80 15.81 18.17
C THR B 106 37.05 14.31 17.87
N ARG B 107 37.56 13.56 18.85
CA ARG B 107 37.86 12.16 18.65
C ARG B 107 36.61 11.38 18.22
N CYS B 108 35.46 11.78 18.79
CA CYS B 108 34.16 11.17 18.50
C CYS B 108 33.69 11.47 17.10
N ALA B 109 33.82 12.73 16.71
CA ALA B 109 33.51 13.14 15.35
C ALA B 109 34.38 12.37 14.37
N GLU B 110 35.66 12.18 14.70
CA GLU B 110 36.59 11.46 13.82
C GLU B 110 36.30 9.97 13.69
N LEU B 111 35.68 9.40 14.73
CA LEU B 111 35.22 8.01 14.67
C LEU B 111 34.16 7.85 13.61
N VAL B 112 33.13 8.69 13.66
CA VAL B 112 32.02 8.66 12.73
C VAL B 112 32.51 8.99 11.32
N ALA B 113 33.35 10.02 11.23
CA ALA B 113 33.98 10.41 9.96
C ALA B 113 34.68 9.23 9.29
N ALA B 114 35.35 8.38 10.08
CA ALA B 114 36.10 7.22 9.57
C ALA B 114 35.24 6.26 8.77
N CYS B 115 33.97 6.16 9.13
CA CYS B 115 32.99 5.40 8.39
C CYS B 115 32.65 6.05 7.06
N TYR B 116 32.42 7.37 7.09
CA TYR B 116 32.11 8.15 5.89
C TYR B 116 33.30 8.22 4.90
N THR B 117 34.49 8.51 5.42
CA THR B 117 35.72 8.41 4.63
C THR B 117 35.91 7.05 3.94
N HIS B 118 35.71 5.96 4.67
CA HIS B 118 35.97 4.64 4.10
C HIS B 118 34.84 4.07 3.25
N TRP B 119 33.59 4.21 3.68
CA TRP B 119 32.45 3.59 2.98
C TRP B 119 31.41 4.61 2.48
N GLY B 120 31.54 5.86 2.89
CA GLY B 120 30.61 6.90 2.45
C GLY B 120 29.31 6.90 3.21
N ARG B 121 29.23 6.12 4.28
CA ARG B 121 28.01 6.08 5.07
C ARG B 121 28.19 5.60 6.52
N CYS B 122 27.14 5.82 7.31
CA CYS B 122 27.07 5.27 8.65
C CYS B 122 25.61 5.14 9.05
N ASP B 123 25.10 3.92 9.01
CA ASP B 123 23.69 3.65 9.17
C ASP B 123 23.32 3.26 10.60
N VAL B 124 24.24 2.58 11.28
CA VAL B 124 24.03 2.09 12.64
C VAL B 124 25.18 2.51 13.56
N LEU B 125 24.84 3.01 14.75
CA LEU B 125 25.85 3.23 15.82
C LEU B 125 25.51 2.37 17.03
N VAL B 126 26.51 1.68 17.57
CA VAL B 126 26.34 0.94 18.82
C VAL B 126 27.29 1.49 19.86
N ASN B 127 26.74 2.13 20.89
CA ASN B 127 27.54 2.63 21.99
C ASN B 127 27.66 1.50 22.97
N ASN B 128 28.74 0.73 22.84
CA ASN B 128 28.99 -0.47 23.63
C ASN B 128 30.17 -0.32 24.59
N ALA B 129 31.19 0.42 24.17
CA ALA B 129 32.36 0.67 25.00
C ALA B 129 31.93 1.26 26.35
N SER B 130 32.55 0.74 27.41
CA SER B 130 32.15 1.01 28.77
C SER B 130 33.22 0.55 29.76
N SER B 131 33.77 1.47 30.54
CA SER B 131 34.60 1.06 31.68
C SER B 131 33.72 0.80 32.91
N PHE B 132 34.16 -0.13 33.75
CA PHE B 132 33.36 -0.65 34.85
C PHE B 132 34.28 -1.10 35.99
N TYR B 133 34.30 -0.29 37.06
CA TYR B 133 35.11 -0.57 38.26
C TYR B 133 34.62 0.29 39.44
N PRO B 134 34.90 -0.15 40.67
CA PRO B 134 34.34 0.47 41.89
C PRO B 134 34.76 1.92 42.15
N THR B 135 33.78 2.76 42.52
CA THR B 135 34.04 4.07 43.09
C THR B 135 33.27 4.19 44.40
N PRO B 136 33.80 3.58 45.48
CA PRO B 136 33.07 3.54 46.74
C PRO B 136 32.89 4.92 47.35
N LEU B 137 31.84 5.08 48.16
CA LEU B 137 31.63 6.27 49.02
C LEU B 137 32.19 6.08 50.44
N LEU B 138 32.53 4.85 50.81
CA LEU B 138 33.20 4.56 52.09
C LEU B 138 34.55 3.83 51.86
N ARG B 139 35.00 2.97 52.77
CA ARG B 139 36.33 2.32 52.66
C ARG B 139 36.56 1.00 53.42
N GLY B 150 49.33 9.45 43.88
CA GLY B 150 48.96 10.77 44.37
C GLY B 150 47.49 10.96 44.06
N ASP B 151 46.71 10.03 44.58
CA ASP B 151 45.50 9.51 43.97
C ASP B 151 44.25 10.39 43.99
N ARG B 152 44.44 11.67 44.20
CA ARG B 152 43.58 12.62 43.52
C ARG B 152 43.47 12.11 42.07
N GLU B 153 44.54 11.44 41.60
CA GLU B 153 44.65 10.96 40.23
C GLU B 153 43.58 9.93 39.85
N ALA B 154 43.28 9.04 40.79
CA ALA B 154 42.26 8.01 40.58
C ALA B 154 40.85 8.49 40.94
N MET B 155 40.67 9.78 41.15
CA MET B 155 39.32 10.23 41.38
C MET B 155 38.95 10.98 40.16
N GLU B 156 39.87 11.82 39.70
CA GLU B 156 39.68 12.56 38.48
C GLU B 156 39.58 11.63 37.30
N THR B 157 40.51 10.69 37.20
CA THR B 157 40.54 9.80 36.02
C THR B 157 39.42 8.75 36.01
N ALA B 158 38.98 8.30 37.18
CA ALA B 158 37.84 7.42 37.27
C ALA B 158 36.59 8.13 36.75
N THR B 159 36.38 9.37 37.22
CA THR B 159 35.26 10.22 36.79
C THR B 159 35.25 10.48 35.30
N ALA B 160 36.41 10.73 34.72
CA ALA B 160 36.48 11.02 33.30
C ALA B 160 36.25 9.75 32.44
N ASP B 161 36.82 8.64 32.89
CA ASP B 161 36.77 7.40 32.17
C ASP B 161 35.38 6.81 32.21
N LEU B 162 34.86 6.58 33.40
CA LEU B 162 33.56 6.00 33.58
C LEU B 162 32.46 6.86 32.96
N PHE B 163 32.49 8.18 33.22
CA PHE B 163 31.53 9.07 32.55
C PHE B 163 31.76 9.31 31.05
N GLY B 164 33.00 9.25 30.61
CA GLY B 164 33.29 9.37 29.20
C GLY B 164 32.73 8.19 28.43
N SER B 165 33.20 7.00 28.78
CA SER B 165 32.94 5.80 28.00
C SER B 165 31.47 5.54 27.99
N ASN B 166 30.84 5.67 29.16
CA ASN B 166 29.46 5.25 29.35
C ASN B 166 28.39 6.27 28.98
N ALA B 167 28.76 7.54 28.91
CA ALA B 167 27.75 8.58 28.74
C ALA B 167 28.17 9.74 27.83
N ILE B 168 29.29 10.39 28.13
CA ILE B 168 29.69 11.61 27.41
C ILE B 168 29.99 11.34 25.94
N ALA B 169 30.89 10.37 25.72
CA ALA B 169 31.26 9.95 24.36
C ALA B 169 30.03 9.49 23.53
N PRO B 170 29.20 8.59 24.06
CA PRO B 170 27.94 8.25 23.36
C PRO B 170 27.19 9.50 22.93
N TYR B 171 27.11 10.53 23.77
CA TYR B 171 26.44 11.79 23.43
C TYR B 171 27.06 12.45 22.19
N PHE B 172 28.39 12.62 22.21
CA PHE B 172 29.12 13.23 21.08
C PHE B 172 29.07 12.36 19.83
N LEU B 173 29.23 11.05 20.02
CA LEU B 173 29.07 10.11 18.95
C LEU B 173 27.73 10.31 18.31
N ILE B 174 26.68 10.36 19.11
CA ILE B 174 25.32 10.54 18.59
C ILE B 174 25.17 11.86 17.86
N LYS B 175 25.79 12.91 18.40
CA LYS B 175 25.78 14.21 17.74
C LYS B 175 26.43 14.14 16.36
N ALA B 176 27.64 13.58 16.30
CA ALA B 176 28.35 13.44 15.03
C ALA B 176 27.50 12.65 14.04
N PHE B 177 26.98 11.50 14.51
CA PHE B 177 26.12 10.63 13.71
C PHE B 177 24.98 11.44 13.09
N ALA B 178 24.29 12.21 13.93
CA ALA B 178 23.10 12.98 13.55
C ALA B 178 23.43 14.12 12.60
N HIS B 179 24.50 14.86 12.91
CA HIS B 179 24.98 15.92 12.02
C HIS B 179 25.22 15.37 10.60
N ARG B 180 25.78 14.16 10.53
CA ARG B 180 26.16 13.60 9.26
C ARG B 180 24.97 13.10 8.42
N VAL B 181 23.96 12.53 9.09
CA VAL B 181 22.68 12.19 8.48
C VAL B 181 21.94 13.45 8.01
N ALA B 182 21.84 14.45 8.88
CA ALA B 182 21.21 15.73 8.55
C ALA B 182 21.87 16.40 7.35
N GLY B 183 23.20 16.29 7.27
CA GLY B 183 23.98 16.90 6.21
C GLY B 183 23.90 16.20 4.87
N THR B 184 23.38 14.98 4.87
CA THR B 184 23.14 14.28 3.63
C THR B 184 21.83 14.81 3.05
N PRO B 185 21.76 15.09 1.74
CA PRO B 185 20.49 15.45 1.09
C PRO B 185 19.53 14.28 1.21
N ALA B 186 18.27 14.57 1.54
CA ALA B 186 17.27 13.53 1.75
C ALA B 186 17.39 12.41 0.71
N LYS B 187 17.83 12.82 -0.48
CA LYS B 187 17.93 11.99 -1.66
C LYS B 187 18.85 10.78 -1.49
N HIS B 188 19.98 10.97 -0.82
CA HIS B 188 20.97 9.89 -0.64
C HIS B 188 20.89 9.19 0.72
N ARG B 189 20.03 9.66 1.62
CA ARG B 189 19.98 9.08 2.97
C ARG B 189 19.62 7.60 2.97
N GLY B 190 20.11 6.89 3.98
CA GLY B 190 19.75 5.49 4.18
C GLY B 190 18.31 5.38 4.67
N THR B 191 17.82 4.14 4.78
CA THR B 191 16.42 3.93 5.11
C THR B 191 16.23 3.19 6.43
N ASN B 192 17.33 2.87 7.11
CA ASN B 192 17.29 2.15 8.39
C ASN B 192 18.39 2.64 9.35
N TYR B 193 18.26 3.90 9.76
CA TYR B 193 19.18 4.50 10.75
C TYR B 193 18.84 4.04 12.17
N SER B 194 19.84 3.49 12.86
CA SER B 194 19.61 2.91 14.19
C SER B 194 20.75 3.13 15.16
N ILE B 195 20.42 3.61 16.35
CA ILE B 195 21.40 3.75 17.43
C ILE B 195 21.02 2.86 18.58
N ILE B 196 21.95 2.00 18.98
CA ILE B 196 21.76 1.18 20.17
C ILE B 196 22.73 1.58 21.29
N ASN B 197 22.21 1.72 22.50
CA ASN B 197 23.01 2.07 23.67
C ASN B 197 23.03 0.91 24.60
N MET B 198 24.22 0.38 24.86
CA MET B 198 24.33 -0.72 25.82
C MET B 198 24.16 -0.13 27.23
N VAL B 199 22.99 -0.40 27.82
CA VAL B 199 22.69 0.00 29.17
C VAL B 199 22.86 -1.16 30.16
N ASP B 200 22.11 -1.17 31.24
CA ASP B 200 22.31 -2.16 32.28
C ASP B 200 20.96 -2.42 32.88
N ALA B 201 20.54 -3.68 32.88
CA ALA B 201 19.22 -4.03 33.40
C ALA B 201 19.16 -3.92 34.94
N MET B 202 20.35 -3.93 35.57
CA MET B 202 20.45 -4.03 37.01
C MET B 202 20.69 -2.68 37.74
N THR B 203 20.79 -1.59 36.99
CA THR B 203 21.13 -0.33 37.63
C THR B 203 20.09 0.25 38.61
N ASN B 204 18.84 -0.22 38.52
CA ASN B 204 17.87 0.16 39.53
C ASN B 204 18.08 -0.58 40.85
N GLN B 205 18.91 -1.62 40.80
CA GLN B 205 19.26 -2.41 41.97
C GLN B 205 20.79 -2.39 42.08
N PRO B 206 21.35 -1.24 42.43
CA PRO B 206 22.76 -0.97 42.18
C PRO B 206 23.71 -1.93 42.82
N LEU B 207 24.84 -2.16 42.13
CA LEU B 207 25.89 -2.99 42.68
C LEU B 207 26.65 -2.15 43.67
N LEU B 208 26.80 -2.65 44.88
CA LEU B 208 27.42 -1.89 45.94
C LEU B 208 28.83 -1.38 45.61
N GLY B 209 29.00 -0.07 45.62
CA GLY B 209 30.31 0.54 45.44
C GLY B 209 30.62 0.99 44.02
N TYR B 210 29.64 0.90 43.13
CA TYR B 210 29.83 1.24 41.72
C TYR B 210 29.04 2.47 41.28
N THR B 211 29.07 3.52 42.10
CA THR B 211 28.18 4.68 41.98
C THR B 211 28.32 5.48 40.69
N ILE B 212 29.55 5.83 40.33
CA ILE B 212 29.80 6.56 39.11
C ILE B 212 29.30 5.76 37.91
N TYR B 213 29.64 4.47 37.89
CA TYR B 213 29.22 3.60 36.81
C TYR B 213 27.71 3.61 36.68
N THR B 214 27.02 3.38 37.81
CA THR B 214 25.56 3.41 37.84
C THR B 214 25.03 4.74 37.38
N MET B 215 25.65 5.83 37.85
CA MET B 215 25.22 7.19 37.43
C MET B 215 25.38 7.32 35.93
N ALA B 216 26.53 6.85 35.42
CA ALA B 216 26.80 6.91 33.98
C ALA B 216 25.74 6.18 33.13
N LYS B 217 25.30 5.00 33.60
CA LYS B 217 24.27 4.25 32.88
C LYS B 217 22.95 4.99 32.94
N GLY B 218 22.69 5.63 34.08
CA GLY B 218 21.52 6.48 34.21
C GLY B 218 21.54 7.60 33.20
N ALA B 219 22.69 8.22 33.04
CA ALA B 219 22.87 9.22 31.98
C ALA B 219 22.58 8.65 30.61
N LEU B 220 23.07 7.45 30.36
CA LEU B 220 22.90 6.80 29.07
C LEU B 220 21.44 6.54 28.75
N GLU B 221 20.68 6.09 29.74
CA GLU B 221 19.26 5.93 29.61
C GLU B 221 18.57 7.23 29.20
N GLY B 222 18.95 8.33 29.86
CA GLY B 222 18.43 9.66 29.55
C GLY B 222 18.69 10.05 28.10
N LEU B 223 19.93 9.86 27.69
CA LEU B 223 20.36 10.06 26.29
C LEU B 223 19.51 9.27 25.29
N THR B 224 19.22 8.02 25.61
CA THR B 224 18.38 7.20 24.77
C THR B 224 17.05 7.89 24.54
N ARG B 225 16.41 8.34 25.62
CA ARG B 225 15.10 8.98 25.51
C ARG B 225 15.20 10.30 24.76
N SER B 226 16.12 11.14 25.20
CA SER B 226 16.29 12.46 24.62
C SER B 226 16.59 12.34 23.14
N ALA B 227 17.61 11.55 22.79
CA ALA B 227 18.01 11.39 21.37
C ALA B 227 16.89 10.80 20.51
N ALA B 228 16.20 9.77 21.01
CA ALA B 228 15.04 9.27 20.29
C ALA B 228 14.09 10.42 19.93
N LEU B 229 13.76 11.25 20.91
CA LEU B 229 12.82 12.34 20.66
C LEU B 229 13.33 13.36 19.64
N GLU B 230 14.59 13.75 19.77
CA GLU B 230 15.13 14.79 18.90
C GLU B 230 15.44 14.30 17.49
N LEU B 231 15.82 13.04 17.37
CA LEU B 231 16.20 12.48 16.07
C LEU B 231 15.08 11.77 15.32
N ALA B 232 13.90 11.69 15.92
CA ALA B 232 12.74 11.11 15.24
C ALA B 232 12.45 11.74 13.87
N PRO B 233 12.50 13.08 13.75
CA PRO B 233 12.28 13.72 12.43
C PRO B 233 13.22 13.22 11.32
N LEU B 234 14.43 12.82 11.70
CA LEU B 234 15.38 12.28 10.74
C LEU B 234 15.26 10.76 10.60
N GLN B 235 14.24 10.20 11.23
CA GLN B 235 14.02 8.75 11.22
C GLN B 235 15.22 8.00 11.75
N ILE B 236 15.91 8.58 12.72
CA ILE B 236 16.96 7.89 13.45
C ILE B 236 16.36 7.36 14.75
N ARG B 237 16.41 6.04 14.91
CA ARG B 237 15.85 5.38 16.08
C ARG B 237 16.93 5.21 17.10
N VAL B 238 16.57 5.41 18.36
CA VAL B 238 17.52 5.30 19.44
C VAL B 238 16.93 4.40 20.52
N ASN B 239 17.54 3.23 20.69
CA ASN B 239 17.11 2.31 21.72
C ASN B 239 18.23 1.80 22.63
N GLY B 240 17.84 1.30 23.80
CA GLY B 240 18.77 0.70 24.73
C GLY B 240 18.60 -0.81 24.81
N VAL B 241 19.71 -1.51 25.03
CA VAL B 241 19.69 -2.92 25.39
C VAL B 241 20.44 -3.09 26.69
N GLY B 242 19.83 -3.67 27.69
CA GLY B 242 20.45 -3.82 29.02
C GLY B 242 20.63 -5.25 29.47
N PRO B 243 21.86 -5.75 29.43
CA PRO B 243 22.17 -7.06 29.99
C PRO B 243 22.04 -7.09 31.49
N GLY B 244 21.84 -8.28 32.02
CA GLY B 244 21.91 -8.51 33.44
C GLY B 244 23.28 -9.05 33.76
N LEU B 245 23.47 -10.34 33.56
CA LEU B 245 24.79 -10.96 33.63
C LEU B 245 25.12 -11.67 32.32
N SER B 246 26.26 -11.32 31.74
CA SER B 246 26.68 -11.90 30.47
C SER B 246 28.15 -12.22 30.50
N VAL B 247 28.49 -13.44 30.10
CA VAL B 247 29.87 -13.93 30.00
C VAL B 247 30.63 -13.55 31.28
N LEU B 248 30.09 -14.04 32.39
CA LEU B 248 30.56 -13.67 33.71
C LEU B 248 32.00 -14.13 33.90
N VAL B 249 32.89 -13.16 34.06
CA VAL B 249 34.30 -13.39 34.37
C VAL B 249 34.44 -14.30 35.63
N ASP B 250 35.18 -15.40 35.51
CA ASP B 250 35.34 -16.39 36.58
C ASP B 250 36.61 -16.25 37.41
N ASP B 251 36.87 -15.05 37.91
CA ASP B 251 38.08 -14.81 38.70
C ASP B 251 37.82 -14.93 40.20
N MET B 252 37.23 -16.05 40.60
CA MET B 252 36.79 -16.28 41.97
C MET B 252 36.71 -17.77 42.20
N PRO B 253 36.52 -18.20 43.44
CA PRO B 253 36.30 -19.64 43.72
C PRO B 253 35.22 -20.17 42.79
N PRO B 254 35.36 -21.40 42.35
CA PRO B 254 34.33 -22.00 41.48
C PRO B 254 32.94 -21.83 42.02
N ALA B 255 32.81 -22.02 43.33
CA ALA B 255 31.55 -22.02 44.05
C ALA B 255 31.00 -20.61 44.22
N VAL B 256 31.87 -19.63 44.44
CA VAL B 256 31.40 -18.24 44.39
C VAL B 256 30.78 -17.97 43.01
N TRP B 257 31.47 -18.35 41.91
CA TRP B 257 30.96 -18.22 40.53
C TRP B 257 29.61 -18.94 40.32
N GLU B 258 29.53 -20.22 40.72
CA GLU B 258 28.28 -20.95 40.77
C GLU B 258 27.17 -20.21 41.55
N GLY B 259 27.51 -19.74 42.75
CA GLY B 259 26.60 -18.94 43.55
C GLY B 259 25.98 -17.75 42.84
N HIS B 260 26.81 -16.90 42.26
CA HIS B 260 26.34 -15.72 41.58
C HIS B 260 25.51 -16.14 40.40
N ARG B 261 26.13 -16.87 39.50
CA ARG B 261 25.45 -17.64 38.44
C ARG B 261 24.00 -18.04 38.72
N SER B 262 23.79 -18.72 39.83
CA SER B 262 22.53 -19.36 40.13
C SER B 262 21.48 -18.37 40.62
N LYS B 263 21.86 -17.10 40.74
CA LYS B 263 20.92 -16.02 41.10
C LYS B 263 19.97 -15.60 39.96
N VAL B 264 20.38 -15.83 38.72
CA VAL B 264 19.50 -15.67 37.55
C VAL B 264 18.34 -16.72 37.53
N PRO B 265 17.09 -16.25 37.55
CA PRO B 265 15.96 -17.16 37.56
C PRO B 265 15.92 -18.10 36.35
N LEU B 266 16.08 -17.51 35.16
CA LEU B 266 16.06 -18.27 33.91
C LEU B 266 17.40 -18.98 33.67
N TYR B 267 17.36 -20.30 33.74
CA TYR B 267 18.53 -21.15 33.46
C TYR B 267 19.61 -21.16 34.55
N GLN B 268 19.53 -20.24 35.53
CA GLN B 268 20.54 -20.12 36.57
C GLN B 268 21.95 -19.98 36.01
N ARG B 269 22.09 -19.15 34.99
CA ARG B 269 23.38 -18.83 34.42
C ARG B 269 23.37 -17.45 33.82
N ASP B 270 24.56 -16.89 33.68
CA ASP B 270 24.74 -15.65 32.93
C ASP B 270 24.47 -15.97 31.45
N SER B 271 24.25 -14.93 30.65
CA SER B 271 23.98 -15.16 29.24
C SER B 271 25.28 -15.42 28.45
N SER B 272 25.10 -15.82 27.18
CA SER B 272 26.19 -15.90 26.23
C SER B 272 26.22 -14.56 25.53
N ALA B 273 27.26 -14.29 24.76
CA ALA B 273 27.35 -13.01 24.06
C ALA B 273 26.23 -12.89 23.04
N ALA B 274 26.03 -13.94 22.26
CA ALA B 274 24.96 -13.98 21.25
C ALA B 274 23.57 -13.70 21.82
N GLU B 275 23.29 -14.27 23.00
CA GLU B 275 22.00 -14.05 23.66
C GLU B 275 21.70 -12.55 23.86
N VAL B 276 22.75 -11.74 23.94
CA VAL B 276 22.59 -10.29 23.98
C VAL B 276 22.66 -9.63 22.57
N SER B 277 23.66 -10.00 21.78
CA SER B 277 23.86 -9.36 20.49
C SER B 277 22.71 -9.57 19.50
N ASP B 278 22.06 -10.73 19.58
CA ASP B 278 20.87 -11.01 18.75
C ASP B 278 19.74 -10.02 18.95
N VAL B 279 19.61 -9.52 20.19
CA VAL B 279 18.63 -8.49 20.52
C VAL B 279 19.05 -7.17 19.87
N VAL B 280 20.33 -6.81 20.02
CA VAL B 280 20.89 -5.60 19.38
C VAL B 280 20.63 -5.61 17.88
N ILE B 281 21.01 -6.71 17.25
CA ILE B 281 20.81 -6.92 15.81
C ILE B 281 19.33 -6.85 15.39
N PHE B 282 18.43 -7.44 16.19
CA PHE B 282 17.00 -7.33 15.89
C PHE B 282 16.52 -5.87 15.93
N LEU B 283 16.98 -5.11 16.91
CA LEU B 283 16.52 -3.74 17.06
C LEU B 283 17.02 -2.88 15.92
N CYS B 284 18.13 -3.30 15.33
CA CYS B 284 18.71 -2.62 14.19
C CYS B 284 18.01 -2.96 12.89
N SER B 285 17.33 -4.11 12.85
CA SER B 285 16.63 -4.55 11.64
C SER B 285 15.38 -3.69 11.36
N SER B 286 14.98 -3.65 10.10
CA SER B 286 13.83 -2.85 9.66
C SER B 286 12.52 -3.39 10.21
N LYS B 287 12.57 -4.63 10.70
CA LYS B 287 11.40 -5.19 11.33
C LYS B 287 11.09 -4.56 12.70
N ALA B 288 12.06 -3.79 13.21
CA ALA B 288 11.94 -3.09 14.49
C ALA B 288 11.83 -1.60 14.27
N LYS B 289 11.47 -1.18 13.07
CA LYS B 289 11.55 0.23 12.72
C LYS B 289 10.47 1.15 13.31
N TYR B 290 9.58 0.60 14.13
CA TYR B 290 8.63 1.42 14.89
C TYR B 290 9.05 1.53 16.37
N ILE B 291 10.08 0.77 16.75
CA ILE B 291 10.64 0.85 18.11
C ILE B 291 11.66 1.96 18.20
N THR B 292 11.42 2.90 19.12
CA THR B 292 12.40 3.93 19.47
C THR B 292 12.20 4.45 20.89
N GLY B 293 13.30 4.85 21.53
CA GLY B 293 13.25 5.41 22.88
C GLY B 293 12.98 4.42 23.97
N THR B 294 13.20 3.14 23.68
CA THR B 294 12.95 2.09 24.66
C THR B 294 14.20 1.32 25.04
N CYS B 295 14.21 0.77 26.25
CA CYS B 295 15.29 -0.08 26.71
C CYS B 295 14.77 -1.48 26.94
N VAL B 296 15.45 -2.46 26.36
CA VAL B 296 15.06 -3.86 26.44
C VAL B 296 16.02 -4.59 27.32
N LYS B 297 15.47 -5.13 28.40
CA LYS B 297 16.24 -5.93 29.34
C LYS B 297 16.53 -7.26 28.69
N VAL B 298 17.76 -7.72 28.79
CA VAL B 298 18.14 -9.07 28.39
C VAL B 298 18.85 -9.67 29.58
N ASP B 299 18.06 -10.16 30.54
CA ASP B 299 18.60 -10.44 31.88
C ASP B 299 18.10 -11.72 32.56
N GLY B 300 17.36 -12.54 31.85
CA GLY B 300 16.93 -13.83 32.39
C GLY B 300 16.10 -13.68 33.66
N GLY B 301 15.50 -12.50 33.82
CA GLY B 301 14.61 -12.21 34.95
C GLY B 301 15.33 -11.83 36.24
N TYR B 302 16.62 -11.57 36.13
CA TYR B 302 17.43 -11.18 37.26
C TYR B 302 16.91 -9.90 37.96
N SER B 303 16.44 -8.92 37.18
CA SER B 303 15.90 -7.66 37.73
C SER B 303 14.62 -7.86 38.57
N LEU B 304 14.01 -9.04 38.45
CA LEU B 304 12.80 -9.38 39.18
C LEU B 304 13.11 -9.94 40.54
N THR B 305 14.38 -10.15 40.86
CA THR B 305 14.75 -10.72 42.16
C THR B 305 14.96 -9.67 43.23
N ARG B 306 15.00 -10.13 44.46
CA ARG B 306 15.21 -9.32 45.64
C ARG B 306 16.09 -10.11 46.61
N ALA B 307 16.69 -9.42 47.59
CA ALA B 307 17.56 -10.06 48.58
C ALA B 307 16.77 -10.98 49.54
N THR C 24 -16.09 22.70 58.99
CA THR C 24 -16.02 21.90 60.25
C THR C 24 -14.88 20.86 60.21
N VAL C 25 -15.09 19.71 60.86
CA VAL C 25 -14.10 18.65 61.02
C VAL C 25 -13.90 17.89 59.70
N PRO C 26 -12.67 17.69 59.26
CA PRO C 26 -12.45 16.83 58.08
C PRO C 26 -12.71 15.34 58.38
N VAL C 27 -13.23 14.62 57.38
CA VAL C 27 -13.60 13.21 57.55
C VAL C 27 -12.78 12.26 56.67
N ALA C 28 -12.30 11.18 57.28
CA ALA C 28 -11.56 10.14 56.57
C ALA C 28 -12.26 8.78 56.65
N LEU C 29 -12.39 8.12 55.51
CA LEU C 29 -12.77 6.71 55.43
C LEU C 29 -11.51 5.86 55.20
N VAL C 30 -11.29 4.89 56.08
CA VAL C 30 -10.14 4.01 56.03
C VAL C 30 -10.65 2.59 56.02
N THR C 31 -10.49 1.89 54.88
CA THR C 31 -10.82 0.47 54.77
C THR C 31 -9.77 -0.42 55.49
N GLY C 32 -10.17 -1.62 55.92
CA GLY C 32 -9.28 -2.48 56.70
C GLY C 32 -8.66 -1.77 57.90
N ALA C 33 -9.46 -0.96 58.60
CA ALA C 33 -8.94 -0.09 59.67
C ALA C 33 -8.67 -0.72 61.05
N ALA C 34 -9.08 -1.97 61.24
CA ALA C 34 -9.14 -2.57 62.58
C ALA C 34 -7.81 -2.84 63.26
N LYS C 35 -6.83 -3.29 62.46
CA LYS C 35 -5.48 -3.52 62.98
C LYS C 35 -4.33 -3.06 62.12
N ARG C 36 -3.13 -3.20 62.69
CA ARG C 36 -1.87 -3.05 62.00
C ARG C 36 -1.80 -1.71 61.25
N LEU C 37 -1.57 -1.74 59.94
CA LEU C 37 -1.34 -0.49 59.20
C LEU C 37 -2.59 0.40 59.09
N GLY C 38 -3.72 -0.20 58.77
CA GLY C 38 -4.98 0.54 58.75
C GLY C 38 -5.32 1.21 60.07
N ARG C 39 -5.07 0.54 61.19
CA ARG C 39 -5.28 1.13 62.51
C ARG C 39 -4.35 2.34 62.67
N SER C 40 -3.07 2.17 62.35
CA SER C 40 -2.09 3.24 62.45
C SER C 40 -2.46 4.46 61.60
N ILE C 41 -3.00 4.21 60.41
CA ILE C 41 -3.46 5.27 59.53
C ILE C 41 -4.66 6.00 60.18
N ALA C 42 -5.59 5.22 60.70
CA ALA C 42 -6.78 5.75 61.33
C ALA C 42 -6.38 6.64 62.49
N GLU C 43 -5.45 6.15 63.31
CA GLU C 43 -4.97 6.85 64.48
C GLU C 43 -4.26 8.13 64.07
N GLY C 44 -3.41 8.00 63.05
CA GLY C 44 -2.65 9.12 62.50
C GLY C 44 -3.54 10.23 62.01
N LEU C 45 -4.55 9.88 61.25
CA LEU C 45 -5.50 10.85 60.73
C LEU C 45 -6.31 11.49 61.86
N HIS C 46 -6.73 10.66 62.80
CA HIS C 46 -7.48 11.14 63.96
C HIS C 46 -6.63 12.14 64.77
N ALA C 47 -5.33 11.87 64.87
CA ALA C 47 -4.41 12.76 65.59
C ALA C 47 -4.26 14.12 64.90
N GLU C 48 -4.53 14.18 63.60
CA GLU C 48 -4.45 15.44 62.88
C GLU C 48 -5.80 16.16 62.89
N GLY C 49 -6.79 15.57 63.57
CA GLY C 49 -8.10 16.19 63.75
C GLY C 49 -9.24 15.63 62.90
N TYR C 50 -8.95 14.59 62.13
CA TYR C 50 -9.96 13.99 61.30
C TYR C 50 -10.96 13.18 62.12
N ALA C 51 -12.22 13.24 61.71
CA ALA C 51 -13.19 12.23 62.10
C ALA C 51 -12.95 11.01 61.21
N VAL C 52 -13.02 9.81 61.79
CA VAL C 52 -12.63 8.61 61.06
C VAL C 52 -13.72 7.56 60.97
N CYS C 53 -14.07 7.21 59.75
CA CYS C 53 -14.91 6.07 59.50
C CYS C 53 -14.05 4.81 59.34
N LEU C 54 -14.07 3.95 60.36
CA LEU C 54 -13.23 2.75 60.39
C LEU C 54 -13.98 1.59 59.74
N HIS C 55 -13.60 1.19 58.52
CA HIS C 55 -14.16 -0.01 57.85
C HIS C 55 -13.50 -1.27 58.40
N TYR C 56 -14.25 -2.37 58.41
CA TYR C 56 -13.73 -3.69 58.72
C TYR C 56 -14.55 -4.75 58.02
N HIS C 57 -14.03 -5.96 58.00
CA HIS C 57 -14.76 -7.07 57.44
C HIS C 57 -15.05 -8.09 58.55
N ARG C 58 -14.03 -8.73 59.11
CA ARG C 58 -14.33 -9.63 60.20
C ARG C 58 -13.79 -9.20 61.58
N SER C 59 -12.88 -8.24 61.58
CA SER C 59 -12.30 -7.83 62.84
C SER C 59 -13.21 -6.85 63.63
N ALA C 60 -14.43 -7.31 63.93
CA ALA C 60 -15.44 -6.48 64.63
C ALA C 60 -14.96 -5.96 65.98
N ALA C 61 -14.43 -6.87 66.79
CA ALA C 61 -13.95 -6.54 68.11
C ALA C 61 -12.87 -5.46 68.13
N GLU C 62 -11.85 -5.63 67.29
CA GLU C 62 -10.72 -4.69 67.24
C GLU C 62 -11.09 -3.34 66.64
N ALA C 63 -12.13 -3.32 65.79
CA ALA C 63 -12.61 -2.09 65.15
C ALA C 63 -13.39 -1.28 66.13
N ASN C 64 -14.31 -1.93 66.83
CA ASN C 64 -15.11 -1.29 67.86
C ASN C 64 -14.24 -0.83 69.03
N ALA C 65 -13.23 -1.63 69.37
CA ALA C 65 -12.32 -1.26 70.45
C ALA C 65 -11.57 0.02 70.10
N LEU C 66 -11.14 0.13 68.85
CA LEU C 66 -10.42 1.30 68.38
C LEU C 66 -11.31 2.52 68.34
N SER C 67 -12.55 2.34 67.86
CA SER C 67 -13.53 3.40 67.79
C SER C 67 -13.83 3.99 69.16
N ALA C 68 -13.90 3.12 70.16
CA ALA C 68 -14.09 3.55 71.54
C ALA C 68 -12.93 4.42 72.03
N THR C 69 -11.70 4.03 71.67
CA THR C 69 -10.51 4.78 72.02
C THR C 69 -10.57 6.15 71.41
N LEU C 70 -10.80 6.22 70.11
CA LEU C 70 -10.85 7.52 69.43
C LEU C 70 -11.99 8.41 69.94
N ASN C 71 -13.15 7.79 70.17
CA ASN C 71 -14.31 8.51 70.68
C ASN C 71 -14.13 8.99 72.11
N ALA C 72 -13.34 8.25 72.88
CA ALA C 72 -13.00 8.67 74.23
C ALA C 72 -12.09 9.90 74.23
N ARG C 73 -11.14 9.94 73.28
CA ARG C 73 -10.25 11.10 73.08
C ARG C 73 -10.94 12.33 72.49
N ARG C 74 -12.00 12.11 71.73
CA ARG C 74 -12.73 13.16 71.08
C ARG C 74 -14.11 12.63 70.68
N PRO C 75 -15.16 13.15 71.31
CA PRO C 75 -16.51 12.64 71.09
C PRO C 75 -16.92 12.76 69.64
N ASN C 76 -17.60 11.72 69.15
CA ASN C 76 -18.12 11.66 67.77
C ASN C 76 -17.06 11.83 66.67
N SER C 77 -15.93 11.16 66.86
CA SER C 77 -14.81 11.29 65.95
C SER C 77 -14.48 9.97 65.28
N ALA C 78 -15.35 8.98 65.47
CA ALA C 78 -15.13 7.63 64.95
C ALA C 78 -16.42 6.85 64.90
N ILE C 79 -16.64 6.18 63.77
CA ILE C 79 -17.65 5.14 63.63
C ILE C 79 -16.98 3.91 62.99
N THR C 80 -17.66 2.75 63.02
CA THR C 80 -17.14 1.55 62.38
C THR C 80 -18.18 1.09 61.37
N VAL C 81 -17.75 0.67 60.18
CA VAL C 81 -18.67 0.10 59.20
C VAL C 81 -18.17 -1.24 58.68
N GLN C 82 -19.09 -2.16 58.49
CA GLN C 82 -18.75 -3.52 58.09
C GLN C 82 -19.07 -3.79 56.60
N ALA C 83 -18.14 -4.43 55.91
CA ALA C 83 -18.30 -4.77 54.48
C ALA C 83 -17.26 -5.75 53.99
N ASP C 84 -17.75 -6.78 53.31
CA ASP C 84 -16.94 -7.64 52.47
C ASP C 84 -16.63 -6.90 51.16
N LEU C 85 -15.34 -6.67 50.89
CA LEU C 85 -14.90 -5.95 49.71
C LEU C 85 -14.49 -6.90 48.59
N SER C 86 -14.71 -8.20 48.81
CA SER C 86 -14.54 -9.17 47.75
C SER C 86 -15.49 -8.90 46.59
N ASN C 87 -15.09 -9.31 45.39
CA ASN C 87 -15.91 -9.09 44.22
C ASN C 87 -17.04 -10.11 44.15
N VAL C 88 -17.90 -10.11 45.16
CA VAL C 88 -19.08 -11.00 45.18
C VAL C 88 -20.38 -10.32 45.59
N ALA C 89 -21.46 -11.09 45.46
CA ALA C 89 -22.79 -10.72 45.92
C ALA C 89 -22.98 -11.09 47.38
N THR C 90 -23.79 -10.31 48.09
CA THR C 90 -24.23 -10.66 49.46
C THR C 90 -25.75 -10.58 49.56
N ALA C 91 -26.29 -11.13 50.65
CA ALA C 91 -27.74 -11.19 50.85
C ALA C 91 -28.30 -9.85 51.34
N PRO C 92 -29.55 -9.58 50.94
CA PRO C 92 -30.40 -8.54 51.57
C PRO C 92 -30.59 -8.53 53.14
N VAL C 93 -31.85 -8.44 53.59
CA VAL C 93 -32.26 -8.22 55.00
C VAL C 93 -32.10 -9.45 55.89
N SER C 94 -33.14 -10.28 55.96
CA SER C 94 -33.24 -11.40 56.93
C SER C 94 -33.15 -12.79 56.29
N GLY C 95 -32.21 -12.94 55.35
CA GLY C 95 -32.21 -14.03 54.36
C GLY C 95 -31.46 -15.35 54.57
N ALA C 96 -30.16 -15.29 54.84
CA ALA C 96 -29.32 -16.51 54.88
C ALA C 96 -28.95 -16.95 56.29
N GLY C 98 -25.86 -16.96 49.52
CA GLY C 98 -25.39 -15.58 49.59
C GLY C 98 -25.29 -14.91 48.24
N SER C 99 -24.71 -15.64 47.29
CA SER C 99 -24.53 -15.24 45.87
C SER C 99 -25.75 -14.61 45.12
N ALA C 100 -26.40 -13.63 45.75
CA ALA C 100 -27.64 -13.01 45.25
C ALA C 100 -27.54 -11.45 45.28
N PRO C 101 -28.66 -10.72 45.12
CA PRO C 101 -28.64 -9.25 45.09
C PRO C 101 -27.36 -8.44 45.40
N VAL C 102 -27.04 -8.07 46.66
CA VAL C 102 -26.19 -6.87 46.86
C VAL C 102 -24.79 -6.93 46.27
N THR C 103 -24.56 -6.13 45.22
CA THR C 103 -23.29 -6.14 44.46
C THR C 103 -22.19 -5.42 45.24
N LEU C 104 -20.94 -5.58 44.80
CA LEU C 104 -19.80 -4.90 45.42
C LEU C 104 -19.91 -3.39 45.26
N PHE C 105 -20.39 -2.95 44.09
CA PHE C 105 -20.56 -1.51 43.83
C PHE C 105 -21.50 -0.87 44.87
N THR C 106 -22.66 -1.50 45.08
CA THR C 106 -23.62 -1.05 46.08
C THR C 106 -22.99 -0.92 47.47
N ARG C 107 -22.31 -1.96 47.93
CA ARG C 107 -21.66 -1.99 49.24
C ARG C 107 -20.66 -0.88 49.39
N CYS C 108 -19.90 -0.65 48.32
CA CYS C 108 -18.91 0.42 48.27
C CYS C 108 -19.56 1.79 48.37
N ALA C 109 -20.62 2.01 47.60
CA ALA C 109 -21.38 3.28 47.63
C ALA C 109 -21.92 3.54 49.04
N GLU C 110 -22.37 2.48 49.71
CA GLU C 110 -22.90 2.59 51.05
C GLU C 110 -21.84 2.87 52.11
N LEU C 111 -20.60 2.51 51.82
CA LEU C 111 -19.48 2.85 52.71
C LEU C 111 -19.24 4.35 52.71
N VAL C 112 -19.14 4.93 51.52
CA VAL C 112 -18.93 6.36 51.35
C VAL C 112 -20.13 7.15 51.89
N ALA C 113 -21.33 6.68 51.54
CA ALA C 113 -22.59 7.25 52.05
C ALA C 113 -22.62 7.35 53.58
N ALA C 114 -22.10 6.33 54.27
CA ALA C 114 -22.06 6.26 55.73
C ALA C 114 -21.35 7.45 56.34
N CYS C 115 -20.36 7.98 55.62
CA CYS C 115 -19.65 9.18 56.06
C CYS C 115 -20.53 10.41 55.90
N TYR C 116 -21.21 10.50 54.77
CA TYR C 116 -22.05 11.65 54.48
C TYR C 116 -23.28 11.68 55.38
N THR C 117 -23.90 10.52 55.58
CA THR C 117 -25.00 10.36 56.55
C THR C 117 -24.60 10.80 57.95
N HIS C 118 -23.44 10.39 58.41
CA HIS C 118 -23.08 10.68 59.78
C HIS C 118 -22.48 12.07 59.99
N TRP C 119 -21.62 12.49 59.08
CA TRP C 119 -20.89 13.74 59.27
C TRP C 119 -21.11 14.77 58.19
N GLY C 120 -21.81 14.39 57.13
CA GLY C 120 -22.09 15.30 56.02
C GLY C 120 -20.92 15.53 55.07
N ARG C 121 -19.86 14.73 55.20
CA ARG C 121 -18.70 14.89 54.35
C ARG C 121 -17.80 13.66 54.27
N CYS C 122 -16.93 13.65 53.26
CA CYS C 122 -15.86 12.67 53.13
C CYS C 122 -14.70 13.29 52.38
N ASP C 123 -13.64 13.62 53.12
CA ASP C 123 -12.56 14.43 52.57
C ASP C 123 -11.38 13.58 52.12
N VAL C 124 -11.18 12.47 52.80
CA VAL C 124 -10.08 11.56 52.54
C VAL C 124 -10.58 10.10 52.46
N LEU C 125 -10.11 9.40 51.44
CA LEU C 125 -10.31 7.95 51.32
C LEU C 125 -8.94 7.25 51.32
N VAL C 126 -8.82 6.20 52.14
CA VAL C 126 -7.61 5.37 52.16
C VAL C 126 -8.01 3.93 51.84
N ASN C 127 -7.62 3.49 50.65
CA ASN C 127 -7.86 2.11 50.25
C ASN C 127 -6.74 1.26 50.81
N ASN C 128 -6.99 0.68 51.99
CA ASN C 128 -5.97 -0.02 52.74
C ASN C 128 -6.30 -1.50 52.81
N ALA C 129 -7.60 -1.82 52.82
CA ALA C 129 -8.03 -3.21 52.97
C ALA C 129 -7.52 -4.05 51.80
N SER C 130 -7.03 -5.26 52.12
CA SER C 130 -6.27 -6.06 51.19
C SER C 130 -6.05 -7.48 51.69
N SER C 131 -6.57 -8.44 50.94
CA SER C 131 -6.26 -9.84 51.21
C SER C 131 -4.96 -10.26 50.49
N PHE C 132 -4.23 -11.16 51.12
CA PHE C 132 -2.88 -11.50 50.71
C PHE C 132 -2.60 -12.97 51.06
N TYR C 133 -2.55 -13.80 50.03
CA TYR C 133 -2.25 -15.26 50.20
C TYR C 133 -1.94 -15.91 48.83
N PRO C 134 -1.23 -17.04 48.84
CA PRO C 134 -0.68 -17.63 47.61
C PRO C 134 -1.70 -18.08 46.59
N THR C 135 -1.44 -17.79 45.31
CA THR C 135 -2.15 -18.42 44.20
C THR C 135 -1.13 -18.94 43.19
N PRO C 136 -0.50 -20.08 43.49
CA PRO C 136 0.60 -20.58 42.66
C PRO C 136 0.14 -20.94 41.23
N LEU C 137 0.96 -20.66 40.24
CA LEU C 137 0.72 -21.08 38.85
C LEU C 137 1.19 -22.52 38.65
N LEU C 138 2.01 -23.01 39.59
CA LEU C 138 2.56 -24.36 39.54
C LEU C 138 2.16 -25.14 40.79
N ARG C 139 1.41 -26.23 40.57
CA ARG C 139 0.91 -27.11 41.65
C ARG C 139 2.03 -27.57 42.58
N ASN C 140 2.92 -28.42 42.06
CA ASN C 140 4.09 -28.90 42.81
C ASN C 140 3.74 -29.58 44.14
N ASP C 151 -11.17 -26.53 46.41
CA ASP C 151 -10.34 -26.88 45.27
C ASP C 151 -10.90 -26.27 43.99
N ARG C 152 -12.21 -26.40 43.84
CA ARG C 152 -12.91 -25.92 42.65
C ARG C 152 -13.31 -24.46 42.79
N GLU C 153 -13.82 -24.11 43.96
CA GLU C 153 -14.13 -22.73 44.28
C GLU C 153 -12.86 -21.96 44.70
N ALA C 154 -11.83 -22.67 45.15
CA ALA C 154 -10.58 -22.05 45.59
C ALA C 154 -10.13 -20.94 44.64
N MET C 155 -10.14 -21.24 43.34
CA MET C 155 -9.74 -20.29 42.30
C MET C 155 -10.77 -19.17 42.10
N GLU C 156 -12.05 -19.52 42.19
CA GLU C 156 -13.14 -18.54 42.14
C GLU C 156 -13.03 -17.55 43.27
N THR C 157 -13.09 -18.02 44.52
CA THR C 157 -13.15 -17.08 45.66
C THR C 157 -11.82 -16.35 45.95
N ALA C 158 -10.70 -16.98 45.64
CA ALA C 158 -9.41 -16.28 45.71
C ALA C 158 -9.40 -15.12 44.73
N THR C 159 -9.83 -15.38 43.50
CA THR C 159 -9.89 -14.38 42.46
C THR C 159 -10.77 -13.20 42.85
N ALA C 160 -11.90 -13.47 43.50
CA ALA C 160 -12.87 -12.42 43.84
C ALA C 160 -12.40 -11.64 45.05
N ASP C 161 -11.79 -12.34 45.98
CA ASP C 161 -11.28 -11.73 47.20
C ASP C 161 -10.05 -10.86 46.97
N LEU C 162 -9.03 -11.42 46.36
CA LEU C 162 -7.77 -10.72 46.11
C LEU C 162 -7.96 -9.55 45.15
N PHE C 163 -8.67 -9.77 44.06
CA PHE C 163 -8.97 -8.66 43.16
C PHE C 163 -10.01 -7.67 43.68
N GLY C 164 -10.96 -8.15 44.48
CA GLY C 164 -11.94 -7.27 45.09
C GLY C 164 -11.26 -6.29 46.04
N SER C 165 -10.67 -6.83 47.09
CA SER C 165 -10.07 -6.02 48.16
C SER C 165 -9.04 -5.06 47.63
N ASN C 166 -8.16 -5.57 46.76
CA ASN C 166 -6.99 -4.84 46.31
C ASN C 166 -7.20 -3.89 45.15
N ALA C 167 -8.21 -4.14 44.31
CA ALA C 167 -8.37 -3.38 43.07
C ALA C 167 -9.79 -2.95 42.71
N ILE C 168 -10.72 -3.90 42.65
CA ILE C 168 -12.10 -3.59 42.23
C ILE C 168 -12.84 -2.66 43.20
N ALA C 169 -12.83 -3.02 44.48
CA ALA C 169 -13.51 -2.22 45.51
C ALA C 169 -12.92 -0.82 45.60
N PRO C 170 -11.58 -0.69 45.66
CA PRO C 170 -10.95 0.63 45.54
C PRO C 170 -11.50 1.48 44.39
N TYR C 171 -11.74 0.86 43.22
CA TYR C 171 -12.30 1.59 42.06
C TYR C 171 -13.70 2.09 42.32
N PHE C 172 -14.56 1.22 42.85
CA PHE C 172 -15.92 1.60 43.17
C PHE C 172 -15.97 2.62 44.31
N LEU C 173 -15.08 2.44 45.29
CA LEU C 173 -15.00 3.38 46.39
C LEU C 173 -14.62 4.76 45.85
N ILE C 174 -13.66 4.79 44.92
CA ILE C 174 -13.22 6.04 44.29
C ILE C 174 -14.35 6.65 43.47
N LYS C 175 -15.08 5.81 42.74
CA LYS C 175 -16.23 6.31 41.99
C LYS C 175 -17.24 6.97 42.94
N ALA C 176 -17.64 6.26 44.00
CA ALA C 176 -18.61 6.80 44.97
C ALA C 176 -18.12 8.11 45.59
N PHE C 177 -16.88 8.10 46.05
CA PHE C 177 -16.18 9.30 46.55
C PHE C 177 -16.31 10.49 45.59
N ALA C 178 -16.02 10.25 44.31
CA ALA C 178 -15.99 11.29 43.25
C ALA C 178 -17.36 11.83 42.91
N HIS C 179 -18.36 10.96 42.87
CA HIS C 179 -19.73 11.40 42.63
C HIS C 179 -20.23 12.34 43.72
N ARG C 180 -19.97 11.98 44.97
CA ARG C 180 -20.37 12.82 46.08
C ARG C 180 -19.70 14.19 46.01
N VAL C 181 -18.40 14.23 45.71
CA VAL C 181 -17.72 15.51 45.59
C VAL C 181 -18.33 16.29 44.44
N ALA C 182 -18.47 15.65 43.29
CA ALA C 182 -19.05 16.28 42.10
C ALA C 182 -20.46 16.78 42.37
N GLY C 183 -21.20 16.03 43.19
CA GLY C 183 -22.58 16.36 43.52
C GLY C 183 -22.75 17.47 44.56
N THR C 184 -21.66 17.85 45.21
CA THR C 184 -21.69 18.97 46.14
C THR C 184 -21.50 20.24 45.33
N PRO C 185 -22.31 21.28 45.59
CA PRO C 185 -22.14 22.58 44.93
C PRO C 185 -20.77 23.16 45.30
N ALA C 186 -20.07 23.70 44.31
CA ALA C 186 -18.70 24.17 44.50
C ALA C 186 -18.50 24.99 45.78
N LYS C 187 -19.38 25.98 46.02
CA LYS C 187 -19.19 26.85 47.20
C LYS C 187 -19.13 26.05 48.50
N HIS C 188 -19.64 24.82 48.49
CA HIS C 188 -19.78 23.99 49.69
C HIS C 188 -18.86 22.75 49.80
N ARG C 189 -17.89 22.64 48.90
CA ARG C 189 -16.89 21.55 48.87
C ARG C 189 -15.71 21.80 49.82
N GLY C 190 -15.06 20.72 50.26
CA GLY C 190 -13.86 20.81 51.07
C GLY C 190 -12.70 21.35 50.25
N THR C 191 -11.58 21.58 50.92
CA THR C 191 -10.44 22.19 50.24
C THR C 191 -9.22 21.29 50.23
N ASN C 192 -9.34 20.08 50.75
CA ASN C 192 -8.22 19.14 50.79
C ASN C 192 -8.69 17.70 50.55
N TYR C 193 -9.22 17.45 49.36
CA TYR C 193 -9.66 16.10 48.99
C TYR C 193 -8.44 15.24 48.63
N SER C 194 -8.30 14.09 49.30
CA SER C 194 -7.19 13.20 49.06
C SER C 194 -7.56 11.71 49.10
N ILE C 195 -7.14 10.96 48.07
CA ILE C 195 -7.23 9.49 48.09
C ILE C 195 -5.83 8.83 48.15
N ILE C 196 -5.62 7.96 49.12
CA ILE C 196 -4.39 7.18 49.23
C ILE C 196 -4.67 5.70 48.98
N ASN C 197 -3.89 5.11 48.08
CA ASN C 197 -3.97 3.67 47.79
C ASN C 197 -2.75 2.97 48.35
N MET C 198 -2.97 2.08 49.32
CA MET C 198 -1.90 1.24 49.81
C MET C 198 -1.47 0.27 48.70
N VAL C 199 -0.29 0.52 48.13
CA VAL C 199 0.26 -0.36 47.11
C VAL C 199 1.38 -1.20 47.70
N ASP C 200 2.31 -1.64 46.87
CA ASP C 200 3.38 -2.51 47.33
C ASP C 200 4.67 -2.13 46.64
N ALA C 201 5.70 -1.84 47.44
CA ALA C 201 7.00 -1.44 46.92
C ALA C 201 7.74 -2.57 46.24
N MET C 202 7.35 -3.81 46.55
CA MET C 202 8.06 -5.00 46.10
C MET C 202 7.41 -5.73 44.92
N THR C 203 6.31 -5.22 44.39
CA THR C 203 5.60 -5.93 43.32
C THR C 203 6.32 -6.02 41.98
N ASN C 204 7.35 -5.20 41.75
CA ASN C 204 8.20 -5.36 40.58
C ASN C 204 9.20 -6.50 40.75
N GLN C 205 9.35 -6.96 41.98
CA GLN C 205 10.18 -8.09 42.30
C GLN C 205 9.31 -9.11 43.01
N PRO C 206 8.42 -9.75 42.26
CA PRO C 206 7.27 -10.46 42.83
C PRO C 206 7.66 -11.56 43.82
N LEU C 207 6.82 -11.73 44.83
CA LEU C 207 6.96 -12.82 45.77
C LEU C 207 6.48 -14.06 45.06
N LEU C 208 7.26 -15.12 45.14
CA LEU C 208 6.98 -16.35 44.44
C LEU C 208 5.65 -16.94 44.88
N GLY C 209 4.72 -17.08 43.94
CA GLY C 209 3.46 -17.79 44.18
C GLY C 209 2.28 -16.89 44.51
N TYR C 210 2.51 -15.57 44.43
CA TYR C 210 1.49 -14.59 44.82
C TYR C 210 0.98 -13.76 43.64
N THR C 211 0.76 -14.44 42.51
CA THR C 211 0.46 -13.81 41.23
C THR C 211 -0.79 -12.92 41.20
N ILE C 212 -1.92 -13.44 41.70
CA ILE C 212 -3.16 -12.66 41.71
C ILE C 212 -3.00 -11.43 42.58
N TYR C 213 -2.38 -11.60 43.73
CA TYR C 213 -2.08 -10.46 44.60
C TYR C 213 -1.23 -9.42 43.88
N THR C 214 -0.14 -9.86 43.24
CA THR C 214 0.74 -8.96 42.51
C THR C 214 0.00 -8.27 41.37
N MET C 215 -0.74 -9.04 40.59
CA MET C 215 -1.66 -8.52 39.57
C MET C 215 -2.59 -7.44 40.13
N ALA C 216 -3.22 -7.71 41.28
CA ALA C 216 -4.16 -6.78 41.91
C ALA C 216 -3.47 -5.44 42.26
N LYS C 217 -2.26 -5.51 42.82
CA LYS C 217 -1.52 -4.30 43.15
C LYS C 217 -1.14 -3.51 41.90
N GLY C 218 -0.84 -4.26 40.82
CA GLY C 218 -0.58 -3.68 39.52
C GLY C 218 -1.80 -2.93 39.07
N ALA C 219 -2.97 -3.51 39.26
CA ALA C 219 -4.22 -2.83 38.92
C ALA C 219 -4.37 -1.55 39.77
N LEU C 220 -4.07 -1.65 41.06
CA LEU C 220 -4.21 -0.52 41.96
C LEU C 220 -3.34 0.65 41.55
N GLU C 221 -2.09 0.36 41.15
CA GLU C 221 -1.20 1.40 40.62
C GLU C 221 -1.82 2.12 39.41
N GLY C 222 -2.35 1.34 38.47
CA GLY C 222 -3.07 1.89 37.34
C GLY C 222 -4.21 2.81 37.76
N LEU C 223 -5.00 2.36 38.73
CA LEU C 223 -6.09 3.15 39.27
C LEU C 223 -5.59 4.48 39.81
N THR C 224 -4.47 4.45 40.52
CA THR C 224 -3.87 5.66 41.07
C THR C 224 -3.64 6.70 39.97
N ARG C 225 -2.98 6.28 38.90
CA ARG C 225 -2.67 7.15 37.77
C ARG C 225 -3.94 7.59 37.06
N SER C 226 -4.82 6.64 36.77
CA SER C 226 -6.02 6.97 36.02
C SER C 226 -6.91 7.92 36.80
N ALA C 227 -7.16 7.60 38.07
CA ALA C 227 -7.98 8.45 38.94
C ALA C 227 -7.37 9.84 39.16
N ALA C 228 -6.06 9.90 39.35
CA ALA C 228 -5.41 11.21 39.49
C ALA C 228 -5.74 12.10 38.31
N LEU C 229 -5.60 11.56 37.11
CA LEU C 229 -5.85 12.32 35.89
C LEU C 229 -7.33 12.75 35.72
N GLU C 230 -8.26 11.83 35.96
CA GLU C 230 -9.67 12.14 35.80
C GLU C 230 -10.27 13.04 36.90
N LEU C 231 -9.72 12.96 38.11
CA LEU C 231 -10.28 13.68 39.24
C LEU C 231 -9.56 14.99 39.51
N ALA C 232 -8.50 15.28 38.75
CA ALA C 232 -7.74 16.53 38.90
C ALA C 232 -8.62 17.78 38.82
N PRO C 233 -9.56 17.84 37.87
CA PRO C 233 -10.45 19.01 37.78
C PRO C 233 -11.28 19.26 39.06
N LEU C 234 -11.60 18.22 39.81
CA LEU C 234 -12.31 18.37 41.08
C LEU C 234 -11.34 18.56 42.23
N GLN C 235 -10.06 18.69 41.92
CA GLN C 235 -9.02 18.88 42.93
C GLN C 235 -8.94 17.72 43.91
N ILE C 236 -9.31 16.52 43.45
CA ILE C 236 -9.12 15.33 44.25
C ILE C 236 -7.78 14.71 43.87
N ARG C 237 -6.89 14.60 44.85
CA ARG C 237 -5.57 14.02 44.63
C ARG C 237 -5.58 12.53 44.92
N VAL C 238 -4.87 11.79 44.08
CA VAL C 238 -4.82 10.34 44.18
C VAL C 238 -3.38 9.90 44.18
N ASN C 239 -2.95 9.32 45.28
CA ASN C 239 -1.56 8.88 45.40
C ASN C 239 -1.47 7.50 45.99
N GLY C 240 -0.33 6.87 45.80
CA GLY C 240 -0.06 5.57 46.36
C GLY C 240 1.01 5.64 47.43
N VAL C 241 0.88 4.79 48.44
CA VAL C 241 1.97 4.52 49.37
C VAL C 241 2.27 3.01 49.33
N GLY C 242 3.54 2.66 49.18
CA GLY C 242 3.93 1.26 49.07
C GLY C 242 4.97 0.81 50.08
N PRO C 243 4.51 0.06 51.08
CA PRO C 243 5.42 -0.54 52.05
C PRO C 243 6.24 -1.65 51.45
N GLY C 244 7.39 -1.95 52.04
CA GLY C 244 8.19 -3.11 51.69
C GLY C 244 7.85 -4.20 52.69
N LEU C 245 8.45 -4.12 53.87
CA LEU C 245 8.11 -5.01 54.97
C LEU C 245 7.72 -4.17 56.19
N SER C 246 6.52 -4.42 56.70
CA SER C 246 5.99 -3.68 57.84
C SER C 246 5.31 -4.63 58.80
N VAL C 247 5.57 -4.41 60.08
CA VAL C 247 4.91 -5.12 61.18
C VAL C 247 4.81 -6.64 60.90
N LEU C 248 5.97 -7.25 60.77
CA LEU C 248 6.08 -8.68 60.53
C LEU C 248 5.67 -9.44 61.80
N VAL C 249 4.80 -10.42 61.66
CA VAL C 249 4.59 -11.36 62.76
C VAL C 249 5.74 -12.37 62.77
N GLY C 259 16.78 -14.80 58.05
CA GLY C 259 16.21 -13.56 58.56
C GLY C 259 15.71 -12.75 57.40
N HIS C 260 14.40 -12.53 57.36
CA HIS C 260 13.74 -11.67 56.37
C HIS C 260 14.05 -10.19 56.57
N ARG C 261 13.85 -9.73 57.80
CA ARG C 261 14.24 -8.40 58.22
C ARG C 261 15.64 -8.06 57.73
N SER C 262 16.60 -8.92 58.05
CA SER C 262 18.03 -8.66 57.88
C SER C 262 18.37 -8.34 56.41
N LYS C 263 17.40 -8.55 55.53
CA LYS C 263 17.58 -8.30 54.10
C LYS C 263 17.36 -6.84 53.79
N VAL C 264 16.54 -6.16 54.61
CA VAL C 264 16.31 -4.72 54.40
C VAL C 264 17.60 -3.89 54.63
N PRO C 265 18.08 -3.20 53.61
CA PRO C 265 19.32 -2.45 53.71
C PRO C 265 19.31 -1.48 54.91
N LEU C 266 18.30 -0.63 55.02
CA LEU C 266 18.23 0.36 56.12
C LEU C 266 17.69 -0.26 57.41
N TYR C 267 18.53 -0.25 58.44
CA TYR C 267 18.20 -0.72 59.80
C TYR C 267 18.11 -2.23 59.94
N GLN C 268 18.07 -2.97 58.82
CA GLN C 268 17.89 -4.43 58.81
C GLN C 268 16.68 -4.88 59.62
N ARG C 269 15.58 -4.18 59.45
CA ARG C 269 14.31 -4.57 60.07
C ARG C 269 13.16 -4.12 59.21
N ASP C 270 12.01 -4.76 59.42
CA ASP C 270 10.75 -4.31 58.85
C ASP C 270 10.42 -2.98 59.50
N SER C 271 9.49 -2.23 58.92
CA SER C 271 9.10 -0.97 59.50
C SER C 271 8.09 -1.15 60.66
N SER C 272 7.88 -0.07 61.42
CA SER C 272 6.74 0.02 62.31
C SER C 272 5.50 0.51 61.55
N ALA C 273 4.32 0.40 62.15
CA ALA C 273 3.11 0.88 61.51
C ALA C 273 3.18 2.38 61.25
N ALA C 274 3.66 3.12 62.25
CA ALA C 274 3.77 4.57 62.15
C ALA C 274 4.71 5.00 61.01
N GLU C 275 5.82 4.28 60.86
CA GLU C 275 6.78 4.57 59.79
C GLU C 275 6.14 4.54 58.41
N VAL C 276 4.99 3.88 58.30
CA VAL C 276 4.21 3.89 57.08
C VAL C 276 3.05 4.88 57.11
N SER C 277 2.31 4.92 58.23
CA SER C 277 1.14 5.80 58.32
C SER C 277 1.49 7.30 58.27
N ASP C 278 2.61 7.69 58.87
CA ASP C 278 3.07 9.07 58.81
C ASP C 278 3.21 9.60 57.38
N VAL C 279 3.63 8.73 56.46
CA VAL C 279 3.70 9.07 55.03
C VAL C 279 2.29 9.29 54.46
N VAL C 280 1.38 8.37 54.77
CA VAL C 280 -0.03 8.48 54.34
C VAL C 280 -0.61 9.82 54.81
N ILE C 281 -0.44 10.09 56.11
CA ILE C 281 -0.90 11.33 56.73
C ILE C 281 -0.28 12.57 56.08
N PHE C 282 1.01 12.52 55.78
CA PHE C 282 1.64 13.65 55.11
C PHE C 282 1.05 13.90 53.75
N LEU C 283 0.80 12.84 53.01
CA LEU C 283 0.27 12.95 51.65
C LEU C 283 -1.14 13.52 51.65
N CYS C 284 -1.84 13.29 52.77
CA CYS C 284 -3.17 13.81 52.99
C CYS C 284 -3.18 15.28 53.39
N SER C 285 -2.08 15.76 53.97
CA SER C 285 -1.99 17.14 54.43
C SER C 285 -1.96 18.12 53.26
N SER C 286 -2.36 19.37 53.53
CA SER C 286 -2.37 20.41 52.51
C SER C 286 -0.97 20.81 52.02
N LYS C 287 0.06 20.45 52.78
CA LYS C 287 1.43 20.71 52.37
C LYS C 287 1.82 19.87 51.16
N ALA C 288 1.09 18.76 50.97
CA ALA C 288 1.28 17.88 49.84
C ALA C 288 0.28 18.12 48.69
N LYS C 289 -0.35 19.29 48.65
CA LYS C 289 -1.45 19.57 47.70
C LYS C 289 -1.05 19.58 46.22
N TYR C 290 0.24 19.61 45.93
CA TYR C 290 0.68 19.55 44.54
C TYR C 290 1.07 18.14 44.10
N ILE C 291 1.10 17.19 45.04
CA ILE C 291 1.39 15.80 44.72
C ILE C 291 0.12 15.06 44.32
N THR C 292 0.14 14.44 43.15
CA THR C 292 -0.93 13.58 42.70
C THR C 292 -0.46 12.63 41.63
N GLY C 293 -0.99 11.42 41.65
CA GLY C 293 -0.65 10.40 40.68
C GLY C 293 0.69 9.72 40.91
N THR C 294 1.24 9.84 42.12
CA THR C 294 2.53 9.25 42.41
C THR C 294 2.45 8.17 43.49
N CYS C 295 3.39 7.23 43.45
CA CYS C 295 3.51 6.21 44.47
C CYS C 295 4.79 6.37 45.24
N VAL C 296 4.68 6.42 46.55
CA VAL C 296 5.85 6.63 47.39
C VAL C 296 6.17 5.33 48.10
N LYS C 297 7.35 4.81 47.78
CA LYS C 297 7.92 3.66 48.46
C LYS C 297 8.35 4.00 49.87
N VAL C 298 7.89 3.18 50.80
CA VAL C 298 8.31 3.25 52.19
C VAL C 298 8.87 1.87 52.55
N ASP C 299 10.12 1.63 52.18
CA ASP C 299 10.65 0.27 52.14
C ASP C 299 12.08 0.07 52.66
N GLY C 300 12.69 1.09 53.24
CA GLY C 300 14.04 0.96 53.79
C GLY C 300 15.09 0.56 52.76
N GLY C 301 14.79 0.83 51.50
CA GLY C 301 15.67 0.47 50.40
C GLY C 301 15.62 -0.98 49.97
N TYR C 302 14.59 -1.69 50.42
CA TYR C 302 14.42 -3.11 50.05
C TYR C 302 14.31 -3.36 48.53
N SER C 303 13.63 -2.45 47.81
CA SER C 303 13.42 -2.58 46.38
C SER C 303 14.70 -2.41 45.57
N LEU C 304 15.75 -1.92 46.23
CA LEU C 304 17.05 -1.74 45.59
C LEU C 304 17.91 -2.98 45.62
N THR C 305 17.45 -4.02 46.31
CA THR C 305 18.24 -5.25 46.44
C THR C 305 17.97 -6.22 45.29
N ARG C 306 18.84 -7.21 45.19
CA ARG C 306 18.77 -8.28 44.20
C ARG C 306 19.21 -9.58 44.88
N ALA C 307 18.88 -10.72 44.29
CA ALA C 307 19.27 -12.01 44.87
C ALA C 307 20.78 -12.24 44.85
N THR D 24 9.40 -31.45 12.93
CA THR D 24 8.64 -31.01 14.14
C THR D 24 7.91 -29.71 13.84
N VAL D 25 6.68 -29.58 14.33
CA VAL D 25 6.02 -28.29 14.20
C VAL D 25 5.74 -27.74 15.59
N PRO D 26 6.20 -26.52 15.85
CA PRO D 26 5.80 -25.78 17.04
C PRO D 26 4.37 -25.21 16.93
N VAL D 27 3.67 -25.13 18.05
CA VAL D 27 2.27 -24.68 18.08
C VAL D 27 2.07 -23.39 18.90
N ALA D 28 1.30 -22.45 18.35
CA ALA D 28 0.97 -21.19 19.01
C ALA D 28 -0.52 -21.04 19.22
N LEU D 29 -0.90 -20.59 20.42
CA LEU D 29 -2.27 -20.16 20.70
C LEU D 29 -2.32 -18.64 20.76
N VAL D 30 -3.16 -18.05 19.93
CA VAL D 30 -3.28 -16.60 19.85
C VAL D 30 -4.74 -16.22 20.13
N THR D 31 -5.00 -15.54 21.24
CA THR D 31 -6.35 -15.07 21.55
C THR D 31 -6.64 -13.81 20.77
N GLY D 32 -7.92 -13.56 20.47
CA GLY D 32 -8.33 -12.41 19.66
C GLY D 32 -7.63 -12.41 18.31
N ALA D 33 -7.51 -13.59 17.71
CA ALA D 33 -6.68 -13.74 16.50
C ALA D 33 -7.31 -13.30 15.14
N ALA D 34 -8.59 -12.96 15.16
CA ALA D 34 -9.35 -12.82 13.92
C ALA D 34 -9.01 -11.63 13.05
N LYS D 35 -8.74 -10.47 13.64
CA LYS D 35 -8.34 -9.32 12.85
C LYS D 35 -7.18 -8.53 13.42
N ARG D 36 -6.82 -7.47 12.71
CA ARG D 36 -5.87 -6.48 13.17
C ARG D 36 -4.57 -7.08 13.74
N LEU D 37 -4.20 -6.75 14.97
CA LEU D 37 -2.89 -7.18 15.53
C LEU D 37 -2.81 -8.68 15.75
N GLY D 38 -3.86 -9.23 16.36
CA GLY D 38 -3.98 -10.68 16.55
C GLY D 38 -3.82 -11.49 15.28
N ARG D 39 -4.43 -11.02 14.20
CA ARG D 39 -4.27 -11.59 12.86
C ARG D 39 -2.79 -11.59 12.47
N SER D 40 -2.20 -10.39 12.54
CA SER D 40 -0.81 -10.17 12.18
C SER D 40 0.14 -11.07 12.96
N ILE D 41 -0.14 -11.23 14.25
CA ILE D 41 0.66 -12.11 15.11
C ILE D 41 0.51 -13.54 14.64
N ALA D 42 -0.74 -13.93 14.37
CA ALA D 42 -1.05 -15.28 13.89
C ALA D 42 -0.34 -15.57 12.55
N GLU D 43 -0.41 -14.62 11.64
CA GLU D 43 0.23 -14.73 10.35
C GLU D 43 1.74 -14.82 10.50
N GLY D 44 2.30 -13.96 11.35
CA GLY D 44 3.75 -13.89 11.57
C GLY D 44 4.30 -15.18 12.11
N LEU D 45 3.61 -15.72 13.12
CA LEU D 45 4.00 -16.96 13.73
C LEU D 45 3.89 -18.12 12.72
N HIS D 46 2.80 -18.11 11.95
CA HIS D 46 2.59 -19.10 10.90
C HIS D 46 3.73 -19.05 9.87
N ALA D 47 4.18 -17.84 9.51
CA ALA D 47 5.24 -17.65 8.55
C ALA D 47 6.56 -18.19 9.05
N GLU D 48 6.70 -18.34 10.36
CA GLU D 48 7.92 -18.87 10.95
C GLU D 48 7.83 -20.38 11.13
N GLY D 49 6.71 -20.94 10.67
CA GLY D 49 6.49 -22.39 10.70
C GLY D 49 5.60 -22.93 11.80
N TYR D 50 4.98 -22.05 12.58
CA TYR D 50 4.10 -22.45 13.66
C TYR D 50 2.76 -22.95 13.15
N ALA D 51 2.23 -23.97 13.81
CA ALA D 51 0.82 -24.28 13.72
C ALA D 51 0.06 -23.33 14.65
N VAL D 52 -1.03 -22.74 14.18
CA VAL D 52 -1.70 -21.68 14.94
C VAL D 52 -3.12 -22.01 15.34
N CYS D 53 -3.37 -21.98 16.64
CA CYS D 53 -4.72 -22.04 17.16
C CYS D 53 -5.27 -20.63 17.29
N LEU D 54 -6.16 -20.27 16.38
CA LEU D 54 -6.74 -18.94 16.32
C LEU D 54 -7.99 -18.88 17.20
N HIS D 55 -7.90 -18.22 18.36
CA HIS D 55 -9.07 -17.97 19.21
C HIS D 55 -9.80 -16.74 18.74
N TYR D 56 -11.13 -16.75 18.96
CA TYR D 56 -12.03 -15.62 18.66
C TYR D 56 -13.22 -15.65 19.62
N HIS D 57 -13.97 -14.55 19.65
CA HIS D 57 -15.16 -14.47 20.44
C HIS D 57 -16.37 -14.25 19.52
N ARG D 58 -16.45 -13.08 18.89
CA ARG D 58 -17.57 -12.81 18.00
C ARG D 58 -17.20 -13.00 16.54
N SER D 59 -15.96 -12.65 16.17
CA SER D 59 -15.51 -12.60 14.79
C SER D 59 -15.30 -13.99 14.12
N ALA D 60 -16.38 -14.76 14.06
CA ALA D 60 -16.36 -16.12 13.50
C ALA D 60 -15.94 -16.15 12.02
N ALA D 61 -16.54 -15.28 11.23
CA ALA D 61 -16.27 -15.21 9.80
C ALA D 61 -14.80 -14.91 9.47
N GLU D 62 -14.25 -13.89 10.11
CA GLU D 62 -12.88 -13.47 9.84
C GLU D 62 -11.87 -14.51 10.33
N ALA D 63 -12.20 -15.17 11.44
CA ALA D 63 -11.31 -16.20 12.00
C ALA D 63 -11.22 -17.41 11.09
N ASN D 64 -12.38 -17.93 10.69
CA ASN D 64 -12.46 -19.04 9.73
C ASN D 64 -11.87 -18.69 8.38
N ALA D 65 -12.07 -17.45 7.93
CA ALA D 65 -11.47 -16.98 6.69
C ALA D 65 -9.94 -17.03 6.77
N LEU D 66 -9.40 -16.59 7.90
CA LEU D 66 -7.95 -16.60 8.11
C LEU D 66 -7.41 -18.03 8.18
N SER D 67 -8.11 -18.88 8.92
CA SER D 67 -7.71 -20.27 9.07
C SER D 67 -7.61 -20.97 7.72
N ALA D 68 -8.56 -20.67 6.84
CA ALA D 68 -8.57 -21.19 5.49
C ALA D 68 -7.33 -20.76 4.72
N THR D 69 -6.97 -19.50 4.84
CA THR D 69 -5.76 -18.98 4.21
C THR D 69 -4.52 -19.75 4.68
N LEU D 70 -4.32 -19.82 5.99
CA LEU D 70 -3.17 -20.51 6.54
C LEU D 70 -3.14 -21.99 6.19
N ASN D 71 -4.31 -22.64 6.25
CA ASN D 71 -4.42 -24.05 5.87
C ASN D 71 -4.20 -24.27 4.38
N ALA D 72 -4.55 -23.28 3.56
CA ALA D 72 -4.28 -23.36 2.13
C ALA D 72 -2.77 -23.32 1.81
N ARG D 73 -2.02 -22.53 2.56
CA ARG D 73 -0.57 -22.45 2.35
C ARG D 73 0.11 -23.67 2.93
N ARG D 74 -0.42 -24.15 4.06
CA ARG D 74 0.18 -25.29 4.74
C ARG D 74 -0.93 -26.10 5.43
N PRO D 75 -1.17 -27.32 4.95
CA PRO D 75 -2.25 -28.15 5.47
C PRO D 75 -2.09 -28.41 6.95
N ASN D 76 -3.21 -28.38 7.66
CA ASN D 76 -3.25 -28.63 9.13
C ASN D 76 -2.33 -27.72 9.96
N SER D 77 -2.35 -26.43 9.65
CA SER D 77 -1.50 -25.46 10.34
C SER D 77 -2.32 -24.37 11.05
N ALA D 78 -3.63 -24.57 11.12
CA ALA D 78 -4.56 -23.59 11.69
C ALA D 78 -5.87 -24.24 12.06
N ILE D 79 -6.32 -23.98 13.29
CA ILE D 79 -7.70 -24.28 13.71
C ILE D 79 -8.28 -23.01 14.33
N THR D 80 -9.57 -23.03 14.60
CA THR D 80 -10.18 -21.93 15.30
C THR D 80 -11.01 -22.47 16.45
N VAL D 81 -10.94 -21.81 17.61
CA VAL D 81 -11.88 -22.10 18.69
C VAL D 81 -12.48 -20.80 19.21
N GLN D 82 -13.66 -20.93 19.77
CA GLN D 82 -14.45 -19.80 20.19
C GLN D 82 -14.51 -19.74 21.73
N ALA D 83 -14.41 -18.54 22.29
CA ALA D 83 -14.54 -18.38 23.75
C ALA D 83 -14.75 -16.94 24.17
N ASP D 84 -15.71 -16.74 25.06
CA ASP D 84 -15.88 -15.49 25.80
C ASP D 84 -14.87 -15.49 26.94
N LEU D 85 -13.96 -14.51 26.90
CA LEU D 85 -12.87 -14.40 27.89
C LEU D 85 -13.24 -13.44 29.04
N SER D 86 -14.45 -12.90 28.96
CA SER D 86 -15.01 -12.15 30.06
C SER D 86 -15.10 -13.00 31.33
N ASN D 87 -14.88 -12.36 32.48
CA ASN D 87 -14.96 -13.02 33.77
C ASN D 87 -16.42 -13.34 34.16
N VAL D 88 -17.05 -14.20 33.37
CA VAL D 88 -18.40 -14.66 33.68
C VAL D 88 -18.49 -16.18 33.56
N ALA D 89 -19.34 -16.82 34.35
CA ALA D 89 -19.68 -18.20 34.04
C ALA D 89 -20.70 -18.13 32.89
N THR D 90 -20.70 -19.12 32.01
CA THR D 90 -21.69 -19.18 30.90
C THR D 90 -22.85 -20.16 31.19
N ALA D 91 -23.25 -20.97 30.22
CA ALA D 91 -24.23 -22.05 30.45
C ALA D 91 -23.79 -23.34 29.72
N PRO D 92 -24.14 -24.53 30.23
CA PRO D 92 -23.64 -25.79 29.65
C PRO D 92 -24.10 -26.02 28.20
N ALA D 100 -24.10 -26.68 36.74
CA ALA D 100 -22.87 -26.03 36.30
C ALA D 100 -23.07 -25.23 35.03
N PRO D 101 -23.19 -23.91 35.15
CA PRO D 101 -22.62 -23.04 34.16
C PRO D 101 -21.12 -23.32 34.15
N VAL D 102 -20.45 -22.83 33.14
CA VAL D 102 -19.03 -23.03 32.90
C VAL D 102 -18.26 -21.74 33.26
N THR D 103 -17.33 -21.86 34.21
CA THR D 103 -16.48 -20.75 34.66
C THR D 103 -15.43 -20.34 33.60
N LEU D 104 -14.88 -19.14 33.76
CA LEU D 104 -13.80 -18.63 32.90
C LEU D 104 -12.56 -19.51 32.93
N PHE D 105 -12.24 -20.08 34.10
CA PHE D 105 -11.08 -20.95 34.23
C PHE D 105 -11.22 -22.20 33.35
N THR D 106 -12.41 -22.78 33.37
CA THR D 106 -12.74 -23.97 32.56
C THR D 106 -12.57 -23.68 31.07
N ARG D 107 -13.20 -22.60 30.60
CA ARG D 107 -13.08 -22.15 29.21
C ARG D 107 -11.62 -21.96 28.78
N CYS D 108 -10.81 -21.39 29.67
CA CYS D 108 -9.40 -21.12 29.41
C CYS D 108 -8.60 -22.41 29.33
N ALA D 109 -8.87 -23.32 30.28
CA ALA D 109 -8.25 -24.64 30.25
C ALA D 109 -8.56 -25.39 28.94
N GLU D 110 -9.80 -25.27 28.47
CA GLU D 110 -10.24 -25.91 27.24
C GLU D 110 -9.65 -25.29 25.99
N LEU D 111 -9.31 -24.00 26.04
CA LEU D 111 -8.55 -23.36 24.95
C LEU D 111 -7.17 -24.00 24.76
N VAL D 112 -6.42 -24.11 25.84
CA VAL D 112 -5.10 -24.70 25.82
C VAL D 112 -5.21 -26.17 25.42
N ALA D 113 -6.17 -26.88 26.02
CA ALA D 113 -6.41 -28.28 25.72
C ALA D 113 -6.64 -28.54 24.23
N ALA D 114 -7.34 -27.61 23.58
CA ALA D 114 -7.64 -27.70 22.15
C ALA D 114 -6.38 -27.82 21.33
N CYS D 115 -5.29 -27.22 21.81
CA CYS D 115 -3.99 -27.33 21.13
C CYS D 115 -3.40 -28.72 21.32
N TYR D 116 -3.52 -29.23 22.54
CA TYR D 116 -2.96 -30.53 22.86
C TYR D 116 -3.74 -31.66 22.18
N THR D 117 -5.07 -31.57 22.22
CA THR D 117 -5.93 -32.50 21.51
C THR D 117 -5.61 -32.57 20.02
N HIS D 118 -5.43 -31.42 19.38
CA HIS D 118 -5.25 -31.38 17.93
C HIS D 118 -3.84 -31.63 17.43
N TRP D 119 -2.84 -31.10 18.14
CA TRP D 119 -1.46 -31.19 17.70
C TRP D 119 -0.53 -31.84 18.71
N GLY D 120 -1.02 -32.13 19.92
CA GLY D 120 -0.18 -32.74 20.97
C GLY D 120 0.82 -31.80 21.65
N ARG D 121 0.69 -30.50 21.39
CA ARG D 121 1.56 -29.52 22.03
C ARG D 121 1.01 -28.08 22.07
N CYS D 122 1.64 -27.25 22.90
CA CYS D 122 1.42 -25.82 22.91
C CYS D 122 2.69 -25.12 23.37
N ASP D 123 3.40 -24.50 22.43
CA ASP D 123 4.73 -24.00 22.70
C ASP D 123 4.71 -22.50 23.04
N VAL D 124 3.79 -21.78 22.39
CA VAL D 124 3.66 -20.34 22.51
C VAL D 124 2.23 -19.93 22.83
N LEU D 125 2.07 -19.01 23.78
CA LEU D 125 0.78 -18.40 24.07
C LEU D 125 0.91 -16.90 23.90
N VAL D 126 -0.06 -16.32 23.18
CA VAL D 126 -0.14 -14.86 23.01
C VAL D 126 -1.49 -14.36 23.57
N ASN D 127 -1.41 -13.69 24.72
CA ASN D 127 -2.58 -13.07 25.30
C ASN D 127 -2.81 -11.73 24.61
N ASN D 128 -3.60 -11.78 23.53
CA ASN D 128 -3.81 -10.59 22.70
C ASN D 128 -5.22 -10.04 22.84
N ALA D 129 -6.19 -10.92 23.10
CA ALA D 129 -7.59 -10.52 23.18
C ALA D 129 -7.76 -9.51 24.30
N SER D 130 -8.53 -8.48 24.01
CA SER D 130 -8.67 -7.35 24.90
C SER D 130 -9.88 -6.49 24.48
N SER D 131 -10.80 -6.29 25.40
CA SER D 131 -11.84 -5.27 25.24
C SER D 131 -11.34 -3.90 25.72
N PHE D 132 -11.85 -2.86 25.09
CA PHE D 132 -11.31 -1.50 25.24
C PHE D 132 -12.44 -0.51 24.99
N TYR D 133 -12.97 0.08 26.06
CA TYR D 133 -14.01 1.11 25.98
C TYR D 133 -14.10 1.89 27.31
N PRO D 134 -14.68 3.10 27.29
CA PRO D 134 -14.67 3.99 28.47
C PRO D 134 -15.39 3.47 29.71
N THR D 135 -14.76 3.65 30.87
CA THR D 135 -15.45 3.55 32.15
C THR D 135 -15.17 4.80 32.98
N PRO D 136 -15.85 5.90 32.68
CA PRO D 136 -15.59 7.18 33.35
C PRO D 136 -15.90 7.17 34.84
N LEU D 137 -15.10 7.90 35.61
CA LEU D 137 -15.34 8.09 37.04
C LEU D 137 -16.35 9.23 37.24
N LEU D 138 -16.40 10.17 36.30
CA LEU D 138 -17.37 11.28 36.36
C LEU D 138 -18.30 11.37 35.16
N ARG D 139 -19.48 11.96 35.39
CA ARG D 139 -20.44 12.27 34.33
C ARG D 139 -20.30 13.74 33.86
N ARG D 152 -24.71 1.19 35.64
CA ARG D 152 -24.67 0.44 36.90
C ARG D 152 -25.13 -1.03 36.77
N GLU D 153 -25.50 -1.43 35.56
CA GLU D 153 -25.77 -2.82 35.17
C GLU D 153 -24.76 -3.14 34.07
N ALA D 154 -24.65 -2.19 33.13
CA ALA D 154 -23.66 -2.25 32.08
C ALA D 154 -22.30 -1.87 32.65
N MET D 155 -22.25 -1.84 33.98
CA MET D 155 -21.03 -1.55 34.71
C MET D 155 -20.60 -2.78 35.53
N GLU D 156 -21.57 -3.68 35.74
CA GLU D 156 -21.32 -5.06 36.12
C GLU D 156 -20.48 -5.70 35.02
N THR D 157 -21.02 -5.68 33.80
CA THR D 157 -20.45 -6.41 32.67
C THR D 157 -19.19 -5.76 32.08
N ALA D 158 -19.04 -4.45 32.24
CA ALA D 158 -17.81 -3.77 31.86
C ALA D 158 -16.66 -4.31 32.67
N THR D 159 -16.87 -4.41 33.98
CA THR D 159 -15.86 -4.90 34.91
C THR D 159 -15.42 -6.33 34.59
N ALA D 160 -16.37 -7.18 34.23
CA ALA D 160 -16.07 -8.59 33.97
C ALA D 160 -15.39 -8.75 32.60
N ASP D 161 -15.81 -7.94 31.64
CA ASP D 161 -15.28 -8.00 30.28
C ASP D 161 -13.85 -7.44 30.21
N LEU D 162 -13.68 -6.20 30.64
CA LEU D 162 -12.38 -5.54 30.55
C LEU D 162 -11.36 -6.23 31.43
N PHE D 163 -11.72 -6.58 32.66
CA PHE D 163 -10.83 -7.37 33.51
C PHE D 163 -10.61 -8.83 33.08
N GLY D 164 -11.66 -9.46 32.54
CA GLY D 164 -11.53 -10.82 32.03
C GLY D 164 -10.56 -10.89 30.87
N SER D 165 -10.86 -10.17 29.78
CA SER D 165 -10.07 -10.25 28.57
C SER D 165 -8.63 -9.84 28.77
N ASN D 166 -8.44 -8.74 29.48
CA ASN D 166 -7.15 -8.13 29.61
C ASN D 166 -6.26 -8.73 30.70
N ALA D 167 -6.86 -9.33 31.73
CA ALA D 167 -6.09 -9.76 32.90
C ALA D 167 -6.39 -11.15 33.45
N ILE D 168 -7.66 -11.42 33.76
CA ILE D 168 -8.04 -12.66 34.45
C ILE D 168 -7.86 -13.87 33.55
N ALA D 169 -8.40 -13.78 32.34
CA ALA D 169 -8.27 -14.85 31.37
C ALA D 169 -6.80 -15.17 31.06
N PRO D 170 -6.01 -14.15 30.74
CA PRO D 170 -4.55 -14.36 30.60
C PRO D 170 -3.96 -15.19 31.74
N TYR D 171 -4.31 -14.88 32.98
CA TYR D 171 -3.80 -15.61 34.15
C TYR D 171 -4.18 -17.09 34.10
N PHE D 172 -5.46 -17.36 33.85
CA PHE D 172 -5.94 -18.75 33.75
C PHE D 172 -5.35 -19.46 32.54
N LEU D 173 -5.23 -18.73 31.43
CA LEU D 173 -4.58 -19.28 30.27
C LEU D 173 -3.14 -19.67 30.63
N ILE D 174 -2.43 -18.79 31.32
CA ILE D 174 -1.05 -19.06 31.69
C ILE D 174 -1.00 -20.28 32.60
N LYS D 175 -1.89 -20.33 33.59
CA LYS D 175 -1.93 -21.46 34.48
C LYS D 175 -2.10 -22.77 33.71
N ALA D 176 -3.11 -22.83 32.82
CA ALA D 176 -3.35 -24.00 31.99
C ALA D 176 -2.10 -24.37 31.18
N PHE D 177 -1.56 -23.37 30.47
CA PHE D 177 -0.30 -23.52 29.74
C PHE D 177 0.80 -24.15 30.60
N ALA D 178 0.99 -23.63 31.81
CA ALA D 178 2.04 -24.10 32.71
C ALA D 178 1.84 -25.52 33.25
N HIS D 179 0.61 -25.86 33.60
CA HIS D 179 0.25 -27.23 33.99
C HIS D 179 0.60 -28.22 32.87
N ARG D 180 0.17 -27.94 31.63
CA ARG D 180 0.44 -28.84 30.52
C ARG D 180 1.94 -29.09 30.36
N VAL D 181 2.74 -28.02 30.46
CA VAL D 181 4.18 -28.12 30.34
C VAL D 181 4.73 -28.96 31.50
N ALA D 182 4.37 -28.58 32.71
CA ALA D 182 4.80 -29.32 33.90
C ALA D 182 4.43 -30.79 33.84
N GLY D 183 3.26 -31.08 33.28
CA GLY D 183 2.74 -32.45 33.20
C GLY D 183 3.34 -33.29 32.09
N THR D 184 4.10 -32.66 31.19
CA THR D 184 4.85 -33.41 30.19
C THR D 184 6.16 -33.87 30.84
N PRO D 185 6.55 -35.12 30.63
CA PRO D 185 7.85 -35.61 31.12
C PRO D 185 8.97 -34.81 30.45
N ALA D 186 10.00 -34.42 31.21
CA ALA D 186 11.08 -33.60 30.70
C ALA D 186 11.57 -34.04 29.29
N LYS D 187 11.68 -35.35 29.06
CA LYS D 187 12.11 -35.95 27.77
C LYS D 187 11.43 -35.43 26.49
N HIS D 188 10.14 -35.10 26.58
CA HIS D 188 9.36 -34.74 25.39
C HIS D 188 8.86 -33.28 25.40
N ARG D 189 9.35 -32.49 26.37
CA ARG D 189 9.05 -31.06 26.39
C ARG D 189 9.67 -30.34 25.19
N GLY D 190 9.02 -29.27 24.75
CA GLY D 190 9.58 -28.39 23.73
C GLY D 190 10.81 -27.66 24.24
N THR D 191 11.47 -26.94 23.36
CA THR D 191 12.71 -26.28 23.74
C THR D 191 12.61 -24.77 23.63
N ASN D 192 11.45 -24.25 23.24
CA ASN D 192 11.24 -22.81 23.12
C ASN D 192 9.86 -22.36 23.57
N TYR D 193 9.55 -22.57 24.85
CA TYR D 193 8.29 -22.12 25.44
C TYR D 193 8.27 -20.62 25.66
N SER D 194 7.28 -19.93 25.10
CA SER D 194 7.20 -18.47 25.19
C SER D 194 5.76 -17.94 25.35
N ILE D 195 5.54 -17.07 26.34
CA ILE D 195 4.27 -16.40 26.52
C ILE D 195 4.45 -14.91 26.31
N ILE D 196 3.68 -14.34 25.39
CA ILE D 196 3.68 -12.90 25.13
C ILE D 196 2.36 -12.28 25.60
N ASN D 197 2.44 -11.21 26.39
CA ASN D 197 1.25 -10.46 26.81
C ASN D 197 1.19 -9.13 26.09
N MET D 198 0.13 -8.91 25.33
CA MET D 198 -0.09 -7.62 24.70
C MET D 198 -0.50 -6.61 25.78
N VAL D 199 0.44 -5.73 26.12
CA VAL D 199 0.20 -4.67 27.10
C VAL D 199 -0.02 -3.37 26.36
N ASP D 200 0.29 -2.25 27.01
CA ASP D 200 0.03 -0.93 26.45
C ASP D 200 1.15 0.00 26.85
N ALA D 201 1.80 0.59 25.85
CA ALA D 201 2.92 1.49 26.12
C ALA D 201 2.47 2.81 26.77
N MET D 202 1.20 3.14 26.64
CA MET D 202 0.68 4.44 27.09
C MET D 202 -0.04 4.46 28.45
N THR D 203 -0.10 3.32 29.14
CA THR D 203 -0.90 3.24 30.38
C THR D 203 -0.35 4.02 31.56
N ASN D 204 0.94 4.37 31.50
CA ASN D 204 1.49 5.32 32.48
C ASN D 204 1.04 6.75 32.23
N GLN D 205 0.51 6.99 31.03
CA GLN D 205 -0.05 8.27 30.67
C GLN D 205 -1.49 8.01 30.23
N PRO D 206 -2.37 7.72 31.21
CA PRO D 206 -3.67 7.12 30.94
C PRO D 206 -4.55 7.94 30.01
N LEU D 207 -5.34 7.24 29.20
CA LEU D 207 -6.33 7.88 28.38
C LEU D 207 -7.51 8.21 29.28
N LEU D 208 -7.96 9.46 29.19
CA LEU D 208 -8.99 9.97 30.04
C LEU D 208 -10.30 9.16 29.91
N GLY D 209 -10.73 8.58 31.02
CA GLY D 209 -12.02 7.87 31.09
C GLY D 209 -11.94 6.36 30.91
N TYR D 210 -10.72 5.82 30.83
CA TYR D 210 -10.51 4.40 30.53
C TYR D 210 -9.91 3.64 31.71
N THR D 211 -10.41 3.92 32.91
CA THR D 211 -9.78 3.47 34.15
C THR D 211 -9.70 1.95 34.32
N ILE D 212 -10.81 1.26 34.09
CA ILE D 212 -10.80 -0.18 34.24
C ILE D 212 -9.80 -0.79 33.25
N TYR D 213 -9.84 -0.34 32.00
CA TYR D 213 -8.91 -0.82 30.99
C TYR D 213 -7.47 -0.62 31.44
N THR D 214 -7.14 0.60 31.88
CA THR D 214 -5.79 0.91 32.35
C THR D 214 -5.42 0.01 33.51
N MET D 215 -6.35 -0.15 34.45
CA MET D 215 -6.16 -1.06 35.59
C MET D 215 -5.87 -2.47 35.13
N ALA D 216 -6.68 -2.95 34.19
CA ALA D 216 -6.47 -4.29 33.60
C ALA D 216 -5.07 -4.48 33.01
N LYS D 217 -4.61 -3.52 32.22
CA LYS D 217 -3.25 -3.59 31.68
C LYS D 217 -2.19 -3.54 32.80
N GLY D 218 -2.46 -2.78 33.86
CA GLY D 218 -1.59 -2.78 35.02
C GLY D 218 -1.50 -4.18 35.58
N ALA D 219 -2.66 -4.82 35.69
CA ALA D 219 -2.71 -6.20 36.16
C ALA D 219 -1.88 -7.11 35.25
N LEU D 220 -2.01 -6.90 33.94
CA LEU D 220 -1.32 -7.73 32.97
C LEU D 220 0.21 -7.62 33.09
N GLU D 221 0.71 -6.40 33.28
CA GLU D 221 2.13 -6.17 33.52
C GLU D 221 2.61 -6.93 34.75
N GLY D 222 1.82 -6.88 35.83
CA GLY D 222 2.09 -7.65 37.05
C GLY D 222 2.24 -9.14 36.76
N LEU D 223 1.27 -9.67 36.03
CA LEU D 223 1.25 -11.06 35.59
C LEU D 223 2.52 -11.43 34.81
N THR D 224 2.94 -10.55 33.90
CA THR D 224 4.14 -10.79 33.13
C THR D 224 5.32 -11.03 34.07
N ARG D 225 5.51 -10.15 35.04
CA ARG D 225 6.61 -10.26 35.99
C ARG D 225 6.45 -11.49 36.87
N SER D 226 5.26 -11.67 37.44
CA SER D 226 5.05 -12.77 38.34
C SER D 226 5.26 -14.11 37.62
N ALA D 227 4.58 -14.27 36.50
CA ALA D 227 4.71 -15.49 35.71
C ALA D 227 6.14 -15.78 35.25
N ALA D 228 6.83 -14.76 34.74
CA ALA D 228 8.23 -14.95 34.39
C ALA D 228 9.02 -15.59 35.55
N LEU D 229 8.85 -15.05 36.76
CA LEU D 229 9.57 -15.56 37.92
C LEU D 229 9.18 -16.99 38.33
N GLU D 230 7.89 -17.29 38.33
CA GLU D 230 7.44 -18.61 38.73
C GLU D 230 7.66 -19.70 37.68
N LEU D 231 7.70 -19.32 36.41
CA LEU D 231 7.80 -20.28 35.32
C LEU D 231 9.21 -20.40 34.76
N ALA D 232 10.15 -19.66 35.33
CA ALA D 232 11.56 -19.73 34.91
C ALA D 232 12.12 -21.15 35.03
N PRO D 233 11.83 -21.86 36.12
CA PRO D 233 12.33 -23.25 36.27
C PRO D 233 11.89 -24.19 35.17
N LEU D 234 10.74 -23.92 34.57
CA LEU D 234 10.26 -24.73 33.46
C LEU D 234 10.72 -24.16 32.11
N GLN D 235 11.61 -23.17 32.16
CA GLN D 235 12.10 -22.47 30.97
C GLN D 235 10.98 -21.89 30.12
N ILE D 236 9.92 -21.46 30.76
CA ILE D 236 8.84 -20.75 30.07
C ILE D 236 9.11 -19.26 30.24
N ARG D 237 9.28 -18.56 29.13
CA ARG D 237 9.55 -17.15 29.18
C ARG D 237 8.25 -16.38 29.08
N VAL D 238 8.17 -15.29 29.82
CA VAL D 238 6.97 -14.47 29.83
C VAL D 238 7.38 -13.03 29.59
N ASN D 239 6.95 -12.48 28.47
CA ASN D 239 7.25 -11.10 28.16
C ASN D 239 6.01 -10.35 27.74
N GLY D 240 6.13 -9.02 27.75
CA GLY D 240 5.09 -8.15 27.24
C GLY D 240 5.56 -7.37 26.04
N VAL D 241 4.59 -7.04 25.20
CA VAL D 241 4.78 -6.11 24.10
C VAL D 241 3.67 -5.05 24.22
N GLY D 242 4.08 -3.78 24.23
CA GLY D 242 3.12 -2.68 24.33
C GLY D 242 3.13 -1.74 23.15
N PRO D 243 2.08 -1.79 22.34
CA PRO D 243 1.89 -0.81 21.29
C PRO D 243 1.54 0.54 21.84
N GLY D 244 1.81 1.59 21.06
CA GLY D 244 1.35 2.93 21.36
C GLY D 244 0.06 3.18 20.61
N LEU D 245 0.18 3.53 19.33
CA LEU D 245 -0.94 3.60 18.40
C LEU D 245 -0.67 2.69 17.19
N SER D 246 -1.61 1.78 16.92
CA SER D 246 -1.50 0.81 15.83
C SER D 246 -2.81 0.63 15.09
N VAL D 247 -2.73 0.59 13.77
CA VAL D 247 -3.89 0.33 12.88
C VAL D 247 -5.19 1.08 13.22
N LEU D 248 -5.10 2.40 13.24
CA LEU D 248 -6.22 3.25 13.69
C LEU D 248 -7.36 3.43 12.70
N VAL D 249 -8.55 3.64 13.25
CA VAL D 249 -9.64 4.40 12.63
C VAL D 249 -10.59 4.95 13.70
N GLY D 259 -6.67 13.63 14.46
CA GLY D 259 -6.48 13.26 15.86
C GLY D 259 -5.03 13.04 16.21
N HIS D 260 -4.78 12.14 17.16
CA HIS D 260 -3.45 11.99 17.76
C HIS D 260 -2.41 11.36 16.83
N ARG D 261 -2.76 11.22 15.55
CA ARG D 261 -1.86 10.63 14.55
C ARG D 261 -0.53 11.38 14.44
N SER D 262 -0.66 12.70 14.35
CA SER D 262 0.43 13.65 14.18
C SER D 262 1.36 13.87 15.40
N LYS D 263 0.99 13.29 16.55
CA LYS D 263 1.71 13.53 17.80
C LYS D 263 2.70 12.39 18.15
N VAL D 264 2.83 11.45 17.23
CA VAL D 264 3.82 10.37 17.34
C VAL D 264 5.13 10.84 16.75
N PRO D 265 6.17 11.00 17.57
CA PRO D 265 7.40 11.65 17.12
C PRO D 265 8.01 10.96 15.89
N LEU D 266 8.15 9.64 15.96
CA LEU D 266 8.73 8.88 14.85
C LEU D 266 7.70 8.58 13.76
N TYR D 267 7.87 9.25 12.61
CA TYR D 267 7.03 9.11 11.39
C TYR D 267 5.71 9.86 11.41
N GLN D 268 5.30 10.37 12.57
CA GLN D 268 3.99 11.01 12.78
C GLN D 268 2.81 10.17 12.24
N ARG D 269 2.82 8.88 12.55
CA ARG D 269 1.72 7.99 12.19
C ARG D 269 1.63 6.88 13.20
N ASP D 270 0.46 6.26 13.28
CA ASP D 270 0.30 5.01 14.03
C ASP D 270 1.08 3.92 13.31
N SER D 271 1.36 2.81 13.99
CA SER D 271 2.10 1.73 13.35
C SER D 271 1.21 0.90 12.41
N SER D 272 1.83 0.02 11.63
CA SER D 272 1.13 -1.05 10.94
C SER D 272 1.06 -2.26 11.86
N ALA D 273 0.19 -3.21 11.52
CA ALA D 273 0.09 -4.44 12.31
C ALA D 273 1.42 -5.21 12.39
N ALA D 274 2.13 -5.28 11.26
CA ALA D 274 3.40 -5.99 11.18
C ALA D 274 4.45 -5.33 12.10
N GLU D 275 4.49 -4.01 12.10
CA GLU D 275 5.43 -3.27 12.96
C GLU D 275 5.34 -3.69 14.44
N VAL D 276 4.18 -4.21 14.85
CA VAL D 276 4.01 -4.74 16.20
C VAL D 276 4.27 -6.25 16.26
N SER D 277 3.71 -6.99 15.30
CA SER D 277 3.77 -8.48 15.35
C SER D 277 5.19 -9.01 15.16
N ASP D 278 6.00 -8.32 14.36
CA ASP D 278 7.41 -8.66 14.20
C ASP D 278 8.17 -8.67 15.53
N VAL D 279 7.76 -7.81 16.46
CA VAL D 279 8.39 -7.78 17.76
C VAL D 279 7.96 -9.01 18.56
N VAL D 280 6.66 -9.29 18.53
CA VAL D 280 6.11 -10.48 19.17
C VAL D 280 6.82 -11.74 18.67
N ILE D 281 6.91 -11.86 17.34
CA ILE D 281 7.54 -13.00 16.72
C ILE D 281 9.03 -13.09 17.09
N PHE D 282 9.73 -11.96 17.13
CA PHE D 282 11.12 -12.00 17.56
C PHE D 282 11.26 -12.51 19.00
N LEU D 283 10.41 -12.03 19.91
CA LEU D 283 10.46 -12.44 21.31
C LEU D 283 10.18 -13.93 21.49
N CYS D 284 9.43 -14.50 20.55
CA CYS D 284 9.10 -15.92 20.57
C CYS D 284 10.21 -16.77 20.00
N SER D 285 11.06 -16.17 19.16
CA SER D 285 12.21 -16.88 18.58
C SER D 285 13.27 -17.26 19.63
N SER D 286 14.03 -18.31 19.33
CA SER D 286 15.09 -18.79 20.24
C SER D 286 16.26 -17.81 20.36
N LYS D 287 16.39 -16.90 19.40
CA LYS D 287 17.28 -15.75 19.52
C LYS D 287 17.01 -14.89 20.78
N ALA D 288 15.76 -14.85 21.22
CA ALA D 288 15.38 -14.06 22.36
C ALA D 288 15.30 -14.89 23.63
N LYS D 289 16.05 -16.02 23.63
CA LYS D 289 15.88 -17.04 24.65
C LYS D 289 16.35 -16.67 26.08
N TYR D 290 17.03 -15.54 26.22
CA TYR D 290 17.44 -15.03 27.54
C TYR D 290 16.55 -13.88 28.06
N ILE D 291 15.65 -13.37 27.21
CA ILE D 291 14.67 -12.33 27.59
C ILE D 291 13.48 -12.96 28.29
N THR D 292 13.18 -12.48 29.49
CA THR D 292 11.97 -12.85 30.22
C THR D 292 11.64 -11.79 31.27
N GLY D 293 10.36 -11.59 31.51
CA GLY D 293 9.88 -10.63 32.50
C GLY D 293 9.96 -9.18 32.08
N THR D 294 10.13 -8.93 30.79
CA THR D 294 10.28 -7.55 30.33
C THR D 294 9.15 -7.16 29.40
N CYS D 295 8.87 -5.86 29.34
CA CYS D 295 7.89 -5.32 28.42
C CYS D 295 8.58 -4.41 27.41
N VAL D 296 8.31 -4.67 26.12
CA VAL D 296 8.91 -3.88 25.08
C VAL D 296 7.88 -2.95 24.46
N LYS D 297 8.14 -1.64 24.58
CA LYS D 297 7.33 -0.61 23.95
C LYS D 297 7.55 -0.58 22.45
N VAL D 298 6.46 -0.67 21.69
CA VAL D 298 6.52 -0.50 20.24
C VAL D 298 5.62 0.69 19.92
N ASP D 299 6.14 1.91 20.11
CA ASP D 299 5.28 3.09 20.15
C ASP D 299 5.79 4.33 19.41
N GLY D 300 6.86 4.20 18.65
CA GLY D 300 7.37 5.33 17.87
C GLY D 300 7.74 6.53 18.72
N GLY D 301 8.01 6.30 19.98
CA GLY D 301 8.41 7.37 20.89
C GLY D 301 7.26 8.15 21.49
N TYR D 302 6.05 7.63 21.32
CA TYR D 302 4.85 8.30 21.87
C TYR D 302 4.87 8.47 23.40
N SER D 303 5.34 7.46 24.12
CA SER D 303 5.42 7.52 25.59
C SER D 303 6.39 8.60 26.13
N LEU D 304 7.23 9.13 25.24
CA LEU D 304 8.20 10.15 25.59
C LEU D 304 7.59 11.56 25.49
N THR D 305 6.39 11.67 24.96
CA THR D 305 5.74 12.97 24.84
C THR D 305 5.03 13.42 26.12
N ARG D 306 4.67 14.71 26.13
CA ARG D 306 3.96 15.35 27.24
C ARG D 306 3.02 16.39 26.62
N ALA D 307 1.99 16.80 27.37
CA ALA D 307 1.00 17.77 26.89
C ALA D 307 1.62 19.15 26.63
N VAL E 25 -22.57 -1.48 0.67
CA VAL E 25 -22.00 -2.75 0.11
C VAL E 25 -22.58 -3.14 -1.28
N PRO E 26 -21.70 -3.11 -2.27
CA PRO E 26 -22.07 -3.21 -3.68
C PRO E 26 -22.47 -4.62 -4.14
N VAL E 27 -23.37 -4.69 -5.11
CA VAL E 27 -23.93 -5.97 -5.57
C VAL E 27 -23.62 -6.27 -7.04
N ALA E 28 -23.20 -7.49 -7.31
CA ALA E 28 -22.86 -7.94 -8.63
C ALA E 28 -23.76 -9.11 -9.02
N LEU E 29 -24.21 -9.11 -10.28
CA LEU E 29 -24.88 -10.25 -10.94
C LEU E 29 -23.95 -10.85 -11.98
N VAL E 30 -23.67 -12.12 -11.81
CA VAL E 30 -22.74 -12.82 -12.70
C VAL E 30 -23.51 -13.99 -13.31
N THR E 31 -23.65 -14.00 -14.64
CA THR E 31 -24.32 -15.13 -15.31
C THR E 31 -23.31 -16.22 -15.53
N GLY E 32 -23.77 -17.47 -15.64
CA GLY E 32 -22.89 -18.63 -15.76
C GLY E 32 -21.81 -18.67 -14.69
N ALA E 33 -22.19 -18.40 -13.44
CA ALA E 33 -21.24 -18.21 -12.36
C ALA E 33 -20.72 -19.48 -11.65
N ALA E 34 -21.29 -20.64 -12.00
CA ALA E 34 -21.07 -21.88 -11.25
C ALA E 34 -19.67 -22.47 -11.32
N LYS E 35 -19.01 -22.42 -12.46
CA LYS E 35 -17.65 -22.94 -12.51
C LYS E 35 -16.76 -22.11 -13.41
N ARG E 36 -15.49 -22.48 -13.48
CA ARG E 36 -14.48 -21.89 -14.40
C ARG E 36 -14.41 -20.35 -14.29
N LEU E 37 -14.49 -19.63 -15.42
CA LEU E 37 -14.30 -18.17 -15.40
C LEU E 37 -15.35 -17.41 -14.60
N GLY E 38 -16.61 -17.81 -14.75
CA GLY E 38 -17.68 -17.18 -14.01
C GLY E 38 -17.53 -17.34 -12.51
N ARG E 39 -17.04 -18.50 -12.08
CA ARG E 39 -16.72 -18.74 -10.66
C ARG E 39 -15.60 -17.77 -10.24
N SER E 40 -14.49 -17.78 -10.95
CA SER E 40 -13.40 -16.85 -10.71
C SER E 40 -13.84 -15.37 -10.65
N ILE E 41 -14.69 -14.94 -11.60
CA ILE E 41 -15.24 -13.56 -11.58
C ILE E 41 -16.02 -13.32 -10.31
N ALA E 42 -16.89 -14.27 -9.96
CA ALA E 42 -17.72 -14.16 -8.77
C ALA E 42 -16.86 -14.07 -7.51
N GLU E 43 -15.85 -14.94 -7.43
CA GLU E 43 -14.93 -14.98 -6.29
C GLU E 43 -14.16 -13.68 -6.21
N GLY E 44 -13.65 -13.24 -7.36
CA GLY E 44 -12.91 -11.97 -7.46
C GLY E 44 -13.72 -10.80 -6.97
N LEU E 45 -14.94 -10.69 -7.47
CA LEU E 45 -15.83 -9.60 -7.05
C LEU E 45 -16.13 -9.68 -5.57
N HIS E 46 -16.41 -10.88 -5.09
CA HIS E 46 -16.67 -11.13 -3.67
C HIS E 46 -15.48 -10.74 -2.79
N ALA E 47 -14.26 -11.01 -3.26
CA ALA E 47 -13.04 -10.60 -2.54
C ALA E 47 -12.84 -9.09 -2.46
N GLU E 48 -13.45 -8.33 -3.38
CA GLU E 48 -13.40 -6.88 -3.34
C GLU E 48 -14.54 -6.31 -2.53
N GLY E 49 -15.37 -7.19 -1.95
CA GLY E 49 -16.44 -6.76 -1.03
C GLY E 49 -17.85 -6.80 -1.58
N TYR E 50 -18.00 -7.20 -2.85
CA TYR E 50 -19.31 -7.31 -3.49
C TYR E 50 -20.15 -8.46 -2.94
N ALA E 51 -21.44 -8.19 -2.78
CA ALA E 51 -22.43 -9.27 -2.65
C ALA E 51 -22.69 -9.82 -4.05
N VAL E 52 -22.79 -11.14 -4.18
CA VAL E 52 -22.85 -11.73 -5.51
C VAL E 52 -24.11 -12.54 -5.76
N CYS E 53 -24.86 -12.15 -6.78
CA CYS E 53 -25.93 -13.00 -7.28
C CYS E 53 -25.35 -13.94 -8.33
N LEU E 54 -25.18 -15.21 -7.96
CA LEU E 54 -24.60 -16.23 -8.84
C LEU E 54 -25.70 -16.88 -9.69
N HIS E 55 -25.66 -16.64 -11.00
CA HIS E 55 -26.63 -17.26 -11.90
C HIS E 55 -26.10 -18.55 -12.53
N TYR E 56 -27.00 -19.50 -12.71
CA TYR E 56 -26.69 -20.79 -13.32
C TYR E 56 -27.87 -21.28 -14.16
N HIS E 57 -27.60 -22.26 -15.01
CA HIS E 57 -28.65 -22.90 -15.79
C HIS E 57 -28.76 -24.35 -15.38
N ARG E 58 -27.73 -25.13 -15.69
CA ARG E 58 -27.70 -26.55 -15.41
C ARG E 58 -26.82 -26.95 -14.21
N SER E 59 -25.92 -26.07 -13.76
CA SER E 59 -24.94 -26.46 -12.72
C SER E 59 -25.40 -26.06 -11.33
N ALA E 60 -26.47 -26.69 -10.86
CA ALA E 60 -27.08 -26.34 -9.57
C ALA E 60 -26.15 -26.63 -8.40
N ALA E 61 -25.58 -27.83 -8.39
CA ALA E 61 -24.71 -28.29 -7.31
C ALA E 61 -23.53 -27.36 -7.15
N GLU E 62 -22.90 -27.08 -8.28
CA GLU E 62 -21.68 -26.28 -8.31
C GLU E 62 -21.94 -24.83 -7.83
N ALA E 63 -23.12 -24.30 -8.17
CA ALA E 63 -23.51 -22.93 -7.84
C ALA E 63 -23.83 -22.77 -6.35
N ASN E 64 -24.68 -23.67 -5.85
CA ASN E 64 -24.97 -23.75 -4.43
C ASN E 64 -23.74 -24.02 -3.55
N ALA E 65 -22.84 -24.89 -4.01
CA ALA E 65 -21.59 -25.13 -3.30
C ALA E 65 -20.76 -23.85 -3.19
N LEU E 66 -20.66 -23.11 -4.30
CA LEU E 66 -19.96 -21.83 -4.33
C LEU E 66 -20.57 -20.79 -3.38
N SER E 67 -21.89 -20.66 -3.45
CA SER E 67 -22.65 -19.72 -2.62
C SER E 67 -22.41 -19.96 -1.13
N ALA E 68 -22.40 -21.24 -0.74
CA ALA E 68 -22.08 -21.66 0.65
C ALA E 68 -20.68 -21.20 1.07
N THR E 69 -19.70 -21.40 0.19
CA THR E 69 -18.35 -20.89 0.42
C THR E 69 -18.37 -19.40 0.70
N LEU E 70 -18.85 -18.60 -0.27
CA LEU E 70 -18.94 -17.14 -0.12
C LEU E 70 -19.73 -16.71 1.13
N ASN E 71 -20.88 -17.33 1.34
CA ASN E 71 -21.67 -17.02 2.53
C ASN E 71 -20.98 -17.39 3.85
N ALA E 72 -20.16 -18.45 3.82
CA ALA E 72 -19.37 -18.85 5.00
C ALA E 72 -18.30 -17.80 5.33
N ARG E 73 -17.71 -17.21 4.29
CA ARG E 73 -16.67 -16.19 4.47
C ARG E 73 -17.24 -14.84 4.85
N ARG E 74 -18.52 -14.62 4.48
CA ARG E 74 -19.23 -13.37 4.74
C ARG E 74 -20.74 -13.61 4.61
N PRO E 75 -21.46 -13.56 5.73
CA PRO E 75 -22.88 -13.88 5.76
C PRO E 75 -23.69 -12.98 4.83
N ASN E 76 -24.68 -13.59 4.16
CA ASN E 76 -25.55 -12.89 3.19
C ASN E 76 -24.80 -12.15 2.06
N SER E 77 -23.80 -12.81 1.46
CA SER E 77 -23.00 -12.19 0.43
C SER E 77 -23.12 -12.91 -0.90
N ALA E 78 -24.05 -13.85 -0.96
CA ALA E 78 -24.23 -14.68 -2.15
C ALA E 78 -25.60 -15.36 -2.17
N ILE E 79 -26.27 -15.29 -3.31
CA ILE E 79 -27.47 -16.09 -3.58
C ILE E 79 -27.28 -16.84 -4.90
N THR E 80 -28.09 -17.88 -5.15
CA THR E 80 -28.21 -18.55 -6.49
C THR E 80 -29.51 -18.19 -7.17
N VAL E 81 -29.47 -18.13 -8.50
CA VAL E 81 -30.65 -17.84 -9.30
C VAL E 81 -30.62 -18.60 -10.62
N GLN E 82 -31.62 -19.44 -10.87
CA GLN E 82 -31.61 -20.32 -12.04
C GLN E 82 -32.36 -19.73 -13.26
N ALA E 83 -31.80 -19.91 -14.45
CA ALA E 83 -32.44 -19.41 -15.68
C ALA E 83 -31.77 -19.91 -16.94
N ASP E 84 -32.62 -20.35 -17.86
CA ASP E 84 -32.24 -20.67 -19.24
C ASP E 84 -32.19 -19.34 -20.00
N LEU E 85 -31.02 -19.00 -20.51
CA LEU E 85 -30.80 -17.75 -21.20
C LEU E 85 -30.89 -17.92 -22.72
N SER E 86 -31.30 -19.10 -23.13
CA SER E 86 -31.58 -19.36 -24.52
C SER E 86 -32.79 -18.54 -24.96
N ASN E 87 -32.81 -18.20 -26.24
CA ASN E 87 -33.89 -17.39 -26.80
C ASN E 87 -35.15 -18.20 -27.06
N VAL E 88 -35.71 -18.75 -25.98
CA VAL E 88 -36.95 -19.54 -26.05
C VAL E 88 -37.93 -19.10 -24.97
N ALA E 89 -39.20 -19.29 -25.26
CA ALA E 89 -40.24 -19.18 -24.25
C ALA E 89 -40.24 -20.41 -23.35
N THR E 90 -40.15 -20.21 -22.04
CA THR E 90 -40.16 -21.35 -21.10
C THR E 90 -41.59 -21.66 -20.64
N ALA E 91 -41.71 -22.77 -19.91
CA ALA E 91 -42.96 -23.17 -19.23
C ALA E 91 -43.41 -22.10 -18.23
N PRO E 92 -44.73 -21.98 -18.01
CA PRO E 92 -45.33 -21.23 -16.87
C PRO E 92 -44.46 -21.09 -15.59
N ALA E 100 -49.90 -19.26 -20.37
CA ALA E 100 -49.00 -18.12 -20.61
C ALA E 100 -47.51 -18.51 -20.46
N PRO E 101 -46.78 -18.60 -21.60
CA PRO E 101 -45.34 -18.95 -21.63
C PRO E 101 -44.36 -17.78 -21.43
N VAL E 102 -43.34 -18.04 -20.60
CA VAL E 102 -42.41 -17.01 -20.12
C VAL E 102 -41.31 -16.74 -21.14
N THR E 103 -41.26 -15.51 -21.62
CA THR E 103 -40.27 -15.09 -22.62
C THR E 103 -38.88 -14.93 -22.01
N LEU E 104 -37.84 -14.87 -22.86
CA LEU E 104 -36.45 -14.58 -22.42
C LEU E 104 -36.32 -13.21 -21.71
N PHE E 105 -37.05 -12.21 -22.21
CA PHE E 105 -37.01 -10.88 -21.63
C PHE E 105 -37.49 -10.87 -20.17
N THR E 106 -38.60 -11.56 -19.91
CA THR E 106 -39.15 -11.72 -18.57
C THR E 106 -38.15 -12.40 -17.63
N ARG E 107 -37.59 -13.54 -18.06
CA ARG E 107 -36.59 -14.26 -17.26
C ARG E 107 -35.42 -13.37 -16.87
N CYS E 108 -34.93 -12.60 -17.86
CA CYS E 108 -33.85 -11.65 -17.69
C CYS E 108 -34.20 -10.54 -16.69
N ALA E 109 -35.36 -9.91 -16.87
CA ALA E 109 -35.86 -8.90 -15.91
C ALA E 109 -35.90 -9.45 -14.50
N GLU E 110 -36.34 -10.70 -14.37
CA GLU E 110 -36.43 -11.39 -13.06
C GLU E 110 -35.09 -11.74 -12.43
N LEU E 111 -34.06 -11.94 -13.27
CA LEU E 111 -32.69 -12.06 -12.77
C LEU E 111 -32.23 -10.80 -12.05
N VAL E 112 -32.39 -9.65 -12.73
CA VAL E 112 -31.98 -8.37 -12.20
C VAL E 112 -32.83 -8.02 -10.98
N ALA E 113 -34.14 -8.31 -11.06
CA ALA E 113 -35.05 -8.08 -9.93
C ALA E 113 -34.64 -8.84 -8.68
N ALA E 114 -34.15 -10.07 -8.85
CA ALA E 114 -33.67 -10.89 -7.74
C ALA E 114 -32.59 -10.20 -6.89
N CYS E 115 -31.79 -9.35 -7.52
CA CYS E 115 -30.77 -8.58 -6.80
C CYS E 115 -31.45 -7.48 -6.00
N TYR E 116 -32.39 -6.78 -6.63
CA TYR E 116 -33.09 -5.67 -5.96
C TYR E 116 -33.97 -6.15 -4.82
N THR E 117 -34.71 -7.23 -5.07
CA THR E 117 -35.50 -7.89 -4.01
C THR E 117 -34.63 -8.25 -2.79
N HIS E 118 -33.47 -8.87 -3.03
CA HIS E 118 -32.67 -9.40 -1.93
C HIS E 118 -31.76 -8.38 -1.26
N TRP E 119 -31.12 -7.53 -2.06
CA TRP E 119 -30.17 -6.54 -1.54
C TRP E 119 -30.55 -5.08 -1.78
N GLY E 120 -31.59 -4.85 -2.58
CA GLY E 120 -32.05 -3.49 -2.87
C GLY E 120 -31.16 -2.75 -3.83
N ARG E 121 -30.26 -3.46 -4.50
CA ARG E 121 -29.40 -2.85 -5.50
C ARG E 121 -28.81 -3.82 -6.54
N CYS E 122 -28.25 -3.25 -7.61
CA CYS E 122 -27.48 -4.00 -8.56
C CYS E 122 -26.49 -3.07 -9.22
N ASP E 123 -25.23 -3.14 -8.81
CA ASP E 123 -24.22 -2.17 -9.22
C ASP E 123 -23.41 -2.63 -10.44
N VAL E 124 -23.23 -3.94 -10.54
CA VAL E 124 -22.39 -4.56 -11.57
C VAL E 124 -23.11 -5.75 -12.19
N LEU E 125 -23.06 -5.82 -13.52
CA LEU E 125 -23.58 -6.98 -14.26
C LEU E 125 -22.45 -7.53 -15.09
N VAL E 126 -22.26 -8.85 -15.01
CA VAL E 126 -21.29 -9.56 -15.85
C VAL E 126 -22.01 -10.58 -16.72
N ASN E 127 -22.08 -10.30 -18.03
CA ASN E 127 -22.61 -11.23 -19.01
C ASN E 127 -21.52 -12.22 -19.36
N ASN E 128 -21.49 -13.30 -18.60
CA ASN E 128 -20.47 -14.35 -18.75
C ASN E 128 -21.02 -15.63 -19.36
N ALA E 129 -22.28 -15.95 -19.05
CA ALA E 129 -22.90 -17.18 -19.56
C ALA E 129 -22.82 -17.21 -21.07
N SER E 130 -22.45 -18.37 -21.60
CA SER E 130 -22.24 -18.53 -23.03
C SER E 130 -22.17 -20.00 -23.38
N SER E 131 -23.03 -20.42 -24.31
CA SER E 131 -22.88 -21.75 -24.91
C SER E 131 -21.91 -21.68 -26.08
N PHE E 132 -21.23 -22.79 -26.34
CA PHE E 132 -20.13 -22.80 -27.31
C PHE E 132 -19.98 -24.20 -27.89
N TYR E 133 -20.40 -24.37 -29.15
CA TYR E 133 -20.32 -25.64 -29.87
C TYR E 133 -20.48 -25.42 -31.40
N PRO E 134 -20.03 -26.38 -32.21
CA PRO E 134 -20.00 -26.22 -33.68
C PRO E 134 -21.35 -26.05 -34.38
N THR E 135 -21.42 -25.12 -35.34
CA THR E 135 -22.53 -25.05 -36.29
C THR E 135 -21.99 -24.96 -37.71
N PRO E 136 -21.50 -26.08 -38.25
CA PRO E 136 -20.79 -26.08 -39.53
C PRO E 136 -21.69 -25.63 -40.69
N LEU E 137 -21.11 -24.95 -41.69
CA LEU E 137 -21.84 -24.65 -42.95
C LEU E 137 -21.74 -25.75 -44.02
N LEU E 138 -20.68 -26.55 -43.96
CA LEU E 138 -20.55 -27.73 -44.80
C LEU E 138 -20.73 -28.91 -43.88
N ARG E 139 -21.40 -29.96 -44.34
CA ARG E 139 -21.57 -31.15 -43.49
C ARG E 139 -20.46 -32.21 -43.73
N ASN E 140 -19.37 -31.76 -44.36
CA ASN E 140 -18.15 -32.59 -44.50
C ASN E 140 -16.87 -31.74 -44.37
N GLY E 150 -34.33 -34.89 -34.80
CA GLY E 150 -33.12 -35.03 -35.59
C GLY E 150 -32.47 -33.70 -35.95
N ASP E 151 -32.88 -33.16 -37.10
CA ASP E 151 -32.23 -31.99 -37.68
C ASP E 151 -32.90 -30.68 -37.30
N ARG E 152 -34.03 -30.39 -37.92
CA ARG E 152 -34.68 -29.11 -37.72
C ARG E 152 -34.41 -28.72 -36.28
N GLU E 153 -34.88 -29.54 -35.34
CA GLU E 153 -34.68 -29.32 -33.90
C GLU E 153 -33.25 -28.89 -33.58
N ALA E 154 -32.27 -29.74 -33.88
CA ALA E 154 -30.87 -29.40 -33.59
C ALA E 154 -30.47 -27.97 -34.01
N MET E 155 -30.82 -27.58 -35.25
CA MET E 155 -30.55 -26.25 -35.78
C MET E 155 -31.42 -25.15 -35.17
N GLU E 156 -32.72 -25.41 -34.99
CA GLU E 156 -33.57 -24.41 -34.32
C GLU E 156 -33.13 -24.11 -32.87
N THR E 157 -32.67 -25.11 -32.13
CA THR E 157 -32.27 -24.90 -30.74
C THR E 157 -30.83 -24.42 -30.59
N ALA E 158 -29.97 -24.75 -31.55
CA ALA E 158 -28.60 -24.21 -31.53
C ALA E 158 -28.65 -22.69 -31.68
N THR E 159 -29.43 -22.24 -32.65
CA THR E 159 -29.61 -20.81 -32.96
C THR E 159 -30.13 -20.05 -31.76
N ALA E 160 -31.08 -20.64 -31.04
CA ALA E 160 -31.70 -19.97 -29.91
C ALA E 160 -30.74 -19.91 -28.71
N ASP E 161 -30.02 -21.01 -28.51
CA ASP E 161 -29.13 -21.16 -27.38
C ASP E 161 -27.87 -20.31 -27.53
N LEU E 162 -27.17 -20.51 -28.65
CA LEU E 162 -25.96 -19.73 -28.93
C LEU E 162 -26.23 -18.23 -29.00
N PHE E 163 -27.27 -17.84 -29.74
CA PHE E 163 -27.63 -16.41 -29.79
C PHE E 163 -28.24 -15.88 -28.49
N GLY E 164 -28.97 -16.72 -27.77
CA GLY E 164 -29.53 -16.28 -26.52
C GLY E 164 -28.45 -15.96 -25.50
N SER E 165 -27.68 -16.98 -25.17
CA SER E 165 -26.74 -16.92 -24.08
C SER E 165 -25.72 -15.85 -24.37
N ASN E 166 -25.24 -15.81 -25.60
CA ASN E 166 -24.14 -14.92 -25.97
C ASN E 166 -24.52 -13.48 -26.30
N ALA E 167 -25.75 -13.25 -26.74
CA ALA E 167 -26.12 -11.94 -27.27
C ALA E 167 -27.47 -11.41 -26.83
N ILE E 168 -28.53 -12.18 -27.07
CA ILE E 168 -29.88 -11.67 -26.83
C ILE E 168 -30.13 -11.45 -25.37
N ALA E 169 -29.85 -12.44 -24.53
CA ALA E 169 -30.07 -12.30 -23.07
C ALA E 169 -29.24 -11.14 -22.50
N PRO E 170 -27.92 -11.06 -22.80
CA PRO E 170 -27.13 -9.88 -22.42
C PRO E 170 -27.84 -8.55 -22.71
N TYR E 171 -28.40 -8.41 -23.91
CA TYR E 171 -29.19 -7.21 -24.27
C TYR E 171 -30.37 -6.92 -23.34
N PHE E 172 -31.17 -7.96 -23.06
CA PHE E 172 -32.30 -7.84 -22.13
C PHE E 172 -31.84 -7.64 -20.69
N LEU E 173 -30.77 -8.32 -20.30
CA LEU E 173 -30.18 -8.12 -19.00
C LEU E 173 -29.79 -6.68 -18.87
N ILE E 174 -29.06 -6.16 -19.84
CA ILE E 174 -28.65 -4.75 -19.81
C ILE E 174 -29.86 -3.81 -19.75
N LYS E 175 -30.89 -4.10 -20.53
CA LYS E 175 -32.08 -3.28 -20.48
C LYS E 175 -32.65 -3.25 -19.08
N ALA E 176 -32.83 -4.41 -18.47
CA ALA E 176 -33.40 -4.46 -17.11
C ALA E 176 -32.52 -3.70 -16.12
N PHE E 177 -31.22 -3.94 -16.20
CA PHE E 177 -30.21 -3.26 -15.39
C PHE E 177 -30.35 -1.74 -15.51
N ALA E 178 -30.56 -1.26 -16.75
CA ALA E 178 -30.60 0.18 -17.04
C ALA E 178 -31.92 0.79 -16.59
N HIS E 179 -33.01 0.09 -16.87
CA HIS E 179 -34.32 0.61 -16.54
C HIS E 179 -34.33 0.82 -15.04
N ARG E 180 -33.63 -0.07 -14.34
CA ARG E 180 -33.63 -0.13 -12.87
C ARG E 180 -32.87 1.02 -12.24
N VAL E 181 -31.65 1.26 -12.73
CA VAL E 181 -30.85 2.42 -12.38
C VAL E 181 -31.59 3.73 -12.70
N ALA E 182 -32.12 3.84 -13.92
CA ALA E 182 -32.93 5.01 -14.33
C ALA E 182 -34.11 5.26 -13.39
N GLY E 183 -34.74 4.18 -12.93
CA GLY E 183 -35.89 4.28 -12.00
C GLY E 183 -35.56 4.60 -10.55
N THR E 184 -34.28 4.56 -10.19
CA THR E 184 -33.85 5.01 -8.87
C THR E 184 -33.66 6.52 -8.94
N PRO E 185 -34.17 7.26 -7.94
CA PRO E 185 -33.98 8.71 -7.87
C PRO E 185 -32.51 9.00 -7.72
N ALA E 186 -32.03 10.05 -8.40
CA ALA E 186 -30.59 10.34 -8.47
C ALA E 186 -29.88 10.26 -7.11
N LYS E 187 -30.56 10.73 -6.06
CA LYS E 187 -30.00 10.78 -4.68
C LYS E 187 -29.97 9.44 -3.90
N HIS E 188 -30.20 8.33 -4.62
CA HIS E 188 -30.12 6.96 -4.08
C HIS E 188 -29.27 6.05 -4.96
N ARG E 189 -28.85 6.55 -6.11
CA ARG E 189 -28.05 5.75 -7.04
C ARG E 189 -26.64 5.43 -6.52
N GLY E 190 -26.11 4.29 -6.96
CA GLY E 190 -24.73 3.91 -6.68
C GLY E 190 -23.76 4.83 -7.42
N THR E 191 -22.47 4.68 -7.18
CA THR E 191 -21.49 5.59 -7.77
C THR E 191 -20.51 4.86 -8.67
N ASN E 192 -20.67 3.55 -8.82
CA ASN E 192 -19.78 2.75 -9.65
C ASN E 192 -20.55 1.65 -10.38
N TYR E 193 -21.43 2.06 -11.30
CA TYR E 193 -22.16 1.11 -12.16
C TYR E 193 -21.28 0.62 -13.30
N SER E 194 -21.15 -0.71 -13.42
CA SER E 194 -20.30 -1.31 -14.42
C SER E 194 -20.90 -2.57 -15.05
N ILE E 195 -20.91 -2.66 -16.37
CA ILE E 195 -21.32 -3.88 -17.08
C ILE E 195 -20.14 -4.41 -17.86
N ILE E 196 -19.85 -5.69 -17.69
CA ILE E 196 -18.75 -6.33 -18.39
C ILE E 196 -19.35 -7.41 -19.25
N ASN E 197 -18.95 -7.47 -20.52
CA ASN E 197 -19.37 -8.53 -21.40
C ASN E 197 -18.18 -9.41 -21.71
N MET E 198 -18.28 -10.71 -21.42
CA MET E 198 -17.27 -11.65 -21.84
C MET E 198 -17.37 -11.89 -23.34
N VAL E 199 -16.43 -11.30 -24.07
CA VAL E 199 -16.33 -11.51 -25.51
C VAL E 199 -15.22 -12.50 -25.79
N ASP E 200 -14.59 -12.39 -26.95
CA ASP E 200 -13.65 -13.39 -27.38
C ASP E 200 -12.60 -12.69 -28.18
N ALA E 201 -11.34 -12.79 -27.75
CA ALA E 201 -10.19 -12.17 -28.46
C ALA E 201 -9.91 -12.78 -29.85
N MET E 202 -10.41 -13.98 -30.09
CA MET E 202 -10.07 -14.74 -31.29
C MET E 202 -11.14 -14.73 -32.41
N THR E 203 -12.21 -13.96 -32.21
CA THR E 203 -13.33 -14.00 -33.17
C THR E 203 -13.06 -13.32 -34.50
N ASN E 204 -12.00 -12.53 -34.57
CA ASN E 204 -11.55 -12.03 -35.88
C ASN E 204 -10.78 -13.06 -36.67
N GLN E 205 -10.35 -14.13 -36.00
CA GLN E 205 -9.66 -15.26 -36.61
C GLN E 205 -10.46 -16.48 -36.25
N PRO E 206 -11.64 -16.61 -36.85
CA PRO E 206 -12.66 -17.57 -36.40
C PRO E 206 -12.22 -19.03 -36.37
N LEU E 207 -12.74 -19.75 -35.38
CA LEU E 207 -12.51 -21.16 -35.23
C LEU E 207 -13.39 -21.84 -36.22
N LEU E 208 -12.80 -22.74 -36.99
CA LEU E 208 -13.52 -23.35 -38.09
C LEU E 208 -14.75 -24.14 -37.63
N GLY E 209 -15.92 -23.70 -38.07
CA GLY E 209 -17.18 -24.45 -37.88
C GLY E 209 -18.03 -23.91 -36.75
N TYR E 210 -17.64 -22.76 -36.21
CA TYR E 210 -18.31 -22.17 -35.06
C TYR E 210 -19.03 -20.85 -35.41
N THR E 211 -19.71 -20.84 -36.56
CA THR E 211 -20.18 -19.60 -37.13
C THR E 211 -21.21 -18.88 -36.28
N ILE E 212 -22.19 -19.60 -35.75
CA ILE E 212 -23.21 -18.94 -34.95
C ILE E 212 -22.57 -18.33 -33.71
N TYR E 213 -21.68 -19.10 -33.08
CA TYR E 213 -21.01 -18.62 -31.87
C TYR E 213 -20.26 -17.33 -32.18
N THR E 214 -19.45 -17.36 -33.24
CA THR E 214 -18.68 -16.21 -33.67
C THR E 214 -19.61 -15.04 -33.94
N MET E 215 -20.68 -15.28 -34.71
CA MET E 215 -21.69 -14.28 -34.98
C MET E 215 -22.23 -13.71 -33.69
N ALA E 216 -22.53 -14.57 -32.71
CA ALA E 216 -23.04 -14.09 -31.43
C ALA E 216 -22.05 -13.17 -30.66
N LYS E 217 -20.76 -13.53 -30.67
CA LYS E 217 -19.77 -12.67 -30.02
C LYS E 217 -19.69 -11.36 -30.72
N GLY E 218 -19.79 -11.39 -32.04
CA GLY E 218 -19.85 -10.16 -32.86
C GLY E 218 -20.97 -9.26 -32.41
N ALA E 219 -22.15 -9.85 -32.24
CA ALA E 219 -23.30 -9.14 -31.70
C ALA E 219 -22.97 -8.57 -30.34
N LEU E 220 -22.32 -9.36 -29.49
CA LEU E 220 -22.01 -8.91 -28.13
C LEU E 220 -21.07 -7.69 -28.13
N GLU E 221 -20.06 -7.70 -29.01
CA GLU E 221 -19.22 -6.53 -29.21
C GLU E 221 -20.05 -5.28 -29.58
N GLY E 222 -20.98 -5.44 -30.52
CA GLY E 222 -21.87 -4.36 -30.89
C GLY E 222 -22.62 -3.79 -29.70
N LEU E 223 -23.16 -4.69 -28.89
CA LEU E 223 -23.90 -4.33 -27.68
C LEU E 223 -23.04 -3.50 -26.72
N THR E 224 -21.76 -3.86 -26.60
CA THR E 224 -20.85 -3.17 -25.73
C THR E 224 -20.73 -1.72 -26.15
N ARG E 225 -20.53 -1.52 -27.44
CA ARG E 225 -20.42 -0.17 -27.99
C ARG E 225 -21.75 0.60 -27.86
N SER E 226 -22.83 -0.05 -28.25
CA SER E 226 -24.10 0.62 -28.28
C SER E 226 -24.55 0.97 -26.87
N ALA E 227 -24.46 0.00 -25.96
CA ALA E 227 -24.85 0.27 -24.56
C ALA E 227 -23.97 1.30 -23.86
N ALA E 228 -22.68 1.32 -24.17
CA ALA E 228 -21.80 2.32 -23.55
C ALA E 228 -22.30 3.70 -23.95
N LEU E 229 -22.63 3.86 -25.23
CA LEU E 229 -23.05 5.16 -25.73
C LEU E 229 -24.38 5.58 -25.16
N GLU E 230 -25.33 4.64 -25.08
CA GLU E 230 -26.66 5.00 -24.58
C GLU E 230 -26.74 5.17 -23.07
N LEU E 231 -25.87 4.48 -22.34
CA LEU E 231 -25.96 4.46 -20.88
C LEU E 231 -24.92 5.38 -20.23
N ALA E 232 -24.09 6.03 -21.03
CA ALA E 232 -23.16 7.02 -20.51
C ALA E 232 -23.84 8.08 -19.63
N PRO E 233 -24.98 8.67 -20.05
CA PRO E 233 -25.62 9.71 -19.23
C PRO E 233 -26.00 9.22 -17.83
N LEU E 234 -26.20 7.92 -17.67
CA LEU E 234 -26.53 7.37 -16.36
C LEU E 234 -25.26 6.90 -15.64
N GLN E 235 -24.12 7.20 -16.25
CA GLN E 235 -22.80 6.82 -15.72
C GLN E 235 -22.67 5.29 -15.56
N ILE E 236 -23.33 4.56 -16.44
CA ILE E 236 -23.16 3.12 -16.48
C ILE E 236 -22.14 2.79 -17.56
N ARG E 237 -21.03 2.21 -17.13
CA ARG E 237 -19.96 1.84 -18.06
C ARG E 237 -20.17 0.45 -18.61
N VAL E 238 -19.81 0.28 -19.87
CA VAL E 238 -20.03 -0.98 -20.54
C VAL E 238 -18.74 -1.31 -21.26
N ASN E 239 -18.11 -2.40 -20.82
CA ASN E 239 -16.88 -2.84 -21.45
C ASN E 239 -16.90 -4.31 -21.71
N GLY E 240 -16.04 -4.73 -22.62
CA GLY E 240 -15.82 -6.16 -22.86
C GLY E 240 -14.45 -6.63 -22.47
N VAL E 241 -14.38 -7.90 -22.07
CA VAL E 241 -13.12 -8.60 -21.80
C VAL E 241 -13.11 -9.86 -22.65
N GLY E 242 -12.03 -10.09 -23.38
CA GLY E 242 -11.97 -11.17 -24.34
C GLY E 242 -10.78 -12.07 -24.11
N PRO E 243 -11.03 -13.26 -23.56
CA PRO E 243 -10.01 -14.27 -23.41
C PRO E 243 -9.59 -14.83 -24.77
N GLY E 244 -8.38 -15.39 -24.82
CA GLY E 244 -7.91 -16.15 -25.94
C GLY E 244 -8.15 -17.60 -25.59
N LEU E 245 -7.21 -18.19 -24.86
CA LEU E 245 -7.40 -19.54 -24.32
C LEU E 245 -7.31 -19.51 -22.80
N SER E 246 -8.31 -20.08 -22.14
CA SER E 246 -8.35 -20.08 -20.69
C SER E 246 -8.85 -21.39 -20.14
N VAL E 247 -8.20 -21.85 -19.06
CA VAL E 247 -8.37 -23.21 -18.55
C VAL E 247 -8.85 -24.13 -19.66
N LEU E 248 -7.90 -24.43 -20.53
CA LEU E 248 -8.20 -25.36 -21.60
C LEU E 248 -8.50 -26.72 -20.99
N VAL E 249 -9.66 -27.25 -21.39
CA VAL E 249 -10.11 -28.63 -21.11
C VAL E 249 -9.19 -29.60 -21.85
N ASP E 250 -8.55 -30.51 -21.09
CA ASP E 250 -7.90 -31.67 -21.69
C ASP E 250 -8.85 -32.87 -21.93
N ASP E 251 -9.54 -32.85 -23.07
CA ASP E 251 -10.29 -34.00 -23.60
C ASP E 251 -9.76 -34.42 -24.99
N MET E 252 -8.46 -34.64 -25.09
CA MET E 252 -7.75 -34.95 -26.35
C MET E 252 -6.36 -35.46 -25.97
N PRO E 253 -5.61 -36.14 -26.84
CA PRO E 253 -4.29 -36.60 -26.46
C PRO E 253 -3.45 -35.47 -25.85
N PRO E 254 -2.52 -35.82 -24.97
CA PRO E 254 -1.67 -34.83 -24.31
C PRO E 254 -0.88 -33.96 -25.29
N ALA E 255 -0.22 -34.60 -26.26
CA ALA E 255 0.61 -33.90 -27.21
C ALA E 255 -0.25 -32.96 -28.09
N VAL E 256 -1.48 -33.39 -28.43
CA VAL E 256 -2.47 -32.47 -29.05
C VAL E 256 -2.79 -31.28 -28.10
N TRP E 257 -2.85 -31.54 -26.79
CA TRP E 257 -3.19 -30.52 -25.79
C TRP E 257 -2.16 -29.37 -25.71
N GLU E 258 -0.94 -29.70 -25.29
CA GLU E 258 0.14 -28.68 -25.20
C GLU E 258 0.54 -28.15 -26.59
N GLY E 259 0.50 -29.01 -27.61
CA GLY E 259 0.52 -28.53 -29.00
C GLY E 259 -0.48 -27.39 -29.26
N HIS E 260 -1.52 -27.28 -28.44
CA HIS E 260 -2.53 -26.22 -28.62
C HIS E 260 -2.32 -25.08 -27.65
N ARG E 261 -1.79 -25.36 -26.48
CA ARG E 261 -1.11 -24.32 -25.72
C ARG E 261 -0.04 -23.69 -26.63
N SER E 262 0.84 -24.52 -27.16
CA SER E 262 2.08 -24.08 -27.82
C SER E 262 1.89 -23.10 -28.99
N LYS E 263 0.64 -22.83 -29.33
CA LYS E 263 0.28 -21.83 -30.32
C LYS E 263 0.32 -20.45 -29.70
N VAL E 264 -0.11 -20.32 -28.45
CA VAL E 264 -0.05 -19.02 -27.73
C VAL E 264 1.40 -18.56 -27.49
N PRO E 265 1.74 -17.37 -27.99
CA PRO E 265 3.05 -16.77 -27.79
C PRO E 265 3.45 -16.60 -26.33
N LEU E 266 2.56 -16.08 -25.46
CA LEU E 266 3.00 -15.77 -24.10
C LEU E 266 2.90 -16.93 -23.11
N TYR E 267 4.07 -17.45 -22.70
CA TYR E 267 4.18 -18.54 -21.73
C TYR E 267 3.91 -19.92 -22.36
N GLN E 268 3.41 -19.92 -23.58
CA GLN E 268 3.00 -21.15 -24.28
C GLN E 268 2.00 -21.98 -23.48
N ARG E 269 1.03 -21.30 -22.89
CA ARG E 269 -0.04 -21.93 -22.14
C ARG E 269 -1.33 -21.10 -22.20
N ASP E 270 -2.46 -21.78 -21.99
CA ASP E 270 -3.73 -21.10 -21.81
C ASP E 270 -3.63 -20.38 -20.49
N SER E 271 -4.53 -19.42 -20.24
CA SER E 271 -4.52 -18.68 -18.99
C SER E 271 -5.17 -19.47 -17.86
N SER E 272 -5.05 -18.95 -16.65
CA SER E 272 -5.77 -19.44 -15.50
C SER E 272 -7.02 -18.57 -15.38
N ALA E 273 -7.98 -19.03 -14.59
CA ALA E 273 -9.21 -18.31 -14.46
C ALA E 273 -8.94 -16.90 -13.93
N ALA E 274 -8.13 -16.80 -12.86
CA ALA E 274 -7.77 -15.52 -12.26
C ALA E 274 -7.19 -14.53 -13.26
N GLU E 275 -6.30 -15.02 -14.12
CA GLU E 275 -5.63 -14.20 -15.13
C GLU E 275 -6.64 -13.48 -16.02
N VAL E 276 -7.86 -14.01 -16.07
CA VAL E 276 -8.94 -13.32 -16.77
C VAL E 276 -9.79 -12.51 -15.80
N SER E 277 -10.22 -13.13 -14.70
CA SER E 277 -11.13 -12.42 -13.78
C SER E 277 -10.55 -11.14 -13.17
N ASP E 278 -9.24 -11.13 -12.89
CA ASP E 278 -8.61 -9.92 -12.33
C ASP E 278 -8.80 -8.70 -13.23
N VAL E 279 -8.81 -8.92 -14.55
CA VAL E 279 -9.09 -7.87 -15.52
C VAL E 279 -10.52 -7.40 -15.38
N VAL E 280 -11.45 -8.36 -15.21
CA VAL E 280 -12.88 -8.05 -15.09
C VAL E 280 -13.07 -7.21 -13.86
N ILE E 281 -12.49 -7.69 -12.76
CA ILE E 281 -12.56 -6.97 -11.49
C ILE E 281 -11.90 -5.59 -11.56
N PHE E 282 -10.80 -5.46 -12.29
CA PHE E 282 -10.20 -4.14 -12.45
C PHE E 282 -11.14 -3.18 -13.18
N LEU E 283 -11.74 -3.64 -14.26
CA LEU E 283 -12.63 -2.79 -15.06
C LEU E 283 -13.85 -2.35 -14.28
N CYS E 284 -14.21 -3.17 -13.28
CA CYS E 284 -15.33 -2.86 -12.39
C CYS E 284 -14.96 -1.87 -11.31
N SER E 285 -13.66 -1.73 -11.01
CA SER E 285 -13.21 -0.81 -9.94
C SER E 285 -13.31 0.65 -10.35
N SER E 286 -13.40 1.53 -9.36
CA SER E 286 -13.54 2.96 -9.62
C SER E 286 -12.29 3.59 -10.26
N LYS E 287 -11.16 2.89 -10.25
CA LYS E 287 -9.99 3.43 -10.92
C LYS E 287 -10.00 3.09 -12.40
N ALA E 288 -11.06 2.42 -12.85
CA ALA E 288 -11.30 2.26 -14.27
C ALA E 288 -12.52 3.10 -14.71
N LYS E 289 -12.87 4.09 -13.89
CA LYS E 289 -14.10 4.87 -14.02
C LYS E 289 -14.26 5.63 -15.34
N TYR E 290 -13.18 5.85 -16.08
CA TYR E 290 -13.21 6.61 -17.37
C TYR E 290 -13.14 5.68 -18.59
N ILE E 291 -13.01 4.38 -18.34
CA ILE E 291 -13.04 3.38 -19.40
C ILE E 291 -14.50 3.00 -19.64
N THR E 292 -14.93 3.11 -20.91
CA THR E 292 -16.22 2.59 -21.37
C THR E 292 -16.23 2.36 -22.88
N GLY E 293 -16.98 1.34 -23.29
CA GLY E 293 -17.11 1.01 -24.70
C GLY E 293 -15.89 0.39 -25.31
N THR E 294 -15.03 -0.19 -24.48
CA THR E 294 -13.80 -0.84 -24.98
C THR E 294 -13.77 -2.35 -24.69
N CYS E 295 -13.00 -3.08 -25.47
CA CYS E 295 -12.81 -4.52 -25.29
C CYS E 295 -11.35 -4.84 -25.07
N VAL E 296 -11.06 -5.49 -23.94
CA VAL E 296 -9.70 -5.74 -23.59
C VAL E 296 -9.44 -7.20 -23.84
N LYS E 297 -8.66 -7.49 -24.89
CA LYS E 297 -8.11 -8.81 -25.13
C LYS E 297 -7.32 -9.28 -23.92
N VAL E 298 -7.59 -10.48 -23.40
CA VAL E 298 -6.72 -11.15 -22.40
C VAL E 298 -6.27 -12.49 -22.97
N ASP E 299 -5.21 -12.47 -23.77
CA ASP E 299 -4.91 -13.59 -24.68
C ASP E 299 -3.42 -13.98 -24.90
N GLY E 300 -2.53 -13.43 -24.08
CA GLY E 300 -1.12 -13.81 -24.18
C GLY E 300 -0.58 -13.64 -25.58
N GLY E 301 -1.23 -12.78 -26.36
CA GLY E 301 -0.73 -12.41 -27.67
C GLY E 301 -1.16 -13.38 -28.73
N TYR E 302 -2.07 -14.27 -28.38
CA TYR E 302 -2.57 -15.26 -29.33
C TYR E 302 -3.13 -14.63 -30.62
N SER E 303 -3.86 -13.51 -30.46
CA SER E 303 -4.51 -12.83 -31.59
C SER E 303 -3.51 -12.21 -32.56
N LEU E 304 -2.25 -12.12 -32.15
CA LEU E 304 -1.17 -11.64 -33.03
C LEU E 304 -0.58 -12.71 -33.94
N THR E 305 -1.04 -13.96 -33.79
CA THR E 305 -0.43 -15.06 -34.56
C THR E 305 -1.13 -15.28 -35.90
N ARG E 306 -0.50 -16.08 -36.75
CA ARG E 306 -1.06 -16.41 -38.05
C ARG E 306 -0.67 -17.86 -38.38
N ALA E 307 -1.33 -18.47 -39.37
CA ALA E 307 -1.05 -19.86 -39.73
C ALA E 307 0.32 -20.01 -40.38
N THR F 24 -23.75 -20.31 -71.01
CA THR F 24 -23.55 -20.23 -69.53
C THR F 24 -23.74 -18.79 -69.02
N VAL F 25 -24.92 -18.52 -68.48
CA VAL F 25 -25.27 -17.19 -67.94
C VAL F 25 -25.27 -17.27 -66.41
N PRO F 26 -24.42 -16.47 -65.75
CA PRO F 26 -24.31 -16.52 -64.29
C PRO F 26 -25.59 -16.02 -63.57
N VAL F 27 -25.89 -16.59 -62.41
CA VAL F 27 -27.09 -16.24 -61.66
C VAL F 27 -26.84 -15.63 -60.27
N ALA F 28 -27.57 -14.54 -59.98
CA ALA F 28 -27.43 -13.81 -58.73
C ALA F 28 -28.74 -13.78 -57.94
N LEU F 29 -28.67 -14.12 -56.65
CA LEU F 29 -29.79 -13.94 -55.71
C LEU F 29 -29.54 -12.72 -54.87
N VAL F 30 -30.47 -11.76 -54.92
CA VAL F 30 -30.34 -10.48 -54.20
C VAL F 30 -31.57 -10.30 -53.31
N THR F 31 -31.38 -10.35 -52.00
CA THR F 31 -32.49 -10.19 -51.06
C THR F 31 -32.81 -8.70 -50.95
N GLY F 32 -34.05 -8.37 -50.60
CA GLY F 32 -34.45 -6.98 -50.50
C GLY F 32 -34.14 -6.21 -51.78
N ALA F 33 -34.47 -6.81 -52.92
CA ALA F 33 -34.05 -6.27 -54.19
C ALA F 33 -34.99 -5.23 -54.83
N ALA F 34 -36.15 -4.98 -54.23
CA ALA F 34 -37.18 -4.18 -54.87
C ALA F 34 -36.85 -2.71 -55.10
N LYS F 35 -36.02 -2.09 -54.28
CA LYS F 35 -35.72 -0.68 -54.47
C LYS F 35 -34.42 -0.24 -53.85
N ARG F 36 -34.17 1.05 -53.92
CA ARG F 36 -32.96 1.64 -53.35
C ARG F 36 -31.67 0.84 -53.65
N LEU F 37 -30.85 0.60 -52.62
CA LEU F 37 -29.56 -0.13 -52.77
C LEU F 37 -29.66 -1.54 -53.40
N GLY F 38 -30.62 -2.37 -52.96
CA GLY F 38 -30.85 -3.71 -53.52
C GLY F 38 -31.28 -3.72 -54.99
N ARG F 39 -32.06 -2.73 -55.39
CA ARG F 39 -32.40 -2.52 -56.80
C ARG F 39 -31.16 -2.18 -57.59
N SER F 40 -30.38 -1.25 -57.07
CA SER F 40 -29.17 -0.85 -57.74
C SER F 40 -28.24 -2.06 -57.94
N ILE F 41 -28.06 -2.87 -56.88
CA ILE F 41 -27.27 -4.09 -56.94
C ILE F 41 -27.82 -5.04 -58.00
N ALA F 42 -29.12 -5.28 -57.97
CA ALA F 42 -29.78 -6.10 -58.97
C ALA F 42 -29.57 -5.61 -60.41
N GLU F 43 -29.71 -4.31 -60.61
CA GLU F 43 -29.55 -3.70 -61.91
C GLU F 43 -28.10 -3.82 -62.35
N GLY F 44 -27.19 -3.49 -61.44
CA GLY F 44 -25.76 -3.58 -61.72
C GLY F 44 -25.34 -4.97 -62.15
N LEU F 45 -25.78 -5.99 -61.40
CA LEU F 45 -25.42 -7.38 -61.71
C LEU F 45 -26.02 -7.78 -63.07
N HIS F 46 -27.26 -7.37 -63.28
CA HIS F 46 -27.93 -7.61 -64.56
C HIS F 46 -27.20 -6.98 -65.76
N ALA F 47 -26.66 -5.77 -65.55
CA ALA F 47 -25.86 -5.08 -66.56
C ALA F 47 -24.56 -5.79 -66.89
N GLU F 48 -24.03 -6.58 -65.95
CA GLU F 48 -22.82 -7.38 -66.21
C GLU F 48 -23.13 -8.74 -66.82
N GLY F 49 -24.42 -9.02 -67.01
CA GLY F 49 -24.83 -10.25 -67.70
C GLY F 49 -25.51 -11.29 -66.84
N TYR F 50 -25.65 -11.00 -65.55
CA TYR F 50 -26.27 -11.92 -64.61
C TYR F 50 -27.78 -12.07 -64.84
N ALA F 51 -28.28 -13.29 -64.71
CA ALA F 51 -29.70 -13.49 -64.42
C ALA F 51 -29.92 -13.19 -62.93
N VAL F 52 -31.01 -12.54 -62.60
CA VAL F 52 -31.20 -12.06 -61.23
C VAL F 52 -32.48 -12.60 -60.59
N CYS F 53 -32.34 -13.22 -59.42
CA CYS F 53 -33.48 -13.60 -58.62
C CYS F 53 -33.68 -12.48 -57.64
N LEU F 54 -34.71 -11.67 -57.86
CA LEU F 54 -34.97 -10.51 -57.02
C LEU F 54 -35.88 -10.91 -55.88
N HIS F 55 -35.39 -10.79 -54.63
CA HIS F 55 -36.19 -11.14 -53.45
C HIS F 55 -36.89 -9.92 -52.92
N TYR F 56 -38.05 -10.18 -52.33
CA TYR F 56 -38.79 -9.12 -51.64
C TYR F 56 -39.62 -9.70 -50.49
N HIS F 57 -40.07 -8.83 -49.61
CA HIS F 57 -40.95 -9.25 -48.54
C HIS F 57 -42.27 -8.56 -48.78
N ARG F 58 -42.33 -7.27 -48.52
CA ARG F 58 -43.54 -6.50 -48.67
C ARG F 58 -43.71 -5.78 -49.99
N SER F 59 -42.60 -5.42 -50.66
CA SER F 59 -42.62 -4.59 -51.85
C SER F 59 -42.87 -5.37 -53.17
N ALA F 60 -44.04 -5.99 -53.26
CA ALA F 60 -44.41 -6.81 -54.40
C ALA F 60 -44.45 -6.04 -55.72
N ALA F 61 -45.09 -4.88 -55.72
CA ALA F 61 -45.25 -4.03 -56.91
C ALA F 61 -43.90 -3.59 -57.48
N GLU F 62 -43.02 -3.13 -56.61
CA GLU F 62 -41.72 -2.60 -57.02
C GLU F 62 -40.88 -3.69 -57.63
N ALA F 63 -40.96 -4.88 -57.03
CA ALA F 63 -40.14 -6.02 -57.43
C ALA F 63 -40.56 -6.55 -58.79
N ASN F 64 -41.87 -6.75 -58.96
CA ASN F 64 -42.41 -7.16 -60.27
C ASN F 64 -42.21 -6.10 -61.38
N ALA F 65 -42.29 -4.82 -61.01
CA ALA F 65 -42.01 -3.75 -61.95
C ALA F 65 -40.56 -3.78 -62.41
N LEU F 66 -39.65 -4.04 -61.47
CA LEU F 66 -38.23 -4.15 -61.79
C LEU F 66 -37.94 -5.38 -62.66
N SER F 67 -38.55 -6.50 -62.31
CA SER F 67 -38.35 -7.74 -63.03
C SER F 67 -38.75 -7.60 -64.49
N ALA F 68 -39.86 -6.88 -64.71
CA ALA F 68 -40.38 -6.60 -66.05
C ALA F 68 -39.41 -5.76 -66.85
N THR F 69 -38.80 -4.76 -66.20
CA THR F 69 -37.75 -3.96 -66.84
C THR F 69 -36.61 -4.87 -67.29
N LEU F 70 -36.05 -5.62 -66.35
CA LEU F 70 -34.91 -6.50 -66.66
C LEU F 70 -35.23 -7.53 -67.76
N ASN F 71 -36.40 -8.17 -67.63
CA ASN F 71 -36.84 -9.14 -68.63
C ASN F 71 -37.13 -8.54 -70.01
N ALA F 72 -37.58 -7.28 -70.03
CA ALA F 72 -37.76 -6.55 -71.30
C ALA F 72 -36.43 -6.31 -71.95
N ARG F 73 -35.41 -6.03 -71.14
CA ARG F 73 -34.05 -5.78 -71.67
C ARG F 73 -33.32 -7.05 -72.09
N ARG F 74 -33.70 -8.19 -71.51
CA ARG F 74 -33.10 -9.48 -71.78
C ARG F 74 -34.06 -10.55 -71.27
N PRO F 75 -34.66 -11.33 -72.17
CA PRO F 75 -35.68 -12.32 -71.80
C PRO F 75 -35.18 -13.37 -70.84
N ASN F 76 -36.02 -13.72 -69.86
CA ASN F 76 -35.69 -14.72 -68.84
C ASN F 76 -34.43 -14.41 -68.00
N SER F 77 -34.29 -13.14 -67.62
CA SER F 77 -33.11 -12.71 -66.90
C SER F 77 -33.46 -12.21 -65.49
N ALA F 78 -34.71 -12.42 -65.08
CA ALA F 78 -35.17 -11.95 -63.81
C ALA F 78 -36.40 -12.71 -63.40
N ILE F 79 -36.42 -13.17 -62.14
CA ILE F 79 -37.64 -13.64 -61.47
C ILE F 79 -37.78 -12.88 -60.12
N THR F 80 -38.96 -12.98 -59.51
CA THR F 80 -39.18 -12.43 -58.19
C THR F 80 -39.51 -13.57 -57.21
N VAL F 81 -39.18 -13.40 -55.93
CA VAL F 81 -39.37 -14.47 -54.94
C VAL F 81 -39.61 -13.87 -53.56
N GLN F 82 -40.79 -14.19 -53.00
CA GLN F 82 -41.25 -13.55 -51.79
C GLN F 82 -40.85 -14.36 -50.55
N ALA F 83 -40.42 -13.65 -49.50
CA ALA F 83 -40.06 -14.28 -48.22
C ALA F 83 -39.84 -13.33 -47.07
N ASP F 84 -40.46 -13.65 -45.92
CA ASP F 84 -40.20 -12.96 -44.66
C ASP F 84 -38.92 -13.56 -44.11
N LEU F 85 -37.93 -12.72 -43.89
CA LEU F 85 -36.62 -13.19 -43.46
C LEU F 85 -36.45 -13.01 -41.99
N SER F 86 -37.53 -12.59 -41.35
CA SER F 86 -37.58 -12.52 -39.89
C SER F 86 -37.37 -13.92 -39.31
N ASN F 87 -36.76 -13.99 -38.13
CA ASN F 87 -36.56 -15.24 -37.44
C ASN F 87 -37.84 -15.76 -36.81
N VAL F 88 -38.85 -16.05 -37.64
CA VAL F 88 -40.14 -16.60 -37.17
C VAL F 88 -40.56 -17.77 -38.05
N ALA F 89 -41.39 -18.67 -37.54
CA ALA F 89 -42.01 -19.67 -38.42
C ALA F 89 -43.22 -19.04 -39.10
N THR F 90 -43.28 -19.12 -40.43
CA THR F 90 -44.51 -18.67 -41.09
C THR F 90 -45.43 -19.83 -41.43
N ALA F 91 -46.69 -19.51 -41.69
CA ALA F 91 -47.74 -20.49 -42.01
C ALA F 91 -47.52 -21.23 -43.33
N PRO F 92 -47.77 -22.55 -43.33
CA PRO F 92 -47.72 -23.41 -44.52
C PRO F 92 -48.07 -22.76 -45.86
N SER F 99 -49.05 -28.21 -44.25
CA SER F 99 -49.07 -29.25 -43.22
C SER F 99 -48.49 -28.81 -41.86
N ALA F 100 -47.29 -28.22 -41.89
CA ALA F 100 -46.55 -27.85 -40.67
C ALA F 100 -46.03 -26.41 -40.72
N PRO F 101 -45.67 -25.83 -39.55
CA PRO F 101 -45.06 -24.48 -39.50
C PRO F 101 -43.79 -24.39 -40.33
N VAL F 102 -43.61 -23.30 -41.07
CA VAL F 102 -42.41 -23.19 -41.89
C VAL F 102 -41.35 -22.31 -41.22
N THR F 103 -40.19 -22.93 -40.97
CA THR F 103 -39.08 -22.26 -40.29
C THR F 103 -38.33 -21.29 -41.21
N LEU F 104 -37.52 -20.42 -40.62
CA LEU F 104 -36.70 -19.49 -41.39
C LEU F 104 -35.70 -20.23 -42.27
N PHE F 105 -35.14 -21.31 -41.75
CA PHE F 105 -34.19 -22.11 -42.49
C PHE F 105 -34.80 -22.71 -43.77
N THR F 106 -36.00 -23.25 -43.64
CA THR F 106 -36.72 -23.76 -44.80
C THR F 106 -36.93 -22.65 -45.87
N ARG F 107 -37.42 -21.48 -45.44
CA ARG F 107 -37.71 -20.36 -46.37
C ARG F 107 -36.46 -19.93 -47.12
N CYS F 108 -35.34 -19.90 -46.40
CA CYS F 108 -34.03 -19.56 -46.96
C CYS F 108 -33.53 -20.58 -47.95
N ALA F 109 -33.71 -21.86 -47.61
CA ALA F 109 -33.34 -22.94 -48.53
C ALA F 109 -34.16 -22.85 -49.82
N GLU F 110 -35.44 -22.51 -49.67
CA GLU F 110 -36.36 -22.40 -50.80
C GLU F 110 -36.07 -21.19 -51.67
N LEU F 111 -35.48 -20.14 -51.09
CA LEU F 111 -34.98 -19.02 -51.89
C LEU F 111 -33.88 -19.45 -52.85
N VAL F 112 -32.84 -20.09 -52.30
CA VAL F 112 -31.70 -20.56 -53.08
C VAL F 112 -32.15 -21.57 -54.11
N ALA F 113 -33.03 -22.50 -53.70
CA ALA F 113 -33.59 -23.52 -54.58
C ALA F 113 -34.28 -22.92 -55.81
N ALA F 114 -34.97 -21.79 -55.61
CA ALA F 114 -35.70 -21.12 -56.69
C ALA F 114 -34.76 -20.75 -57.84
N CYS F 115 -33.51 -20.44 -57.52
CA CYS F 115 -32.52 -20.15 -58.53
C CYS F 115 -32.14 -21.43 -59.29
N TYR F 116 -31.94 -22.52 -58.55
CA TYR F 116 -31.59 -23.78 -59.17
C TYR F 116 -32.73 -24.39 -60.00
N THR F 117 -33.95 -24.34 -59.46
CA THR F 117 -35.14 -24.73 -60.20
C THR F 117 -35.28 -23.97 -61.53
N HIS F 118 -35.05 -22.66 -61.51
CA HIS F 118 -35.38 -21.88 -62.68
C HIS F 118 -34.23 -21.82 -63.68
N TRP F 119 -33.00 -21.71 -63.17
CA TRP F 119 -31.82 -21.53 -64.02
C TRP F 119 -30.75 -22.61 -63.86
N GLY F 120 -30.97 -23.52 -62.92
CA GLY F 120 -30.00 -24.60 -62.70
C GLY F 120 -28.68 -24.18 -62.11
N ARG F 121 -28.62 -22.94 -61.57
CA ARG F 121 -27.43 -22.43 -60.85
C ARG F 121 -27.68 -21.26 -59.89
N CYS F 122 -26.68 -21.01 -59.05
CA CYS F 122 -26.66 -19.85 -58.19
C CYS F 122 -25.21 -19.48 -57.88
N ASP F 123 -24.72 -18.46 -58.57
CA ASP F 123 -23.28 -18.15 -58.57
C ASP F 123 -22.94 -17.08 -57.56
N VAL F 124 -23.87 -16.15 -57.35
CA VAL F 124 -23.68 -15.02 -56.44
C VAL F 124 -24.87 -14.86 -55.48
N LEU F 125 -24.57 -14.57 -54.21
CA LEU F 125 -25.59 -14.24 -53.23
C LEU F 125 -25.27 -12.90 -52.61
N VAL F 126 -26.26 -12.01 -52.61
CA VAL F 126 -26.16 -10.72 -51.92
C VAL F 126 -27.16 -10.59 -50.76
N ASN F 127 -26.66 -10.66 -49.54
CA ASN F 127 -27.49 -10.49 -48.36
C ASN F 127 -27.65 -8.99 -48.16
N ASN F 128 -28.72 -8.45 -48.73
CA ASN F 128 -28.98 -7.02 -48.70
C ASN F 128 -30.14 -6.66 -47.80
N ALA F 129 -31.14 -7.53 -47.75
CA ALA F 129 -32.35 -7.27 -47.00
C ALA F 129 -32.02 -7.02 -45.53
N SER F 130 -32.64 -6.00 -44.96
CA SER F 130 -32.28 -5.52 -43.64
C SER F 130 -33.36 -4.58 -43.12
N SER F 131 -33.94 -4.94 -41.98
CA SER F 131 -34.82 -4.03 -41.26
C SER F 131 -33.95 -3.15 -40.36
N PHE F 132 -34.43 -1.91 -40.16
CA PHE F 132 -33.66 -0.90 -39.46
C PHE F 132 -34.63 0.06 -38.74
N TYR F 133 -34.65 -0.02 -37.41
CA TYR F 133 -35.49 0.86 -36.57
C TYR F 133 -35.04 0.80 -35.08
N PRO F 134 -35.36 1.82 -34.29
CA PRO F 134 -34.86 1.95 -32.92
C PRO F 134 -35.28 0.85 -31.96
N THR F 135 -34.35 0.41 -31.12
CA THR F 135 -34.62 -0.43 -29.97
C THR F 135 -33.90 0.14 -28.75
N PRO F 136 -34.44 1.21 -28.20
CA PRO F 136 -33.77 1.94 -27.12
C PRO F 136 -33.65 1.15 -25.83
N LEU F 137 -32.70 1.54 -24.99
CA LEU F 137 -32.57 0.88 -23.73
C LEU F 137 -33.45 1.53 -22.64
N LEU F 138 -33.65 2.86 -22.70
CA LEU F 138 -34.45 3.65 -21.70
C LEU F 138 -35.67 4.46 -22.24
N ARG F 139 -36.40 5.15 -21.34
CA ARG F 139 -37.51 6.10 -21.68
C ARG F 139 -37.04 7.58 -21.70
N ASN F 140 -37.84 8.46 -21.04
CA ASN F 140 -37.45 9.86 -20.72
C ASN F 140 -36.21 9.96 -19.81
N ASP F 141 -35.99 8.95 -18.98
CA ASP F 141 -34.71 8.77 -18.29
C ASP F 141 -34.21 7.34 -18.42
N GLY F 150 -50.62 -4.03 -27.24
CA GLY F 150 -49.60 -3.81 -26.21
C GLY F 150 -48.24 -3.58 -26.82
N ASP F 151 -47.24 -4.33 -26.33
CA ASP F 151 -45.89 -4.27 -26.85
C ASP F 151 -44.95 -5.28 -26.18
N ARG F 152 -45.50 -6.36 -25.66
CA ARG F 152 -44.66 -7.50 -25.38
C ARG F 152 -44.47 -8.14 -26.75
N GLU F 153 -45.43 -7.87 -27.64
CA GLU F 153 -45.36 -8.26 -29.02
C GLU F 153 -44.37 -7.41 -29.83
N ALA F 154 -44.31 -6.12 -29.55
CA ALA F 154 -43.33 -5.25 -30.22
C ALA F 154 -41.87 -5.54 -29.88
N MET F 155 -41.57 -6.04 -28.69
CA MET F 155 -40.18 -6.39 -28.40
C MET F 155 -39.75 -7.71 -29.03
N GLU F 156 -40.56 -8.75 -28.87
CA GLU F 156 -40.19 -10.07 -29.40
C GLU F 156 -40.19 -10.11 -30.95
N THR F 157 -40.98 -9.26 -31.59
CA THR F 157 -40.94 -9.18 -33.05
C THR F 157 -39.83 -8.30 -33.61
N ALA F 158 -39.46 -7.24 -32.88
CA ALA F 158 -38.26 -6.48 -33.21
C ALA F 158 -37.00 -7.38 -33.24
N THR F 159 -36.80 -8.15 -32.17
CA THR F 159 -35.66 -9.07 -32.02
C THR F 159 -35.61 -10.09 -33.17
N ALA F 160 -36.77 -10.63 -33.54
CA ALA F 160 -36.83 -11.64 -34.57
C ALA F 160 -36.60 -11.07 -35.97
N ASP F 161 -37.10 -9.85 -36.17
CA ASP F 161 -37.04 -9.16 -37.45
C ASP F 161 -35.65 -8.58 -37.73
N LEU F 162 -35.16 -7.76 -36.82
CA LEU F 162 -33.83 -7.18 -36.92
C LEU F 162 -32.71 -8.26 -36.98
N PHE F 163 -32.73 -9.20 -36.05
CA PHE F 163 -31.78 -10.33 -36.13
C PHE F 163 -31.99 -11.32 -37.27
N GLY F 164 -33.24 -11.49 -37.70
CA GLY F 164 -33.54 -12.39 -38.83
C GLY F 164 -32.98 -11.85 -40.12
N SER F 165 -33.44 -10.65 -40.49
CA SER F 165 -33.08 -10.00 -41.75
C SER F 165 -31.58 -9.75 -41.87
N ASN F 166 -30.98 -9.21 -40.80
CA ASN F 166 -29.61 -8.76 -40.86
C ASN F 166 -28.54 -9.83 -40.65
N ALA F 167 -28.87 -10.91 -39.93
CA ALA F 167 -27.88 -11.91 -39.50
C ALA F 167 -28.29 -13.37 -39.68
N ILE F 168 -29.39 -13.79 -39.04
CA ILE F 168 -29.83 -15.21 -39.06
C ILE F 168 -30.14 -15.70 -40.47
N ALA F 169 -30.99 -14.98 -41.17
CA ALA F 169 -31.33 -15.36 -42.55
C ALA F 169 -30.09 -15.44 -43.47
N PRO F 170 -29.24 -14.40 -43.47
CA PRO F 170 -27.96 -14.47 -44.17
C PRO F 170 -27.20 -15.76 -43.88
N TYR F 171 -27.15 -16.20 -42.63
CA TYR F 171 -26.46 -17.45 -42.28
C TYR F 171 -27.08 -18.64 -42.99
N PHE F 172 -28.41 -18.76 -42.92
CA PHE F 172 -29.11 -19.90 -43.51
C PHE F 172 -29.02 -19.82 -45.03
N LEU F 173 -29.12 -18.61 -45.55
CA LEU F 173 -28.96 -18.40 -47.00
C LEU F 173 -27.59 -18.91 -47.41
N ILE F 174 -26.56 -18.49 -46.68
CA ILE F 174 -25.20 -18.95 -46.94
C ILE F 174 -25.07 -20.49 -46.84
N LYS F 175 -25.66 -21.08 -45.80
CA LYS F 175 -25.68 -22.53 -45.69
C LYS F 175 -26.26 -23.17 -46.94
N ALA F 176 -27.47 -22.77 -47.30
CA ALA F 176 -28.14 -23.31 -48.49
C ALA F 176 -27.27 -23.16 -49.76
N PHE F 177 -26.81 -21.93 -50.03
CA PHE F 177 -25.88 -21.65 -51.10
C PHE F 177 -24.70 -22.61 -51.12
N ALA F 178 -24.13 -22.89 -49.95
CA ALA F 178 -22.93 -23.73 -49.84
C ALA F 178 -23.24 -25.21 -50.09
N HIS F 179 -24.39 -25.69 -49.59
CA HIS F 179 -24.84 -27.08 -49.82
C HIS F 179 -25.18 -27.40 -51.28
N ARG F 180 -25.53 -26.38 -52.06
CA ARG F 180 -25.83 -26.59 -53.47
C ARG F 180 -24.59 -26.44 -54.37
N VAL F 181 -23.58 -25.72 -53.89
CA VAL F 181 -22.28 -25.72 -54.54
C VAL F 181 -21.57 -27.04 -54.24
N ALA F 182 -21.46 -27.42 -52.96
CA ALA F 182 -20.81 -28.68 -52.57
C ALA F 182 -21.47 -29.87 -53.24
N GLY F 183 -22.79 -29.83 -53.41
CA GLY F 183 -23.54 -30.94 -53.98
C GLY F 183 -23.42 -31.05 -55.48
N THR F 184 -22.86 -30.03 -56.11
CA THR F 184 -22.60 -30.08 -57.53
C THR F 184 -21.26 -30.80 -57.70
N PRO F 185 -21.18 -31.75 -58.64
CA PRO F 185 -19.91 -32.39 -58.97
C PRO F 185 -18.94 -31.35 -59.47
N ALA F 186 -17.70 -31.41 -59.01
CA ALA F 186 -16.67 -30.43 -59.36
C ALA F 186 -16.72 -30.02 -60.85
N LYS F 187 -17.06 -31.00 -61.69
CA LYS F 187 -17.04 -30.87 -63.15
C LYS F 187 -18.08 -29.90 -63.74
N HIS F 188 -19.02 -29.45 -62.90
CA HIS F 188 -20.18 -28.69 -63.34
C HIS F 188 -20.21 -27.33 -62.66
N ARG F 189 -19.42 -27.20 -61.61
CA ARG F 189 -19.41 -26.00 -60.79
C ARG F 189 -19.03 -24.76 -61.58
N GLY F 190 -19.55 -23.61 -61.13
CA GLY F 190 -19.18 -22.31 -61.69
C GLY F 190 -17.76 -21.95 -61.31
N THR F 191 -17.29 -20.82 -61.80
CA THR F 191 -15.89 -20.46 -61.59
C THR F 191 -15.74 -19.15 -60.87
N ASN F 192 -16.86 -18.53 -60.51
CA ASN F 192 -16.83 -17.25 -59.83
C ASN F 192 -17.96 -17.16 -58.80
N TYR F 193 -17.86 -18.00 -57.77
CA TYR F 193 -18.80 -17.98 -56.64
C TYR F 193 -18.48 -16.85 -55.67
N SER F 194 -19.50 -16.01 -55.41
CA SER F 194 -19.31 -14.82 -54.58
C SER F 194 -20.50 -14.49 -53.66
N ILE F 195 -20.21 -14.25 -52.38
CA ILE F 195 -21.24 -13.81 -51.45
C ILE F 195 -20.90 -12.43 -50.92
N ILE F 196 -21.83 -11.49 -51.05
CA ILE F 196 -21.64 -10.14 -50.51
C ILE F 196 -22.63 -9.88 -49.38
N ASN F 197 -22.14 -9.37 -48.27
CA ASN F 197 -22.99 -9.04 -47.13
C ASN F 197 -23.04 -7.54 -46.90
N MET F 198 -24.24 -6.96 -47.03
CA MET F 198 -24.37 -5.52 -46.80
C MET F 198 -24.23 -5.25 -45.32
N VAL F 199 -23.06 -4.72 -44.98
CA VAL F 199 -22.81 -4.35 -43.60
C VAL F 199 -23.02 -2.84 -43.42
N ASP F 200 -22.35 -2.27 -42.42
CA ASP F 200 -22.53 -0.87 -42.07
C ASP F 200 -21.18 -0.29 -41.64
N ALA F 201 -20.73 0.73 -42.36
CA ALA F 201 -19.46 1.38 -42.06
C ALA F 201 -19.47 2.10 -40.71
N MET F 202 -20.67 2.42 -40.22
CA MET F 202 -20.81 3.27 -39.02
C MET F 202 -21.07 2.54 -37.70
N THR F 203 -21.12 1.21 -37.75
CA THR F 203 -21.50 0.44 -36.56
C THR F 203 -20.50 0.50 -35.42
N ASN F 204 -19.25 0.84 -35.71
CA ASN F 204 -18.30 1.07 -34.62
C ASN F 204 -18.55 2.39 -33.91
N GLN F 205 -19.36 3.25 -34.53
CA GLN F 205 -19.76 4.54 -33.95
C GLN F 205 -21.29 4.58 -33.89
N PRO F 206 -21.87 3.81 -32.97
CA PRO F 206 -23.28 3.40 -33.07
C PRO F 206 -24.25 4.55 -33.07
N LEU F 207 -25.32 4.40 -33.84
CA LEU F 207 -26.43 5.34 -33.86
C LEU F 207 -27.24 5.12 -32.60
N LEU F 208 -27.39 6.20 -31.84
CA LEU F 208 -28.04 6.14 -30.54
C LEU F 208 -29.44 5.53 -30.60
N GLY F 209 -29.61 4.43 -29.87
CA GLY F 209 -30.91 3.76 -29.71
C GLY F 209 -31.19 2.63 -30.67
N TYR F 210 -30.17 2.24 -31.44
CA TYR F 210 -30.32 1.21 -32.48
C TYR F 210 -29.55 -0.09 -32.15
N THR F 211 -29.57 -0.52 -30.87
CA THR F 211 -28.63 -1.59 -30.49
C THR F 211 -28.84 -2.96 -31.07
N ILE F 212 -30.08 -3.39 -31.20
CA ILE F 212 -30.31 -4.66 -31.85
C ILE F 212 -29.81 -4.61 -33.28
N TYR F 213 -30.08 -3.50 -33.97
CA TYR F 213 -29.63 -3.36 -35.38
C TYR F 213 -28.10 -3.44 -35.45
N THR F 214 -27.43 -2.64 -34.62
CA THR F 214 -25.98 -2.66 -34.54
C THR F 214 -25.46 -4.06 -34.19
N MET F 215 -26.06 -4.68 -33.17
CA MET F 215 -25.68 -6.07 -32.80
C MET F 215 -25.79 -6.99 -34.00
N ALA F 216 -26.90 -6.88 -34.73
CA ALA F 216 -27.11 -7.70 -35.91
C ALA F 216 -26.01 -7.52 -36.98
N LYS F 217 -25.57 -6.28 -37.20
CA LYS F 217 -24.51 -6.00 -38.16
C LYS F 217 -23.17 -6.57 -37.70
N GLY F 218 -22.95 -6.53 -36.40
CA GLY F 218 -21.79 -7.16 -35.80
C GLY F 218 -21.83 -8.66 -36.10
N ALA F 219 -23.01 -9.25 -35.98
CA ALA F 219 -23.16 -10.67 -36.27
C ALA F 219 -22.86 -10.89 -37.71
N LEU F 220 -23.29 -9.98 -38.57
CA LEU F 220 -23.08 -10.14 -40.01
C LEU F 220 -21.60 -10.08 -40.39
N GLU F 221 -20.87 -9.16 -39.77
CA GLU F 221 -19.42 -9.10 -39.91
C GLU F 221 -18.74 -10.43 -39.54
N GLY F 222 -19.06 -10.96 -38.36
CA GLY F 222 -18.61 -12.28 -37.94
C GLY F 222 -18.89 -13.36 -38.97
N LEU F 223 -20.11 -13.39 -39.49
CA LEU F 223 -20.48 -14.34 -40.54
C LEU F 223 -19.57 -14.24 -41.74
N THR F 224 -19.30 -13.00 -42.16
CA THR F 224 -18.40 -12.76 -43.31
C THR F 224 -17.06 -13.47 -43.09
N ARG F 225 -16.41 -13.21 -41.97
CA ARG F 225 -15.13 -13.84 -41.64
C ARG F 225 -15.27 -15.35 -41.53
N SER F 226 -16.23 -15.81 -40.75
CA SER F 226 -16.42 -17.23 -40.53
C SER F 226 -16.66 -17.95 -41.83
N ALA F 227 -17.64 -17.50 -42.62
CA ALA F 227 -17.97 -18.12 -43.92
C ALA F 227 -16.82 -18.09 -44.92
N ALA F 228 -16.14 -16.95 -45.01
CA ALA F 228 -14.97 -16.87 -45.89
C ALA F 228 -14.02 -18.02 -45.59
N LEU F 229 -13.74 -18.23 -44.31
CA LEU F 229 -12.79 -19.24 -43.88
C LEU F 229 -13.26 -20.66 -44.21
N GLU F 230 -14.53 -20.95 -43.93
CA GLU F 230 -15.06 -22.31 -44.12
C GLU F 230 -15.35 -22.66 -45.59
N LEU F 231 -15.71 -21.64 -46.37
CA LEU F 231 -16.06 -21.87 -47.79
C LEU F 231 -14.89 -21.67 -48.76
N ALA F 232 -13.73 -21.24 -48.25
CA ALA F 232 -12.53 -21.11 -49.06
C ALA F 232 -12.26 -22.35 -49.92
N PRO F 233 -12.28 -23.56 -49.34
CA PRO F 233 -12.00 -24.79 -50.10
C PRO F 233 -12.92 -25.01 -51.34
N LEU F 234 -14.12 -24.45 -51.28
CA LEU F 234 -15.06 -24.55 -52.39
C LEU F 234 -14.93 -23.35 -53.29
N GLN F 235 -13.93 -22.51 -53.04
CA GLN F 235 -13.71 -21.31 -53.80
C GLN F 235 -14.91 -20.38 -53.79
N ILE F 236 -15.65 -20.38 -52.68
CA ILE F 236 -16.71 -19.42 -52.48
C ILE F 236 -16.16 -18.26 -51.67
N ARG F 237 -16.20 -17.05 -52.24
CA ARG F 237 -15.67 -15.85 -51.59
C ARG F 237 -16.79 -15.11 -50.83
N VAL F 238 -16.44 -14.64 -49.65
CA VAL F 238 -17.41 -14.00 -48.78
C VAL F 238 -16.86 -12.65 -48.33
N ASN F 239 -17.49 -11.58 -48.78
CA ASN F 239 -17.03 -10.26 -48.44
C ASN F 239 -18.16 -9.39 -47.95
N GLY F 240 -17.81 -8.30 -47.26
CA GLY F 240 -18.78 -7.30 -46.83
C GLY F 240 -18.61 -5.98 -47.56
N VAL F 241 -19.72 -5.28 -47.79
CA VAL F 241 -19.70 -3.90 -48.24
C VAL F 241 -20.54 -3.10 -47.23
N GLY F 242 -19.94 -2.06 -46.66
CA GLY F 242 -20.63 -1.24 -45.69
C GLY F 242 -20.76 0.23 -46.02
N PRO F 243 -21.96 0.65 -46.43
CA PRO F 243 -22.27 2.05 -46.67
C PRO F 243 -22.16 2.86 -45.37
N GLY F 244 -22.03 4.16 -45.53
CA GLY F 244 -22.12 5.11 -44.43
C GLY F 244 -23.50 5.67 -44.55
N LEU F 245 -23.68 6.66 -45.43
CA LEU F 245 -25.00 7.24 -45.72
C LEU F 245 -25.28 7.12 -47.21
N SER F 246 -26.39 6.46 -47.55
CA SER F 246 -26.78 6.27 -48.94
C SER F 246 -28.23 6.61 -49.16
N VAL F 247 -28.47 7.34 -50.23
CA VAL F 247 -29.77 7.88 -50.57
C VAL F 247 -30.48 8.24 -49.26
N LEU F 248 -30.05 9.37 -48.71
CA LEU F 248 -30.52 9.86 -47.44
C LEU F 248 -31.89 10.52 -47.54
N VAL F 249 -32.78 9.96 -46.75
CA VAL F 249 -34.20 10.20 -46.81
C VAL F 249 -34.45 11.52 -46.14
N ASP F 250 -35.25 12.39 -46.76
CA ASP F 250 -35.57 13.65 -46.08
C ASP F 250 -36.99 13.77 -45.51
N ASP F 251 -37.28 12.95 -44.51
CA ASP F 251 -38.53 13.07 -43.74
C ASP F 251 -38.37 14.05 -42.60
N MET F 252 -37.66 15.14 -42.85
CA MET F 252 -37.31 16.07 -41.81
C MET F 252 -37.07 17.43 -42.44
N PRO F 253 -37.11 18.52 -41.65
CA PRO F 253 -36.85 19.86 -42.19
C PRO F 253 -35.70 19.82 -43.18
N PRO F 254 -35.69 20.74 -44.13
CA PRO F 254 -34.49 20.94 -44.97
C PRO F 254 -33.21 21.34 -44.20
N ALA F 255 -33.33 22.11 -43.13
CA ALA F 255 -32.10 22.40 -42.42
C ALA F 255 -31.41 21.10 -42.00
N VAL F 256 -32.11 20.25 -41.26
CA VAL F 256 -31.52 19.04 -40.66
C VAL F 256 -30.84 18.15 -41.69
N TRP F 257 -31.57 17.87 -42.75
CA TRP F 257 -31.06 17.01 -43.78
C TRP F 257 -29.80 17.66 -44.33
N GLU F 258 -29.86 18.98 -44.55
CA GLU F 258 -28.73 19.72 -45.14
C GLU F 258 -27.50 19.58 -44.26
N GLY F 259 -27.73 19.61 -42.94
CA GLY F 259 -26.72 19.42 -41.92
C GLY F 259 -26.23 17.98 -41.83
N HIS F 260 -27.10 17.04 -42.18
CA HIS F 260 -26.79 15.63 -42.10
C HIS F 260 -25.83 15.15 -43.18
N ARG F 261 -26.02 15.63 -44.40
CA ARG F 261 -25.13 15.27 -45.49
C ARG F 261 -23.81 16.00 -45.33
N SER F 262 -23.82 17.07 -44.54
CA SER F 262 -22.66 17.93 -44.47
C SER F 262 -21.61 17.29 -43.58
N LYS F 263 -22.04 16.32 -42.80
CA LYS F 263 -21.16 15.64 -41.88
C LYS F 263 -20.26 14.62 -42.57
N VAL F 264 -20.40 14.47 -43.87
CA VAL F 264 -19.66 13.45 -44.64
C VAL F 264 -18.52 14.05 -45.52
N PRO F 265 -17.27 13.97 -45.04
CA PRO F 265 -16.13 14.73 -45.61
C PRO F 265 -16.05 14.78 -47.14
N LEU F 266 -16.31 13.65 -47.78
CA LEU F 266 -16.23 13.61 -49.23
C LEU F 266 -17.56 14.12 -49.80
N TYR F 267 -17.51 15.29 -50.42
CA TYR F 267 -18.64 15.87 -51.13
C TYR F 267 -19.75 16.44 -50.23
N GLN F 268 -19.69 16.21 -48.93
CA GLN F 268 -20.74 16.63 -47.99
C GLN F 268 -22.13 16.18 -48.42
N ARG F 269 -22.25 14.93 -48.87
CA ARG F 269 -23.53 14.32 -49.27
C ARG F 269 -23.52 12.82 -49.06
N ASP F 270 -24.71 12.27 -48.85
CA ASP F 270 -24.87 10.84 -48.83
C ASP F 270 -24.53 10.35 -50.23
N SER F 271 -24.32 9.04 -50.39
CA SER F 271 -23.97 8.49 -51.68
C SER F 271 -25.23 8.26 -52.52
N SER F 272 -25.01 7.90 -53.79
CA SER F 272 -26.08 7.44 -54.66
C SER F 272 -26.11 5.93 -54.52
N ALA F 273 -27.15 5.29 -55.07
CA ALA F 273 -27.27 3.85 -54.99
C ALA F 273 -26.13 3.20 -55.75
N ALA F 274 -25.89 3.64 -56.98
CA ALA F 274 -24.81 3.15 -57.83
C ALA F 274 -23.43 3.25 -57.15
N GLU F 275 -23.18 4.34 -56.41
CA GLU F 275 -21.90 4.55 -55.74
C GLU F 275 -21.60 3.43 -54.75
N VAL F 276 -22.65 2.74 -54.32
CA VAL F 276 -22.48 1.55 -53.48
C VAL F 276 -22.53 0.26 -54.32
N SER F 277 -23.51 0.12 -55.18
CA SER F 277 -23.65 -1.12 -55.94
C SER F 277 -22.46 -1.45 -56.85
N ASP F 278 -21.80 -0.43 -57.40
CA ASP F 278 -20.60 -0.63 -58.23
C ASP F 278 -19.49 -1.36 -57.47
N VAL F 279 -19.38 -1.07 -56.17
CA VAL F 279 -18.43 -1.78 -55.33
C VAL F 279 -18.87 -3.28 -55.21
N VAL F 280 -20.16 -3.50 -54.93
CA VAL F 280 -20.68 -4.86 -54.80
C VAL F 280 -20.36 -5.63 -56.08
N ILE F 281 -20.70 -5.04 -57.22
CA ILE F 281 -20.49 -5.65 -58.52
C ILE F 281 -19.00 -5.93 -58.78
N PHE F 282 -18.12 -5.01 -58.37
CA PHE F 282 -16.70 -5.25 -58.56
C PHE F 282 -16.25 -6.46 -57.74
N LEU F 283 -16.69 -6.53 -56.48
CA LEU F 283 -16.26 -7.62 -55.61
C LEU F 283 -16.75 -8.94 -56.14
N CYS F 284 -17.85 -8.91 -56.87
CA CYS F 284 -18.38 -10.09 -57.52
C CYS F 284 -17.63 -10.49 -58.77
N SER F 285 -16.91 -9.56 -59.38
CA SER F 285 -16.21 -9.83 -60.64
C SER F 285 -14.97 -10.73 -60.38
N SER F 286 -14.50 -11.40 -61.44
CA SER F 286 -13.36 -12.30 -61.34
C SER F 286 -12.06 -11.55 -61.13
N LYS F 287 -12.10 -10.26 -61.44
CA LYS F 287 -11.00 -9.36 -61.12
C LYS F 287 -10.72 -9.34 -59.62
N ALA F 288 -11.77 -9.60 -58.81
CA ALA F 288 -11.65 -9.53 -57.34
C ALA F 288 -11.50 -10.92 -56.71
N LYS F 289 -11.10 -11.91 -57.53
CA LYS F 289 -11.12 -13.32 -57.10
C LYS F 289 -10.04 -13.75 -56.09
N TYR F 290 -9.28 -12.79 -55.59
CA TYR F 290 -8.36 -13.06 -54.47
C TYR F 290 -8.82 -12.39 -53.19
N ILE F 291 -9.85 -11.54 -53.27
CA ILE F 291 -10.45 -10.89 -52.10
C ILE F 291 -11.49 -11.78 -51.43
N THR F 292 -11.30 -12.06 -50.14
CA THR F 292 -12.29 -12.78 -49.34
C THR F 292 -12.11 -12.53 -47.87
N GLY F 293 -13.22 -12.51 -47.14
CA GLY F 293 -13.23 -12.20 -45.69
C GLY F 293 -13.02 -10.75 -45.32
N THR F 294 -13.18 -9.85 -46.30
CA THR F 294 -12.94 -8.43 -46.02
C THR F 294 -14.21 -7.56 -46.16
N CYS F 295 -14.25 -6.49 -45.38
CA CYS F 295 -15.34 -5.52 -45.46
C CYS F 295 -14.84 -4.20 -46.03
N VAL F 296 -15.50 -3.72 -47.08
CA VAL F 296 -15.08 -2.51 -47.74
C VAL F 296 -16.02 -1.37 -47.42
N LYS F 297 -15.45 -0.31 -46.85
CA LYS F 297 -16.18 0.89 -46.42
C LYS F 297 -16.49 1.87 -47.56
N VAL F 298 -17.76 1.96 -47.93
CA VAL F 298 -18.16 2.91 -48.97
C VAL F 298 -18.89 4.08 -48.33
N ASP F 299 -18.13 5.03 -47.75
CA ASP F 299 -18.72 5.97 -46.75
C ASP F 299 -18.23 7.41 -46.83
N GLY F 300 -17.50 7.72 -47.90
CA GLY F 300 -17.02 9.10 -48.12
C GLY F 300 -16.25 9.64 -46.94
N GLY F 301 -15.68 8.73 -46.14
CA GLY F 301 -14.81 9.10 -45.04
C GLY F 301 -15.55 9.42 -43.76
N TYR F 302 -16.85 9.13 -43.74
CA TYR F 302 -17.72 9.42 -42.58
C TYR F 302 -17.24 8.72 -41.29
N SER F 303 -16.70 7.51 -41.43
CA SER F 303 -16.21 6.75 -40.25
C SER F 303 -14.95 7.36 -39.62
N LEU F 304 -14.34 8.31 -40.32
CA LEU F 304 -13.16 8.99 -39.81
C LEU F 304 -13.50 10.19 -39.00
N THR F 305 -14.78 10.54 -38.87
CA THR F 305 -15.16 11.74 -38.12
C THR F 305 -15.41 11.42 -36.66
N ARG F 306 -15.55 12.46 -35.86
CA ARG F 306 -15.80 12.35 -34.42
C ARG F 306 -16.67 13.56 -34.04
N ALA F 307 -17.29 13.51 -32.87
CA ALA F 307 -18.19 14.55 -32.41
C ALA F 307 -17.45 15.86 -32.11
N VAL G 25 13.69 -4.61 -5.18
CA VAL G 25 12.65 -3.66 -5.71
C VAL G 25 12.77 -3.42 -7.23
N PRO G 26 11.62 -3.19 -7.88
CA PRO G 26 11.52 -3.03 -9.34
C PRO G 26 11.78 -1.61 -9.85
N VAL G 27 12.29 -1.53 -11.09
CA VAL G 27 12.70 -0.24 -11.70
C VAL G 27 11.92 0.09 -12.97
N ALA G 28 11.42 1.33 -13.07
CA ALA G 28 10.67 1.84 -14.23
C ALA G 28 11.37 3.01 -14.91
N LEU G 29 11.48 2.93 -16.25
CA LEU G 29 11.90 4.05 -17.08
C LEU G 29 10.66 4.67 -17.74
N VAL G 30 10.48 5.98 -17.55
CA VAL G 30 9.32 6.70 -18.06
C VAL G 30 9.81 7.89 -18.82
N THR G 31 9.62 7.89 -20.13
CA THR G 31 10.01 9.02 -20.96
C THR G 31 8.97 10.15 -20.83
N GLY G 32 9.39 11.39 -21.14
CA GLY G 32 8.52 12.55 -20.95
C GLY G 32 7.82 12.49 -19.60
N ALA G 33 8.59 12.18 -18.55
CA ALA G 33 8.03 12.03 -17.20
C ALA G 33 7.74 13.31 -16.37
N ALA G 34 8.15 14.48 -16.86
CA ALA G 34 8.19 15.70 -16.02
C ALA G 34 6.84 16.35 -15.69
N LYS G 35 5.94 16.36 -16.69
CA LYS G 35 4.61 16.95 -16.56
C LYS G 35 3.46 15.96 -16.84
N ARG G 36 2.25 16.35 -16.42
CA ARG G 36 0.99 15.77 -16.93
C ARG G 36 0.95 14.24 -16.86
N LEU G 37 0.70 13.58 -18.00
CA LEU G 37 0.53 12.10 -17.98
C LEU G 37 1.78 11.37 -17.48
N GLY G 38 2.90 11.61 -18.14
CA GLY G 38 4.19 11.06 -17.72
C GLY G 38 4.45 11.24 -16.22
N ARG G 39 4.09 12.40 -15.69
CA ARG G 39 4.18 12.64 -14.25
C ARG G 39 3.30 11.67 -13.45
N SER G 40 2.05 11.58 -13.88
CA SER G 40 1.08 10.70 -13.24
C SER G 40 1.54 9.23 -13.28
N ILE G 41 2.02 8.79 -14.43
CA ILE G 41 2.51 7.42 -14.60
C ILE G 41 3.67 7.13 -13.63
N ALA G 42 4.63 8.08 -13.58
CA ALA G 42 5.79 7.99 -12.72
C ALA G 42 5.36 7.90 -11.26
N GLU G 43 4.42 8.77 -10.87
CA GLU G 43 3.97 8.82 -9.49
C GLU G 43 3.30 7.52 -9.16
N GLY G 44 2.45 7.06 -10.09
CA GLY G 44 1.66 5.83 -9.93
C GLY G 44 2.55 4.64 -9.71
N LEU G 45 3.55 4.50 -10.58
CA LEU G 45 4.52 3.40 -10.48
C LEU G 45 5.33 3.49 -9.18
N HIS G 46 5.73 4.71 -8.82
CA HIS G 46 6.43 4.95 -7.57
C HIS G 46 5.58 4.52 -6.37
N ALA G 47 4.27 4.75 -6.44
CA ALA G 47 3.33 4.37 -5.37
C ALA G 47 3.19 2.86 -5.22
N GLU G 48 3.43 2.14 -6.31
CA GLU G 48 3.41 0.68 -6.27
C GLU G 48 4.75 0.08 -5.82
N GLY G 49 5.72 0.97 -5.54
CA GLY G 49 7.02 0.58 -5.00
C GLY G 49 8.17 0.58 -5.99
N TYR G 50 7.90 1.04 -7.22
CA TYR G 50 8.95 1.13 -8.24
C TYR G 50 9.96 2.25 -7.95
N ALA G 51 11.23 1.98 -8.26
CA ALA G 51 12.21 3.05 -8.43
C ALA G 51 11.99 3.62 -9.85
N VAL G 52 12.05 4.94 -9.98
CA VAL G 52 11.69 5.58 -11.25
C VAL G 52 12.80 6.42 -11.89
N CYS G 53 13.20 6.03 -13.08
CA CYS G 53 14.02 6.87 -13.90
C CYS G 53 13.11 7.81 -14.72
N LEU G 54 13.07 9.07 -14.31
CA LEU G 54 12.22 10.09 -14.94
C LEU G 54 12.95 10.77 -16.10
N HIS G 55 12.41 10.62 -17.31
CA HIS G 55 13.09 11.13 -18.50
C HIS G 55 12.47 12.41 -18.95
N TYR G 56 13.32 13.34 -19.41
CA TYR G 56 12.88 14.66 -19.84
C TYR G 56 13.75 15.18 -20.97
N HIS G 57 13.22 16.19 -21.65
CA HIS G 57 13.96 16.87 -22.68
C HIS G 57 14.16 18.32 -22.26
N ARG G 58 13.07 19.08 -22.21
CA ARG G 58 13.10 20.53 -21.90
C ARG G 58 12.81 20.80 -20.43
N SER G 59 11.95 19.97 -19.86
CA SER G 59 11.37 20.31 -18.59
C SER G 59 12.27 19.94 -17.41
N ALA G 60 13.48 20.51 -17.39
CA ALA G 60 14.47 20.20 -16.36
C ALA G 60 13.96 20.49 -14.94
N ALA G 61 13.45 21.71 -14.72
CA ALA G 61 12.91 22.12 -13.42
C ALA G 61 11.86 21.19 -12.84
N GLU G 62 10.84 20.84 -13.63
CA GLU G 62 9.74 20.01 -13.13
C GLU G 62 10.21 18.59 -12.84
N ALA G 63 11.09 18.09 -13.72
CA ALA G 63 11.64 16.73 -13.58
C ALA G 63 12.37 16.60 -12.26
N ASN G 64 13.30 17.53 -12.01
CA ASN G 64 14.06 17.54 -10.76
C ASN G 64 13.17 17.80 -9.55
N ALA G 65 12.18 18.68 -9.70
CA ALA G 65 11.20 18.93 -8.64
C ALA G 65 10.48 17.64 -8.30
N LEU G 66 10.02 16.92 -9.32
CA LEU G 66 9.31 15.65 -9.10
C LEU G 66 10.19 14.61 -8.43
N SER G 67 11.45 14.48 -8.90
CA SER G 67 12.42 13.54 -8.35
C SER G 67 12.69 13.78 -6.85
N ALA G 68 12.78 15.05 -6.49
CA ALA G 68 12.92 15.45 -5.10
C ALA G 68 11.74 14.98 -4.25
N THR G 69 10.53 15.07 -4.82
CA THR G 69 9.32 14.62 -4.14
C THR G 69 9.39 13.12 -3.88
N LEU G 70 9.64 12.36 -4.93
CA LEU G 70 9.71 10.89 -4.83
C LEU G 70 10.85 10.47 -3.89
N ASN G 71 12.01 11.11 -4.03
CA ASN G 71 13.14 10.79 -3.17
C ASN G 71 12.91 11.16 -1.70
N ALA G 72 12.18 12.24 -1.47
CA ALA G 72 11.76 12.62 -0.11
C ALA G 72 10.85 11.57 0.53
N ARG G 73 9.93 11.00 -0.28
CA ARG G 73 9.04 9.94 0.20
C ARG G 73 9.89 8.70 0.51
N ARG G 74 10.73 8.32 -0.45
CA ARG G 74 11.50 7.08 -0.39
C ARG G 74 12.90 7.29 -1.00
N PRO G 75 13.93 7.21 -0.16
CA PRO G 75 15.30 7.53 -0.58
C PRO G 75 15.76 6.65 -1.73
N ASN G 76 16.44 7.26 -2.69
CA ASN G 76 16.99 6.56 -3.87
C ASN G 76 15.94 5.80 -4.73
N SER G 77 14.81 6.46 -4.97
CA SER G 77 13.70 5.88 -5.69
C SER G 77 13.40 6.65 -6.96
N ALA G 78 14.29 7.59 -7.31
CA ALA G 78 14.05 8.47 -8.46
C ALA G 78 15.34 9.10 -8.91
N ILE G 79 15.62 8.98 -10.21
CA ILE G 79 16.63 9.81 -10.89
C ILE G 79 15.98 10.49 -12.13
N THR G 80 16.76 11.26 -12.89
CA THR G 80 16.21 12.11 -13.94
C THR G 80 17.19 12.14 -15.10
N VAL G 81 16.74 11.69 -16.27
CA VAL G 81 17.64 11.60 -17.43
C VAL G 81 17.24 12.51 -18.60
N GLN G 82 18.20 13.28 -19.09
CA GLN G 82 17.91 14.21 -20.16
C GLN G 82 18.26 13.61 -21.52
N ALA G 83 17.37 13.82 -22.49
CA ALA G 83 17.57 13.32 -23.87
C ALA G 83 16.54 13.86 -24.87
N ASP G 84 17.06 14.25 -26.03
CA ASP G 84 16.25 14.63 -27.20
C ASP G 84 15.95 13.33 -27.92
N LEU G 85 14.65 13.02 -28.07
CA LEU G 85 14.23 11.75 -28.62
C LEU G 85 13.89 11.91 -30.10
N SER G 86 14.13 13.11 -30.61
CA SER G 86 13.96 13.38 -32.01
C SER G 86 14.95 12.57 -32.82
N ASN G 87 14.53 12.14 -34.00
CA ASN G 87 15.38 11.39 -34.90
C ASN G 87 16.49 12.24 -35.50
N VAL G 88 17.37 12.78 -34.63
CA VAL G 88 18.56 13.55 -35.06
C VAL G 88 19.82 13.09 -34.33
N ALA G 89 20.98 13.24 -34.96
CA ALA G 89 22.23 13.04 -34.24
C ALA G 89 22.46 14.33 -33.47
N THR G 90 22.77 14.23 -32.18
CA THR G 90 23.23 15.44 -31.47
C THR G 90 24.74 15.61 -31.64
N ALA G 91 25.47 15.66 -30.52
CA ALA G 91 26.86 16.13 -30.44
C ALA G 91 27.37 15.91 -29.01
N PRO G 92 28.55 15.31 -28.84
CA PRO G 92 29.07 14.96 -27.49
C PRO G 92 29.52 16.17 -26.62
N ALA G 100 32.70 12.79 -34.68
CA ALA G 100 31.76 11.85 -34.05
C ALA G 100 30.64 12.51 -33.21
N PRO G 101 29.50 12.84 -33.85
CA PRO G 101 28.25 13.18 -33.13
C PRO G 101 27.37 11.95 -32.79
N VAL G 102 26.33 12.14 -31.97
CA VAL G 102 25.61 11.05 -31.27
C VAL G 102 24.24 10.76 -31.88
N THR G 103 24.04 9.52 -32.33
CA THR G 103 22.78 9.09 -32.96
C THR G 103 21.66 8.87 -31.94
N LEU G 104 20.43 8.81 -32.44
CA LEU G 104 19.26 8.57 -31.60
C LEU G 104 19.32 7.21 -30.91
N PHE G 105 19.87 6.20 -31.59
CA PHE G 105 20.01 4.85 -31.02
C PHE G 105 20.92 4.83 -29.78
N THR G 106 22.09 5.47 -29.91
CA THR G 106 23.03 5.65 -28.81
C THR G 106 22.35 6.34 -27.59
N ARG G 107 21.68 7.48 -27.83
CA ARG G 107 20.98 8.19 -26.76
C ARG G 107 19.97 7.31 -26.05
N CYS G 108 19.22 6.53 -26.83
CA CYS G 108 18.22 5.59 -26.29
C CYS G 108 18.87 4.45 -25.47
N ALA G 109 19.94 3.83 -26.02
CA ALA G 109 20.71 2.83 -25.28
C ALA G 109 21.23 3.36 -23.92
N GLU G 110 21.69 4.62 -23.91
CA GLU G 110 22.19 5.27 -22.67
C GLU G 110 21.06 5.58 -21.66
N LEU G 111 19.85 5.76 -22.16
CA LEU G 111 18.69 5.91 -21.27
C LEU G 111 18.46 4.66 -20.46
N VAL G 112 18.36 3.54 -21.16
CA VAL G 112 18.19 2.23 -20.54
C VAL G 112 19.37 1.88 -19.63
N ALA G 113 20.58 2.11 -20.13
CA ALA G 113 21.81 1.91 -19.35
C ALA G 113 21.82 2.66 -18.02
N ALA G 114 21.29 3.89 -18.02
CA ALA G 114 21.23 4.72 -16.82
C ALA G 114 20.50 4.03 -15.67
N CYS G 115 19.50 3.21 -16.03
CA CYS G 115 18.77 2.41 -15.04
C CYS G 115 19.66 1.31 -14.48
N TYR G 116 20.38 0.62 -15.37
CA TYR G 116 21.24 -0.51 -14.99
C TYR G 116 22.46 -0.05 -14.18
N THR G 117 23.07 1.05 -14.61
CA THR G 117 24.14 1.70 -13.88
C THR G 117 23.72 2.07 -12.45
N HIS G 118 22.55 2.68 -12.30
CA HIS G 118 22.14 3.18 -11.00
C HIS G 118 21.53 2.14 -10.06
N TRP G 119 20.70 1.25 -10.60
CA TRP G 119 19.92 0.30 -9.79
C TRP G 119 20.15 -1.18 -10.16
N GLY G 120 20.87 -1.41 -11.27
CA GLY G 120 21.19 -2.77 -11.71
C GLY G 120 20.07 -3.49 -12.43
N ARG G 121 19.02 -2.76 -12.82
CA ARG G 121 17.85 -3.37 -13.46
C ARG G 121 16.96 -2.37 -14.19
N CYS G 122 16.13 -2.92 -15.08
CA CYS G 122 15.07 -2.16 -15.72
C CYS G 122 13.93 -3.12 -16.04
N ASP G 123 12.88 -3.04 -15.24
CA ASP G 123 11.76 -3.98 -15.32
C ASP G 123 10.62 -3.49 -16.18
N VAL G 124 10.36 -2.18 -16.14
CA VAL G 124 9.27 -1.56 -16.89
C VAL G 124 9.79 -0.39 -17.74
N LEU G 125 9.35 -0.33 -18.99
CA LEU G 125 9.57 0.83 -19.86
C LEU G 125 8.22 1.43 -20.28
N VAL G 126 8.08 2.75 -20.14
CA VAL G 126 6.89 3.47 -20.62
C VAL G 126 7.28 4.49 -21.70
N ASN G 127 6.99 4.18 -22.95
CA ASN G 127 7.19 5.18 -24.00
C ASN G 127 6.05 6.18 -23.96
N ASN G 128 6.27 7.27 -23.25
CA ASN G 128 5.23 8.27 -23.04
C ASN G 128 5.55 9.55 -23.77
N ALA G 129 6.84 9.86 -23.88
CA ALA G 129 7.30 11.11 -24.53
C ALA G 129 6.83 11.18 -25.98
N SER G 130 6.27 12.34 -26.35
CA SER G 130 5.57 12.54 -27.61
C SER G 130 5.42 14.02 -27.93
N SER G 131 5.88 14.41 -29.13
CA SER G 131 5.60 15.75 -29.67
C SER G 131 4.33 15.71 -30.51
N PHE G 132 3.61 16.81 -30.49
CA PHE G 132 2.26 16.85 -31.03
C PHE G 132 1.99 18.27 -31.53
N TYR G 133 1.93 18.42 -32.85
CA TYR G 133 1.63 19.72 -33.47
C TYR G 133 1.37 19.50 -34.96
N PRO G 134 0.70 20.47 -35.60
CA PRO G 134 0.16 20.29 -36.97
C PRO G 134 1.22 20.12 -38.06
N THR G 135 0.97 19.20 -38.99
CA THR G 135 1.71 19.15 -40.27
C THR G 135 0.70 19.06 -41.40
N PRO G 136 0.06 20.19 -41.73
CA PRO G 136 -1.00 20.19 -42.72
C PRO G 136 -0.53 19.74 -44.09
N LEU G 137 -1.41 19.05 -44.80
CA LEU G 137 -1.24 18.83 -46.22
C LEU G 137 -1.63 20.12 -46.94
N LEU G 138 -2.85 20.59 -46.72
CA LEU G 138 -3.32 21.87 -47.26
C LEU G 138 -2.89 23.03 -46.36
N ARG G 139 -2.17 23.98 -46.96
CA ARG G 139 -1.62 25.16 -46.26
C ARG G 139 -2.72 26.10 -45.80
N ASN G 140 -3.46 26.64 -46.78
CA ASN G 140 -4.59 27.55 -46.55
C ASN G 140 -4.42 28.55 -45.40
N ASP G 151 12.86 28.66 -42.22
CA ASP G 151 13.22 27.94 -43.43
C ASP G 151 11.99 27.25 -44.05
N ARG G 152 12.19 26.66 -45.23
CA ARG G 152 11.18 25.78 -45.87
C ARG G 152 11.44 24.29 -45.55
N GLU G 153 12.48 24.03 -44.72
CA GLU G 153 12.85 22.68 -44.25
C GLU G 153 12.68 22.49 -42.73
N ALA G 154 11.89 23.35 -42.07
CA ALA G 154 11.41 23.09 -40.71
C ALA G 154 10.43 21.93 -40.83
N MET G 155 10.17 21.58 -42.10
CA MET G 155 9.62 20.30 -42.49
C MET G 155 10.40 19.20 -41.81
N GLU G 156 11.62 18.98 -42.31
CA GLU G 156 12.56 18.01 -41.75
C GLU G 156 12.45 17.91 -40.22
N THR G 157 12.58 19.03 -39.49
CA THR G 157 12.63 18.93 -38.02
C THR G 157 11.31 18.44 -37.43
N ALA G 158 10.20 18.81 -38.05
CA ALA G 158 8.92 18.25 -37.67
C ALA G 158 8.94 16.72 -37.87
N THR G 159 9.36 16.27 -39.04
CA THR G 159 9.45 14.87 -39.37
C THR G 159 10.33 14.10 -38.39
N ALA G 160 11.46 14.68 -38.03
CA ALA G 160 12.40 14.01 -37.15
C ALA G 160 11.89 13.98 -35.73
N ASP G 161 11.22 15.05 -35.31
CA ASP G 161 10.73 15.17 -33.93
C ASP G 161 9.49 14.30 -33.68
N LEU G 162 8.47 14.51 -34.51
CA LEU G 162 7.24 13.77 -34.37
C LEU G 162 7.45 12.26 -34.51
N PHE G 163 8.16 11.83 -35.55
CA PHE G 163 8.49 10.41 -35.70
C PHE G 163 9.51 9.89 -34.70
N GLY G 164 10.42 10.75 -34.26
CA GLY G 164 11.40 10.32 -33.29
C GLY G 164 10.69 9.98 -32.00
N SER G 165 10.03 10.99 -31.43
CA SER G 165 9.47 10.87 -30.08
C SER G 165 8.43 9.75 -30.05
N ASN G 166 7.60 9.72 -31.08
CA ASN G 166 6.40 8.89 -31.05
C ASN G 166 6.66 7.45 -31.48
N ALA G 167 7.66 7.25 -32.34
CA ALA G 167 7.88 5.93 -32.96
C ALA G 167 9.32 5.40 -32.96
N ILE G 168 10.26 6.20 -33.47
CA ILE G 168 11.61 5.69 -33.70
C ILE G 168 12.31 5.42 -32.38
N ALA G 169 12.33 6.43 -31.51
CA ALA G 169 12.92 6.31 -30.16
C ALA G 169 12.35 5.15 -29.38
N PRO G 170 11.02 5.04 -29.30
CA PRO G 170 10.38 3.87 -28.71
C PRO G 170 10.95 2.53 -29.17
N TYR G 171 11.16 2.39 -30.49
CA TYR G 171 11.77 1.19 -31.08
C TYR G 171 13.19 0.92 -30.59
N PHE G 172 14.04 1.95 -30.60
CA PHE G 172 15.39 1.83 -30.05
C PHE G 172 15.39 1.58 -28.55
N LEU G 173 14.52 2.29 -27.84
CA LEU G 173 14.40 2.07 -26.41
C LEU G 173 14.03 0.61 -26.16
N ILE G 174 13.05 0.11 -26.93
CA ILE G 174 12.63 -1.29 -26.76
C ILE G 174 13.77 -2.26 -27.05
N LYS G 175 14.49 -2.02 -28.16
CA LYS G 175 15.67 -2.79 -28.50
C LYS G 175 16.68 -2.83 -27.34
N ALA G 176 17.05 -1.65 -26.82
CA ALA G 176 17.98 -1.58 -25.71
C ALA G 176 17.45 -2.41 -24.55
N PHE G 177 16.17 -2.14 -24.19
CA PHE G 177 15.48 -2.84 -23.09
C PHE G 177 15.59 -4.37 -23.22
N ALA G 178 15.32 -4.85 -24.44
CA ALA G 178 15.37 -6.28 -24.75
C ALA G 178 16.79 -6.87 -24.70
N HIS G 179 17.77 -6.12 -25.26
CA HIS G 179 19.17 -6.56 -25.31
C HIS G 179 19.66 -6.90 -23.93
N ARG G 180 19.30 -6.06 -22.97
CA ARG G 180 19.77 -6.17 -21.59
C ARG G 180 19.04 -7.23 -20.79
N VAL G 181 17.74 -7.39 -21.04
CA VAL G 181 17.03 -8.54 -20.47
C VAL G 181 17.65 -9.83 -20.98
N ALA G 182 17.82 -9.94 -22.31
CA ALA G 182 18.44 -11.10 -22.96
C ALA G 182 19.85 -11.37 -22.43
N GLY G 183 20.59 -10.29 -22.17
CA GLY G 183 21.95 -10.39 -21.67
C GLY G 183 22.09 -10.76 -20.21
N THR G 184 20.98 -10.70 -19.46
CA THR G 184 20.99 -11.15 -18.09
C THR G 184 20.81 -12.66 -18.09
N PRO G 185 21.62 -13.39 -17.30
CA PRO G 185 21.45 -14.85 -17.17
C PRO G 185 20.07 -15.16 -16.57
N ALA G 186 19.39 -16.16 -17.14
CA ALA G 186 18.01 -16.45 -16.75
C ALA G 186 17.82 -16.41 -15.24
N LYS G 187 18.78 -16.98 -14.51
CA LYS G 187 18.81 -16.90 -13.05
C LYS G 187 18.60 -15.49 -12.52
N HIS G 188 19.18 -14.48 -13.16
CA HIS G 188 19.15 -13.15 -12.57
C HIS G 188 17.94 -12.27 -12.94
N ARG G 189 17.16 -12.72 -13.92
CA ARG G 189 16.09 -11.92 -14.53
C ARG G 189 14.91 -11.62 -13.59
N GLY G 190 14.29 -10.45 -13.78
CA GLY G 190 13.05 -10.07 -13.10
C GLY G 190 11.91 -10.98 -13.52
N THR G 191 10.79 -10.89 -12.82
CA THR G 191 9.65 -11.77 -13.08
C THR G 191 8.42 -11.02 -13.60
N ASN G 192 8.55 -9.71 -13.82
CA ASN G 192 7.44 -8.90 -14.34
C ASN G 192 7.92 -7.78 -15.28
N TYR G 193 8.49 -8.18 -16.43
CA TYR G 193 8.92 -7.25 -17.49
C TYR G 193 7.74 -6.76 -18.34
N SER G 194 7.61 -5.44 -18.44
CA SER G 194 6.46 -4.80 -19.09
C SER G 194 6.81 -3.52 -19.82
N ILE G 195 6.42 -3.42 -21.08
CA ILE G 195 6.57 -2.20 -21.85
C ILE G 195 5.20 -1.66 -22.22
N ILE G 196 4.96 -0.38 -21.90
CA ILE G 196 3.72 0.32 -22.23
C ILE G 196 4.01 1.41 -23.25
N ASN G 197 3.22 1.43 -24.31
CA ASN G 197 3.31 2.49 -25.31
C ASN G 197 2.09 3.38 -25.26
N MET G 198 2.28 4.65 -24.93
CA MET G 198 1.18 5.61 -24.97
C MET G 198 0.82 5.85 -26.41
N VAL G 199 -0.33 5.30 -26.80
CA VAL G 199 -0.85 5.46 -28.14
C VAL G 199 -1.97 6.49 -28.11
N ASP G 200 -2.89 6.43 -29.07
CA ASP G 200 -3.95 7.41 -29.14
C ASP G 200 -5.24 6.72 -29.53
N ALA G 201 -6.28 6.90 -28.71
CA ALA G 201 -7.58 6.26 -29.00
C ALA G 201 -8.27 6.84 -30.22
N MET G 202 -7.87 8.07 -30.60
CA MET G 202 -8.57 8.81 -31.65
C MET G 202 -7.93 8.78 -33.06
N THR G 203 -6.83 8.06 -33.21
CA THR G 203 -6.09 8.11 -34.47
C THR G 203 -6.76 7.45 -35.67
N ASN G 204 -7.80 6.66 -35.42
CA ASN G 204 -8.61 6.14 -36.52
C ASN G 204 -9.63 7.17 -36.98
N GLN G 205 -9.78 8.20 -36.16
CA GLN G 205 -10.61 9.36 -36.50
C GLN G 205 -9.72 10.61 -36.43
N PRO G 206 -8.83 10.75 -37.41
CA PRO G 206 -7.70 11.67 -37.30
C PRO G 206 -8.11 13.12 -37.09
N LEU G 207 -7.31 13.79 -36.28
CA LEU G 207 -7.47 15.23 -36.07
C LEU G 207 -6.97 15.90 -37.36
N LEU G 208 -7.79 16.79 -37.89
CA LEU G 208 -7.45 17.45 -39.14
C LEU G 208 -6.09 18.19 -39.06
N GLY G 209 -5.18 17.79 -39.95
CA GLY G 209 -3.90 18.50 -40.14
C GLY G 209 -2.71 17.96 -39.37
N TYR G 210 -2.93 16.84 -38.68
CA TYR G 210 -1.92 16.25 -37.77
C TYR G 210 -1.36 14.93 -38.30
N THR G 211 -1.17 14.89 -39.62
CA THR G 211 -0.84 13.66 -40.35
C THR G 211 0.42 12.92 -39.86
N ILE G 212 1.52 13.65 -39.66
CA ILE G 212 2.75 12.99 -39.25
C ILE G 212 2.57 12.41 -37.86
N TYR G 213 1.92 13.17 -36.96
CA TYR G 213 1.62 12.65 -35.63
C TYR G 213 0.75 11.37 -35.70
N THR G 214 -0.32 11.42 -36.48
CA THR G 214 -1.17 10.26 -36.64
C THR G 214 -0.39 9.08 -37.21
N MET G 215 0.44 9.36 -38.22
CA MET G 215 1.30 8.34 -38.82
C MET G 215 2.23 7.71 -37.77
N ALA G 216 2.78 8.58 -36.92
CA ALA G 216 3.69 8.14 -35.85
C ALA G 216 2.97 7.23 -34.87
N LYS G 217 1.73 7.55 -34.52
CA LYS G 217 1.02 6.69 -33.56
C LYS G 217 0.71 5.35 -34.21
N GLY G 218 0.34 5.42 -35.50
CA GLY G 218 0.17 4.24 -36.37
C GLY G 218 1.39 3.34 -36.30
N ALA G 219 2.57 3.93 -36.49
CA ALA G 219 3.82 3.19 -36.28
C ALA G 219 3.92 2.59 -34.88
N LEU G 220 3.58 3.36 -33.85
CA LEU G 220 3.73 2.90 -32.48
C LEU G 220 2.83 1.66 -32.20
N GLU G 221 1.60 1.69 -32.68
CA GLU G 221 0.71 0.52 -32.61
C GLU G 221 1.38 -0.70 -33.23
N GLY G 222 1.91 -0.56 -34.45
CA GLY G 222 2.67 -1.61 -35.14
C GLY G 222 3.79 -2.17 -34.27
N LEU G 223 4.52 -1.26 -33.62
CA LEU G 223 5.61 -1.61 -32.72
C LEU G 223 5.10 -2.44 -31.56
N THR G 224 3.97 -2.04 -30.98
CA THR G 224 3.39 -2.81 -29.87
C THR G 224 3.14 -4.29 -30.28
N ARG G 225 2.53 -4.48 -31.44
CA ARG G 225 2.24 -5.84 -31.91
C ARG G 225 3.51 -6.60 -32.24
N SER G 226 4.40 -5.96 -32.99
CA SER G 226 5.65 -6.61 -33.40
C SER G 226 6.50 -6.97 -32.19
N ALA G 227 6.76 -5.99 -31.31
CA ALA G 227 7.52 -6.26 -30.09
C ALA G 227 6.90 -7.31 -29.20
N ALA G 228 5.58 -7.24 -28.95
CA ALA G 228 4.93 -8.30 -28.15
C ALA G 228 5.30 -9.70 -28.65
N LEU G 229 5.14 -9.91 -29.97
CA LEU G 229 5.43 -11.18 -30.62
C LEU G 229 6.90 -11.64 -30.52
N GLU G 230 7.83 -10.70 -30.74
CA GLU G 230 9.25 -11.05 -30.71
C GLU G 230 9.79 -11.21 -29.29
N LEU G 231 9.22 -10.48 -28.34
CA LEU G 231 9.75 -10.51 -26.97
C LEU G 231 8.98 -11.43 -26.04
N ALA G 232 7.95 -12.10 -26.57
CA ALA G 232 7.20 -13.10 -25.79
C ALA G 232 8.12 -14.16 -25.16
N PRO G 233 9.07 -14.74 -25.91
CA PRO G 233 9.96 -15.78 -25.35
C PRO G 233 10.76 -15.30 -24.15
N LEU G 234 11.05 -14.01 -24.06
CA LEU G 234 11.71 -13.44 -22.89
C LEU G 234 10.72 -13.01 -21.80
N GLN G 235 9.44 -13.30 -22.03
CA GLN G 235 8.36 -12.92 -21.10
C GLN G 235 8.27 -11.42 -20.91
N ILE G 236 8.65 -10.66 -21.94
CA ILE G 236 8.49 -9.23 -21.91
C ILE G 236 7.15 -8.89 -22.56
N ARG G 237 6.23 -8.30 -21.79
CA ARG G 237 4.93 -7.93 -22.33
C ARG G 237 4.95 -6.53 -22.94
N VAL G 238 4.29 -6.38 -24.08
CA VAL G 238 4.24 -5.09 -24.75
C VAL G 238 2.78 -4.72 -25.01
N ASN G 239 2.32 -3.66 -24.35
CA ASN G 239 0.95 -3.21 -24.56
C ASN G 239 0.89 -1.73 -24.84
N GLY G 240 -0.24 -1.29 -25.40
CA GLY G 240 -0.52 0.13 -25.57
C GLY G 240 -1.62 0.59 -24.66
N VAL G 241 -1.57 1.87 -24.29
CA VAL G 241 -2.69 2.55 -23.65
C VAL G 241 -2.99 3.80 -24.48
N GLY G 242 -4.28 4.04 -24.75
CA GLY G 242 -4.63 5.14 -25.63
C GLY G 242 -5.65 6.09 -25.07
N PRO G 243 -5.21 7.25 -24.65
CA PRO G 243 -6.11 8.27 -24.19
C PRO G 243 -6.93 8.86 -25.35
N GLY G 244 -8.07 9.44 -25.00
CA GLY G 244 -8.86 10.19 -25.94
C GLY G 244 -8.54 11.64 -25.68
N LEU G 245 -9.18 12.20 -24.65
CA LEU G 245 -8.88 13.53 -24.17
C LEU G 245 -8.50 13.50 -22.69
N SER G 246 -7.32 14.00 -22.36
CA SER G 246 -6.81 14.00 -20.98
C SER G 246 -6.20 15.32 -20.61
N VAL G 247 -6.50 15.70 -19.36
CA VAL G 247 -6.15 16.98 -18.73
C VAL G 247 -5.95 18.11 -19.73
N LEU G 248 -7.00 18.43 -20.47
CA LEU G 248 -6.93 19.51 -21.45
C LEU G 248 -7.01 20.90 -20.79
N VAL G 249 -5.92 21.67 -20.91
CA VAL G 249 -5.83 23.06 -20.42
C VAL G 249 -6.54 24.07 -21.36
N ASP G 250 -7.31 24.98 -20.75
CA ASP G 250 -8.48 25.60 -21.41
C ASP G 250 -8.45 27.01 -22.03
N ASP G 251 -9.66 27.45 -22.37
CA ASP G 251 -10.06 28.79 -22.76
C ASP G 251 -11.49 28.99 -22.20
N MET G 252 -12.52 28.75 -23.03
CA MET G 252 -13.96 28.69 -22.64
C MET G 252 -14.70 30.05 -22.47
N PRO G 253 -14.86 30.81 -23.56
CA PRO G 253 -15.33 32.18 -23.46
C PRO G 253 -16.87 32.43 -23.57
N PRO G 254 -17.27 33.53 -24.22
CA PRO G 254 -18.42 34.36 -23.77
C PRO G 254 -19.80 33.71 -23.77
N GLU G 258 -14.90 25.32 -23.52
CA GLU G 258 -15.91 24.27 -23.65
C GLU G 258 -16.07 23.76 -25.09
N GLY G 259 -15.19 24.22 -25.98
CA GLY G 259 -15.17 23.78 -27.38
C GLY G 259 -15.09 22.27 -27.57
N HIS G 260 -14.45 21.59 -26.60
CA HIS G 260 -14.10 20.16 -26.72
C HIS G 260 -14.72 19.20 -25.68
N ARG G 261 -14.74 19.60 -24.41
CA ARG G 261 -15.14 18.69 -23.32
C ARG G 261 -16.52 18.05 -23.50
N SER G 262 -17.52 18.88 -23.85
CA SER G 262 -18.90 18.42 -23.94
C SER G 262 -19.12 17.28 -24.95
N LYS G 263 -18.17 17.13 -25.86
CA LYS G 263 -18.26 16.16 -26.94
C LYS G 263 -18.06 14.72 -26.44
N VAL G 264 -17.66 14.55 -25.20
CA VAL G 264 -17.33 13.19 -24.79
C VAL G 264 -18.51 12.53 -24.11
N PRO G 265 -18.84 11.32 -24.58
CA PRO G 265 -19.98 10.57 -24.04
C PRO G 265 -19.94 10.43 -22.52
N LEU G 266 -18.87 9.89 -21.95
CA LEU G 266 -18.92 9.67 -20.51
C LEU G 266 -18.43 10.87 -19.71
N TYR G 267 -19.35 11.39 -18.90
CA TYR G 267 -19.09 12.53 -17.99
C TYR G 267 -19.00 13.88 -18.72
N GLN G 268 -18.94 13.86 -20.06
CA GLN G 268 -18.75 15.10 -20.85
C GLN G 268 -17.53 15.95 -20.39
N ARG G 269 -16.44 15.25 -20.09
CA ARG G 269 -15.18 15.89 -19.74
C ARG G 269 -14.00 15.05 -20.22
N ASP G 270 -12.84 15.72 -20.39
CA ASP G 270 -11.58 15.04 -20.63
C ASP G 270 -11.25 14.30 -19.34
N SER G 271 -10.34 13.33 -19.40
CA SER G 271 -9.98 12.60 -18.19
C SER G 271 -9.01 13.39 -17.31
N SER G 272 -8.81 12.91 -16.08
CA SER G 272 -7.69 13.36 -15.24
C SER G 272 -6.46 12.53 -15.62
N ALA G 273 -5.29 12.93 -15.14
CA ALA G 273 -4.06 12.19 -15.40
C ALA G 273 -4.12 10.79 -14.78
N ALA G 274 -4.63 10.69 -13.56
CA ALA G 274 -4.75 9.41 -12.89
C ALA G 274 -5.61 8.41 -13.68
N GLU G 275 -6.72 8.90 -14.22
CA GLU G 275 -7.67 8.05 -14.91
C GLU G 275 -6.98 7.34 -16.05
N VAL G 276 -5.87 7.91 -16.52
CA VAL G 276 -5.06 7.22 -17.53
C VAL G 276 -3.91 6.38 -16.91
N SER G 277 -3.19 6.96 -15.95
CA SER G 277 -2.01 6.27 -15.38
C SER G 277 -2.39 4.98 -14.64
N ASP G 278 -3.53 4.97 -13.95
CA ASP G 278 -4.00 3.78 -13.27
C ASP G 278 -4.09 2.59 -14.22
N VAL G 279 -4.49 2.85 -15.44
CA VAL G 279 -4.56 1.78 -16.45
C VAL G 279 -3.15 1.29 -16.78
N VAL G 280 -2.22 2.25 -16.96
CA VAL G 280 -0.81 1.94 -17.26
C VAL G 280 -0.26 1.08 -16.15
N ILE G 281 -0.49 1.54 -14.91
CA ILE G 281 -0.01 0.85 -13.73
C ILE G 281 -0.60 -0.56 -13.62
N PHE G 282 -1.90 -0.70 -13.88
CA PHE G 282 -2.49 -2.03 -13.86
C PHE G 282 -1.84 -2.95 -14.87
N LEU G 283 -1.64 -2.46 -16.09
CA LEU G 283 -1.07 -3.31 -17.13
C LEU G 283 0.35 -3.76 -16.77
N CYS G 284 1.00 -2.96 -15.91
CA CYS G 284 2.36 -3.26 -15.49
C CYS G 284 2.36 -4.28 -14.37
N SER G 285 1.24 -4.36 -13.64
CA SER G 285 1.10 -5.30 -12.51
C SER G 285 1.06 -6.76 -12.97
N SER G 286 1.39 -7.67 -12.05
CA SER G 286 1.48 -9.09 -12.36
C SER G 286 0.10 -9.73 -12.56
N LYS G 287 -0.95 -9.13 -12.01
CA LYS G 287 -2.33 -9.55 -12.36
C LYS G 287 -2.67 -9.39 -13.86
N ALA G 288 -1.92 -8.56 -14.57
CA ALA G 288 -2.07 -8.40 -16.01
C ALA G 288 -1.09 -9.24 -16.83
N LYS G 289 -0.50 -10.26 -16.19
CA LYS G 289 0.65 -10.95 -16.82
C LYS G 289 0.32 -11.69 -18.12
N TYR G 290 -0.96 -11.97 -18.35
CA TYR G 290 -1.33 -12.70 -19.56
C TYR G 290 -1.74 -11.75 -20.69
N ILE G 291 -1.82 -10.45 -20.40
CA ILE G 291 -2.05 -9.42 -21.43
C ILE G 291 -0.75 -9.03 -22.15
N THR G 292 -0.77 -9.11 -23.48
CA THR G 292 0.33 -8.61 -24.31
C THR G 292 -0.15 -8.35 -25.73
N GLY G 293 0.41 -7.31 -26.34
CA GLY G 293 0.13 -7.00 -27.74
C GLY G 293 -1.18 -6.28 -27.95
N THR G 294 -1.78 -5.79 -26.85
CA THR G 294 -3.10 -5.18 -26.96
C THR G 294 -3.05 -3.69 -26.62
N CYS G 295 -4.00 -2.93 -27.18
CA CYS G 295 -4.08 -1.50 -26.87
C CYS G 295 -5.39 -1.24 -26.19
N VAL G 296 -5.33 -0.58 -25.05
CA VAL G 296 -6.51 -0.29 -24.26
C VAL G 296 -6.85 1.20 -24.41
N LYS G 297 -7.97 1.46 -25.09
CA LYS G 297 -8.68 2.76 -25.09
C LYS G 297 -9.04 3.24 -23.68
N VAL G 298 -8.57 4.43 -23.32
CA VAL G 298 -9.03 5.10 -22.11
C VAL G 298 -9.60 6.44 -22.57
N ASP G 299 -10.86 6.44 -23.00
CA ASP G 299 -11.37 7.57 -23.76
C ASP G 299 -12.78 8.04 -23.44
N GLY G 300 -13.40 7.46 -22.41
CA GLY G 300 -14.77 7.86 -22.04
C GLY G 300 -15.79 7.65 -23.15
N GLY G 301 -15.47 6.80 -24.12
CA GLY G 301 -16.40 6.51 -25.21
C GLY G 301 -16.30 7.46 -26.37
N TYR G 302 -15.29 8.33 -26.37
CA TYR G 302 -15.08 9.27 -27.46
C TYR G 302 -14.94 8.63 -28.86
N SER G 303 -14.23 7.50 -28.95
CA SER G 303 -13.98 6.87 -30.23
C SER G 303 -15.24 6.28 -30.85
N LEU G 304 -16.30 6.21 -30.04
CA LEU G 304 -17.61 5.73 -30.50
C LEU G 304 -18.46 6.80 -31.17
N THR G 305 -18.02 8.06 -31.13
CA THR G 305 -18.81 9.15 -31.68
C THR G 305 -18.55 9.35 -33.15
N ARG G 306 -19.42 10.14 -33.78
CA ARG G 306 -19.33 10.49 -35.21
C ARG G 306 -19.79 11.93 -35.38
N ALA G 307 -19.38 12.59 -36.46
CA ALA G 307 -19.79 13.99 -36.73
C ALA G 307 -21.32 14.17 -36.84
N THR H 24 -9.00 13.75 -73.34
CA THR H 24 -8.00 13.79 -72.22
C THR H 24 -7.35 12.43 -71.98
N VAL H 25 -6.04 12.42 -71.85
CA VAL H 25 -5.40 11.25 -71.26
C VAL H 25 -5.04 11.55 -69.80
N PRO H 26 -5.60 10.76 -68.88
CA PRO H 26 -5.24 10.83 -67.45
C PRO H 26 -3.83 10.29 -67.21
N VAL H 27 -3.15 10.83 -66.18
CA VAL H 27 -1.77 10.47 -65.86
C VAL H 27 -1.62 9.86 -64.48
N ALA H 28 -0.83 8.77 -64.43
CA ALA H 28 -0.54 8.04 -63.19
C ALA H 28 0.96 8.02 -62.89
N LEU H 29 1.29 8.26 -61.62
CA LEU H 29 2.63 8.08 -61.10
C LEU H 29 2.64 6.83 -60.22
N VAL H 30 3.51 5.89 -60.56
CA VAL H 30 3.62 4.63 -59.83
C VAL H 30 5.06 4.49 -59.38
N THR H 31 5.28 4.51 -58.07
CA THR H 31 6.62 4.24 -57.52
C THR H 31 6.96 2.73 -57.52
N GLY H 32 8.24 2.39 -57.51
CA GLY H 32 8.67 0.99 -57.61
C GLY H 32 7.99 0.25 -58.76
N ALA H 33 7.92 0.90 -59.93
CA ALA H 33 7.11 0.39 -61.06
C ALA H 33 7.78 -0.64 -61.96
N ALA H 34 9.06 -0.91 -61.71
CA ALA H 34 9.84 -1.72 -62.64
C ALA H 34 9.48 -3.21 -62.72
N LYS H 35 9.16 -3.81 -61.58
CA LYS H 35 8.96 -5.26 -61.50
C LYS H 35 7.69 -5.65 -60.73
N ARG H 36 7.25 -6.89 -60.91
CA ARG H 36 6.26 -7.51 -60.02
C ARG H 36 4.95 -6.69 -59.92
N LEU H 37 4.47 -6.35 -58.72
CA LEU H 37 3.16 -5.65 -58.56
C LEU H 37 3.12 -4.26 -59.17
N GLY H 38 4.16 -3.47 -58.90
CA GLY H 38 4.29 -2.12 -59.47
C GLY H 38 4.21 -2.11 -60.98
N ARG H 39 4.85 -3.07 -61.63
CA ARG H 39 4.76 -3.21 -63.09
C ARG H 39 3.38 -3.67 -63.53
N SER H 40 2.74 -4.52 -62.72
CA SER H 40 1.37 -4.94 -62.97
C SER H 40 0.38 -3.74 -62.85
N ILE H 41 0.61 -2.91 -61.82
CA ILE H 41 -0.21 -1.72 -61.59
C ILE H 41 -0.05 -0.76 -62.78
N ALA H 42 1.19 -0.57 -63.20
CA ALA H 42 1.54 0.31 -64.28
C ALA H 42 0.89 -0.15 -65.54
N GLU H 43 0.98 -1.46 -65.80
CA GLU H 43 0.37 -2.07 -66.98
C GLU H 43 -1.15 -1.92 -66.94
N GLY H 44 -1.74 -2.23 -65.78
CA GLY H 44 -3.18 -2.13 -65.59
C GLY H 44 -3.72 -0.75 -65.88
N LEU H 45 -3.08 0.26 -65.29
CA LEU H 45 -3.48 1.65 -65.46
C LEU H 45 -3.33 2.05 -66.93
N HIS H 46 -2.21 1.65 -67.52
CA HIS H 46 -1.96 1.92 -68.92
C HIS H 46 -3.06 1.30 -69.79
N ALA H 47 -3.52 0.09 -69.43
CA ALA H 47 -4.58 -0.60 -70.17
C ALA H 47 -5.91 0.15 -70.09
N GLU H 48 -6.10 0.94 -69.03
CA GLU H 48 -7.31 1.72 -68.88
C GLU H 48 -7.21 3.09 -69.58
N GLY H 49 -6.07 3.33 -70.22
CA GLY H 49 -5.85 4.56 -70.96
C GLY H 49 -4.97 5.62 -70.31
N TYR H 50 -4.45 5.32 -69.12
CA TYR H 50 -3.56 6.25 -68.41
C TYR H 50 -2.18 6.37 -69.09
N ALA H 51 -1.65 7.58 -69.09
CA ALA H 51 -0.21 7.79 -69.26
C ALA H 51 0.48 7.47 -67.93
N VAL H 52 1.59 6.74 -67.99
CA VAL H 52 2.23 6.28 -66.78
C VAL H 52 3.66 6.79 -66.58
N CYS H 53 3.87 7.47 -65.46
CA CYS H 53 5.22 7.79 -65.01
C CYS H 53 5.73 6.67 -64.13
N LEU H 54 6.63 5.84 -64.68
CA LEU H 54 7.17 4.67 -63.99
C LEU H 54 8.37 5.06 -63.16
N HIS H 55 8.21 5.07 -61.82
CA HIS H 55 9.33 5.33 -60.89
C HIS H 55 10.19 4.09 -60.67
N TYR H 56 11.49 4.30 -60.47
CA TYR H 56 12.42 3.22 -60.08
C TYR H 56 13.59 3.75 -59.26
N HIS H 57 14.30 2.83 -58.62
CA HIS H 57 15.48 3.17 -57.86
C HIS H 57 16.67 2.44 -58.48
N ARG H 58 16.71 1.11 -58.30
CA ARG H 58 17.82 0.30 -58.83
C ARG H 58 17.52 -0.34 -60.20
N SER H 59 16.25 -0.60 -60.49
CA SER H 59 15.92 -1.44 -61.65
C SER H 59 15.78 -0.62 -62.93
N ALA H 60 16.89 -0.03 -63.37
CA ALA H 60 16.87 0.83 -64.56
C ALA H 60 16.47 0.10 -65.83
N ALA H 61 17.12 -1.04 -66.08
CA ALA H 61 16.89 -1.87 -67.26
C ALA H 61 15.44 -2.31 -67.39
N GLU H 62 14.88 -2.78 -66.27
CA GLU H 62 13.51 -3.28 -66.25
C GLU H 62 12.54 -2.14 -66.57
N ALA H 63 12.74 -1.02 -65.89
CA ALA H 63 11.86 0.15 -66.02
C ALA H 63 11.83 0.69 -67.45
N ASN H 64 13.01 0.89 -68.03
CA ASN H 64 13.11 1.30 -69.42
C ASN H 64 12.58 0.26 -70.42
N ALA H 65 12.79 -1.02 -70.13
CA ALA H 65 12.22 -2.08 -70.96
C ALA H 65 10.69 -1.98 -70.97
N LEU H 66 10.11 -1.79 -69.78
CA LEU H 66 8.66 -1.67 -69.64
C LEU H 66 8.13 -0.43 -70.38
N SER H 67 8.80 0.70 -70.20
CA SER H 67 8.41 1.95 -70.82
C SER H 67 8.39 1.82 -72.34
N ALA H 68 9.39 1.15 -72.89
CA ALA H 68 9.42 0.85 -74.34
C ALA H 68 8.18 0.06 -74.79
N THR H 69 7.79 -0.96 -74.01
CA THR H 69 6.59 -1.74 -74.29
C THR H 69 5.40 -0.81 -74.34
N LEU H 70 5.19 -0.03 -73.27
CA LEU H 70 4.00 0.82 -73.18
C LEU H 70 3.98 1.87 -74.29
N ASN H 71 5.15 2.42 -74.60
CA ASN H 71 5.27 3.42 -75.63
C ASN H 71 5.11 2.84 -77.01
N ALA H 72 5.51 1.59 -77.18
CA ALA H 72 5.27 0.86 -78.45
C ALA H 72 3.77 0.67 -78.68
N ARG H 73 3.05 0.37 -77.61
CA ARG H 73 1.61 0.21 -77.65
C ARG H 73 1.02 1.53 -78.09
N ARG H 74 1.36 2.56 -77.32
CA ARG H 74 0.71 3.85 -77.42
C ARG H 74 1.80 4.90 -77.21
N PRO H 75 2.08 5.67 -78.25
CA PRO H 75 3.17 6.65 -78.22
C PRO H 75 2.98 7.68 -77.11
N ASN H 76 4.08 8.03 -76.45
CA ASN H 76 4.09 9.01 -75.35
C ASN H 76 3.14 8.71 -74.20
N SER H 77 3.13 7.45 -73.77
CA SER H 77 2.24 7.01 -72.72
C SER H 77 3.01 6.48 -71.51
N ALA H 78 4.33 6.67 -71.54
CA ALA H 78 5.24 6.16 -70.49
C ALA H 78 6.57 6.91 -70.46
N ILE H 79 6.94 7.37 -69.25
CA ILE H 79 8.31 7.82 -68.99
C ILE H 79 8.88 7.05 -67.78
N THR H 80 10.20 7.11 -67.62
CA THR H 80 10.85 6.66 -66.39
C THR H 80 11.52 7.82 -65.63
N VAL H 81 11.50 7.76 -64.30
CA VAL H 81 12.18 8.74 -63.47
C VAL H 81 12.73 8.04 -62.23
N GLN H 82 14.01 8.28 -61.98
CA GLN H 82 14.80 7.56 -60.96
C GLN H 82 14.86 8.36 -59.66
N ALA H 83 14.81 7.65 -58.53
CA ALA H 83 14.85 8.30 -57.19
C ALA H 83 14.97 7.28 -56.06
N ASP H 84 15.89 7.59 -55.14
CA ASP H 84 16.02 6.91 -53.87
C ASP H 84 14.98 7.52 -52.95
N LEU H 85 14.10 6.67 -52.45
CA LEU H 85 12.99 7.11 -51.61
C LEU H 85 13.30 6.91 -50.13
N SER H 86 14.52 6.45 -49.86
CA SER H 86 15.00 6.37 -48.51
C SER H 86 15.05 7.75 -47.89
N ASN H 87 14.87 7.79 -46.57
CA ASN H 87 14.91 9.05 -45.83
C ASN H 87 16.33 9.58 -45.64
N VAL H 88 16.98 9.89 -46.75
CA VAL H 88 18.36 10.44 -46.75
C VAL H 88 18.58 11.62 -47.74
N ALA H 89 19.67 12.34 -47.47
CA ALA H 89 20.27 13.32 -48.36
C ALA H 89 21.07 12.60 -49.44
N THR H 90 21.08 13.16 -50.64
CA THR H 90 21.84 12.61 -51.81
C THR H 90 22.51 13.74 -52.62
N ALA H 91 23.30 13.34 -53.62
CA ALA H 91 24.19 14.25 -54.40
C ALA H 91 23.52 15.46 -55.10
N PRO H 92 23.72 16.69 -54.59
CA PRO H 92 22.96 17.89 -55.00
C PRO H 92 22.30 17.95 -56.41
N ALA H 100 22.66 22.54 -49.84
CA ALA H 100 22.94 21.35 -49.03
C ALA H 100 23.11 20.14 -49.97
N PRO H 101 23.02 18.90 -49.46
CA PRO H 101 22.57 17.79 -50.31
C PRO H 101 21.06 17.93 -50.62
N VAL H 102 20.54 17.06 -51.49
CA VAL H 102 19.12 17.04 -51.85
C VAL H 102 18.29 16.17 -50.88
N THR H 103 17.30 16.78 -50.23
CA THR H 103 16.48 16.09 -49.23
C THR H 103 15.50 15.15 -49.91
N LEU H 104 14.89 14.26 -49.11
CA LEU H 104 13.82 13.37 -49.60
C LEU H 104 12.58 14.13 -50.09
N PHE H 105 12.22 15.21 -49.39
CA PHE H 105 11.08 16.02 -49.81
C PHE H 105 11.27 16.62 -51.21
N THR H 106 12.48 17.13 -51.48
CA THR H 106 12.80 17.69 -52.78
C THR H 106 12.65 16.65 -53.90
N ARG H 107 13.26 15.47 -53.67
CA ARG H 107 13.23 14.34 -54.64
C ARG H 107 11.79 13.93 -54.93
N CYS H 108 10.98 13.89 -53.88
CA CYS H 108 9.56 13.58 -54.02
C CYS H 108 8.81 14.63 -54.84
N ALA H 109 9.02 15.90 -54.53
CA ALA H 109 8.38 17.00 -55.25
C ALA H 109 8.74 16.92 -56.72
N GLU H 110 10.01 16.58 -57.00
CA GLU H 110 10.51 16.47 -58.37
C GLU H 110 9.92 15.27 -59.13
N LEU H 111 9.54 14.22 -58.40
CA LEU H 111 8.85 13.10 -59.02
C LEU H 111 7.50 13.53 -59.56
N VAL H 112 6.74 14.25 -58.73
CA VAL H 112 5.40 14.67 -59.09
C VAL H 112 5.50 15.70 -60.22
N ALA H 113 6.47 16.61 -60.06
CA ALA H 113 6.76 17.62 -61.06
C ALA H 113 7.01 17.01 -62.43
N ALA H 114 7.71 15.87 -62.44
CA ALA H 114 8.06 15.20 -63.71
C ALA H 114 6.80 14.88 -64.54
N CYS H 115 5.70 14.59 -63.87
CA CYS H 115 4.43 14.34 -64.56
C CYS H 115 3.86 15.62 -65.16
N TYR H 116 3.93 16.71 -64.37
CA TYR H 116 3.38 18.00 -64.82
C TYR H 116 4.19 18.60 -65.95
N THR H 117 5.51 18.50 -65.83
CA THR H 117 6.42 18.92 -66.88
C THR H 117 6.15 18.18 -68.19
N HIS H 118 5.99 16.86 -68.11
CA HIS H 118 5.86 16.09 -69.33
C HIS H 118 4.44 16.08 -69.94
N TRP H 119 3.42 15.93 -69.08
CA TRP H 119 2.03 15.76 -69.54
C TRP H 119 1.07 16.83 -69.04
N GLY H 120 1.54 17.68 -68.12
CA GLY H 120 0.75 18.79 -67.60
C GLY H 120 -0.28 18.38 -66.58
N ARG H 121 -0.20 17.13 -66.12
CA ARG H 121 -1.13 16.64 -65.09
C ARG H 121 -0.60 15.46 -64.28
N CYS H 122 -1.24 15.24 -63.12
CA CYS H 122 -1.05 14.02 -62.35
C CYS H 122 -2.32 13.66 -61.58
N ASP H 123 -3.02 12.65 -62.11
CA ASP H 123 -4.38 12.34 -61.68
C ASP H 123 -4.39 11.25 -60.62
N VAL H 124 -3.45 10.31 -60.73
CA VAL H 124 -3.37 9.17 -59.81
C VAL H 124 -1.95 9.00 -59.33
N LEU H 125 -1.82 8.78 -58.02
CA LEU H 125 -0.55 8.40 -57.41
C LEU H 125 -0.68 6.99 -56.77
N VAL H 126 0.34 6.14 -56.99
CA VAL H 126 0.37 4.85 -56.35
C VAL H 126 1.68 4.72 -55.59
N ASN H 127 1.59 4.80 -54.27
CA ASN H 127 2.75 4.53 -53.42
C ASN H 127 2.96 3.03 -53.27
N ASN H 128 3.80 2.49 -54.15
CA ASN H 128 4.01 1.06 -54.23
C ASN H 128 5.41 0.68 -53.80
N ALA H 129 6.37 1.58 -54.02
CA ALA H 129 7.76 1.27 -53.70
C ALA H 129 7.88 1.03 -52.20
N SER H 130 8.67 0.02 -51.87
CA SER H 130 8.76 -0.50 -50.53
C SER H 130 9.94 -1.45 -50.38
N SER H 131 10.82 -1.11 -49.43
CA SER H 131 11.90 -2.03 -49.01
C SER H 131 11.37 -2.94 -47.89
N PHE H 132 11.91 -4.15 -47.81
CA PHE H 132 11.33 -5.19 -46.97
C PHE H 132 12.43 -6.18 -46.61
N TYR H 133 12.87 -6.11 -45.35
CA TYR H 133 13.93 -6.99 -44.85
C TYR H 133 13.98 -6.93 -43.30
N PRO H 134 14.54 -7.97 -42.65
CA PRO H 134 14.48 -8.11 -41.17
C PRO H 134 15.16 -6.99 -40.40
N THR H 135 14.52 -6.49 -39.33
CA THR H 135 15.22 -5.73 -38.28
C THR H 135 14.93 -6.32 -36.91
N PRO H 136 15.59 -7.42 -36.56
CA PRO H 136 15.30 -8.16 -35.31
C PRO H 136 15.58 -7.37 -34.03
N LEU H 137 14.88 -7.71 -32.96
CA LEU H 137 15.16 -7.11 -31.64
C LEU H 137 16.15 -7.96 -30.84
N LEU H 138 16.43 -9.17 -31.34
CA LEU H 138 17.50 -10.05 -30.80
C LEU H 138 18.22 -10.85 -31.92
N ARG H 139 19.49 -11.18 -31.69
CA ARG H 139 20.26 -12.06 -32.56
C ARG H 139 20.17 -13.54 -32.16
N ARG H 152 26.05 -1.20 -35.86
CA ARG H 152 24.97 -0.30 -35.41
C ARG H 152 24.86 0.95 -36.30
N GLU H 153 25.16 0.78 -37.57
CA GLU H 153 24.94 1.80 -38.60
C GLU H 153 23.99 1.23 -39.67
N ALA H 154 24.00 -0.09 -39.79
CA ALA H 154 23.19 -0.85 -40.75
C ALA H 154 21.69 -0.82 -40.44
N MET H 155 21.33 -0.57 -39.18
CA MET H 155 19.92 -0.42 -38.78
C MET H 155 19.50 1.04 -38.89
N GLU H 156 20.50 1.89 -39.04
CA GLU H 156 20.31 3.32 -39.24
C GLU H 156 19.98 3.58 -40.71
N THR H 157 20.73 3.00 -41.66
CA THR H 157 20.29 2.98 -43.07
C THR H 157 19.07 2.09 -43.27
N ALA H 158 18.91 1.07 -42.42
CA ALA H 158 17.68 0.28 -42.44
C ALA H 158 16.50 1.20 -42.08
N THR H 159 16.64 1.95 -40.98
CA THR H 159 15.61 2.88 -40.50
C THR H 159 15.22 3.92 -41.56
N ALA H 160 16.22 4.46 -42.26
CA ALA H 160 15.95 5.49 -43.25
C ALA H 160 15.31 4.89 -44.50
N ASP H 161 15.74 3.69 -44.87
CA ASP H 161 15.25 3.00 -46.07
C ASP H 161 13.82 2.48 -45.90
N LEU H 162 13.63 1.66 -44.86
CA LEU H 162 12.34 1.04 -44.58
C LEU H 162 11.26 2.08 -44.28
N PHE H 163 11.59 3.06 -43.46
CA PHE H 163 10.65 4.16 -43.20
C PHE H 163 10.48 5.14 -44.36
N GLY H 164 11.55 5.39 -45.10
CA GLY H 164 11.46 6.28 -46.25
C GLY H 164 10.52 5.72 -47.31
N SER H 165 10.81 4.50 -47.77
CA SER H 165 10.10 3.91 -48.91
C SER H 165 8.65 3.63 -48.58
N ASN H 166 8.43 3.18 -47.35
CA ASN H 166 7.12 2.71 -46.94
C ASN H 166 6.22 3.76 -46.36
N ALA H 167 6.80 4.82 -45.78
CA ALA H 167 5.99 5.82 -45.07
C ALA H 167 6.32 7.31 -45.40
N ILE H 168 7.59 7.71 -45.20
CA ILE H 168 7.96 9.13 -45.28
C ILE H 168 7.79 9.68 -46.70
N ALA H 169 8.43 9.03 -47.68
CA ALA H 169 8.29 9.38 -49.08
C ALA H 169 6.82 9.48 -49.52
N PRO H 170 6.03 8.42 -49.31
CA PRO H 170 4.57 8.51 -49.58
C PRO H 170 3.95 9.82 -49.08
N TYR H 171 4.26 10.20 -47.83
CA TYR H 171 3.75 11.46 -47.26
C TYR H 171 4.16 12.69 -48.09
N PHE H 172 5.43 12.77 -48.43
CA PHE H 172 5.93 13.88 -49.22
C PHE H 172 5.40 13.78 -50.63
N LEU H 173 5.29 12.57 -51.14
CA LEU H 173 4.67 12.39 -52.46
C LEU H 173 3.23 12.93 -52.48
N ILE H 174 2.48 12.58 -51.43
CA ILE H 174 1.09 13.02 -51.30
C ILE H 174 1.01 14.54 -51.14
N LYS H 175 1.90 15.10 -50.33
CA LYS H 175 1.97 16.55 -50.17
C LYS H 175 2.16 17.23 -51.54
N ALA H 176 3.19 16.80 -52.28
CA ALA H 176 3.46 17.36 -53.60
C ALA H 176 2.25 17.21 -54.51
N PHE H 177 1.70 15.99 -54.57
CA PHE H 177 0.45 15.73 -55.31
C PHE H 177 -0.66 16.74 -54.98
N ALA H 178 -0.90 16.93 -53.68
CA ALA H 178 -1.97 17.80 -53.18
C ALA H 178 -1.74 19.28 -53.51
N HIS H 179 -0.49 19.71 -53.40
CA HIS H 179 -0.13 21.09 -53.71
C HIS H 179 -0.47 21.40 -55.16
N ARG H 180 -0.01 20.53 -56.07
CA ARG H 180 -0.27 20.68 -57.51
C ARG H 180 -1.77 20.77 -57.83
N VAL H 181 -2.56 19.89 -57.20
CA VAL H 181 -4.01 19.91 -57.40
C VAL H 181 -4.58 21.21 -56.88
N ALA H 182 -4.25 21.57 -55.63
CA ALA H 182 -4.69 22.83 -55.05
C ALA H 182 -4.31 24.05 -55.92
N GLY H 183 -3.11 23.99 -56.50
CA GLY H 183 -2.56 25.10 -57.27
C GLY H 183 -3.16 25.24 -58.66
N THR H 184 -3.90 24.22 -59.10
CA THR H 184 -4.58 24.28 -60.37
C THR H 184 -5.90 25.04 -60.13
N PRO H 185 -6.26 25.98 -60.99
CA PRO H 185 -7.57 26.66 -60.87
C PRO H 185 -8.69 25.63 -61.05
N ALA H 186 -9.74 25.73 -60.25
CA ALA H 186 -10.82 24.77 -60.25
C ALA H 186 -11.29 24.34 -61.66
N LYS H 187 -11.49 25.28 -62.58
CA LYS H 187 -12.06 24.94 -63.90
C LYS H 187 -11.09 24.14 -64.79
N HIS H 188 -9.89 23.85 -64.27
CA HIS H 188 -8.84 23.11 -65.02
C HIS H 188 -8.41 21.80 -64.32
N ARG H 189 -9.02 21.51 -63.18
CA ARG H 189 -8.72 20.28 -62.44
C ARG H 189 -9.33 19.06 -63.11
N GLY H 190 -8.68 17.90 -62.90
CA GLY H 190 -9.22 16.62 -63.31
C GLY H 190 -10.43 16.22 -62.48
N THR H 191 -11.10 15.15 -62.90
CA THR H 191 -12.34 14.78 -62.26
C THR H 191 -12.29 13.42 -61.59
N ASN H 192 -11.10 12.82 -61.52
CA ASN H 192 -10.92 11.53 -60.85
C ASN H 192 -9.57 11.40 -60.21
N TYR H 193 -9.32 12.21 -59.16
CA TYR H 193 -8.05 12.21 -58.42
C TYR H 193 -8.02 11.10 -57.40
N SER H 194 -7.01 10.24 -57.48
CA SER H 194 -6.93 9.04 -56.65
C SER H 194 -5.53 8.69 -56.17
N ILE H 195 -5.38 8.48 -54.87
CA ILE H 195 -4.10 7.99 -54.32
C ILE H 195 -4.25 6.59 -53.71
N ILE H 196 -3.48 5.62 -54.19
CA ILE H 196 -3.49 4.28 -53.63
C ILE H 196 -2.20 4.02 -52.86
N ASN H 197 -2.34 3.56 -51.62
CA ASN H 197 -1.17 3.14 -50.86
C ASN H 197 -1.13 1.62 -50.74
N MET H 198 -0.06 1.01 -51.25
CA MET H 198 0.16 -0.41 -51.07
C MET H 198 0.51 -0.64 -49.61
N VAL H 199 -0.43 -1.24 -48.89
CA VAL H 199 -0.21 -1.60 -47.50
C VAL H 199 0.05 -3.10 -47.39
N ASP H 200 -0.25 -3.66 -46.22
CA ASP H 200 -0.04 -5.10 -45.99
C ASP H 200 -1.19 -5.66 -45.16
N ALA H 201 -1.82 -6.72 -45.69
CA ALA H 201 -2.98 -7.34 -45.02
C ALA H 201 -2.56 -8.10 -43.78
N MET H 202 -1.28 -8.47 -43.70
CA MET H 202 -0.79 -9.31 -42.59
C MET H 202 -0.10 -8.57 -41.47
N THR H 203 -0.08 -7.24 -41.50
CA THR H 203 0.68 -6.51 -40.46
C THR H 203 0.12 -6.56 -39.04
N ASN H 204 -1.15 -6.91 -38.90
CA ASN H 204 -1.73 -7.14 -37.58
C ASN H 204 -1.30 -8.49 -37.01
N GLN H 205 -0.76 -9.33 -37.89
CA GLN H 205 -0.19 -10.61 -37.47
C GLN H 205 1.26 -10.63 -37.92
N PRO H 206 2.09 -9.85 -37.23
CA PRO H 206 3.42 -9.48 -37.73
C PRO H 206 4.34 -10.65 -38.05
N LEU H 207 5.14 -10.47 -39.10
CA LEU H 207 6.15 -11.45 -39.46
C LEU H 207 7.30 -11.26 -38.49
N LEU H 208 7.70 -12.35 -37.88
CA LEU H 208 8.71 -12.31 -36.83
C LEU H 208 10.01 -11.68 -37.33
N GLY H 209 10.43 -10.60 -36.67
CA GLY H 209 11.72 -9.94 -36.94
C GLY H 209 11.69 -8.77 -37.91
N TYR H 210 10.49 -8.37 -38.34
CA TYR H 210 10.33 -7.36 -39.37
C TYR H 210 9.70 -6.10 -38.79
N THR H 211 10.17 -5.69 -37.61
CA THR H 211 9.50 -4.64 -36.84
C THR H 211 9.42 -3.28 -37.53
N ILE H 212 10.55 -2.81 -38.06
CA ILE H 212 10.54 -1.50 -38.70
C ILE H 212 9.58 -1.54 -39.89
N TYR H 213 9.64 -2.61 -40.68
CA TYR H 213 8.77 -2.73 -41.83
C TYR H 213 7.30 -2.71 -41.41
N THR H 214 6.97 -3.52 -40.40
CA THR H 214 5.60 -3.49 -39.87
C THR H 214 5.20 -2.09 -39.41
N MET H 215 6.08 -1.46 -38.60
CA MET H 215 5.88 -0.08 -38.16
C MET H 215 5.65 0.86 -39.34
N ALA H 216 6.44 0.70 -40.40
CA ALA H 216 6.31 1.55 -41.58
C ALA H 216 4.93 1.39 -42.24
N LYS H 217 4.45 0.16 -42.35
CA LYS H 217 3.12 -0.07 -42.92
C LYS H 217 2.03 0.53 -42.02
N GLY H 218 2.26 0.43 -40.69
CA GLY H 218 1.39 1.06 -39.69
C GLY H 218 1.27 2.54 -39.99
N ALA H 219 2.43 3.16 -40.19
CA ALA H 219 2.47 4.58 -40.53
C ALA H 219 1.66 4.84 -41.80
N LEU H 220 1.84 3.99 -42.82
CA LEU H 220 1.20 4.17 -44.12
C LEU H 220 -0.33 4.08 -44.03
N GLU H 221 -0.83 3.12 -43.25
CA GLU H 221 -2.28 3.09 -42.89
C GLU H 221 -2.76 4.41 -42.31
N GLY H 222 -2.05 4.95 -41.31
CA GLY H 222 -2.37 6.25 -40.70
C GLY H 222 -2.44 7.34 -41.78
N LEU H 223 -1.44 7.35 -42.66
CA LEU H 223 -1.39 8.31 -43.74
C LEU H 223 -2.62 8.21 -44.62
N THR H 224 -3.07 6.99 -44.86
CA THR H 224 -4.25 6.76 -45.70
C THR H 224 -5.48 7.47 -45.11
N ARG H 225 -5.69 7.27 -43.81
CA ARG H 225 -6.80 7.88 -43.11
C ARG H 225 -6.65 9.39 -43.03
N SER H 226 -5.49 9.85 -42.56
CA SER H 226 -5.27 11.29 -42.44
C SER H 226 -5.44 12.01 -43.79
N ALA H 227 -4.72 11.53 -44.82
CA ALA H 227 -4.80 12.13 -46.16
C ALA H 227 -6.22 12.11 -46.75
N ALA H 228 -6.94 11.01 -46.59
CA ALA H 228 -8.34 10.97 -47.04
C ALA H 228 -9.14 12.13 -46.44
N LEU H 229 -9.01 12.30 -45.11
CA LEU H 229 -9.74 13.35 -44.43
C LEU H 229 -9.33 14.75 -44.90
N GLU H 230 -8.03 15.04 -44.97
CA GLU H 230 -7.59 16.38 -45.32
C GLU H 230 -7.76 16.73 -46.80
N LEU H 231 -7.71 15.73 -47.67
CA LEU H 231 -7.81 15.95 -49.13
C LEU H 231 -9.22 15.72 -49.72
N ALA H 232 -10.19 15.42 -48.84
CA ALA H 232 -11.58 15.26 -49.25
C ALA H 232 -12.13 16.51 -49.95
N PRO H 233 -11.92 17.71 -49.38
CA PRO H 233 -12.37 18.97 -50.01
C PRO H 233 -11.87 19.15 -51.45
N LEU H 234 -10.69 18.65 -51.77
CA LEU H 234 -10.19 18.72 -53.14
C LEU H 234 -10.63 17.51 -53.98
N GLN H 235 -11.50 16.68 -53.40
CA GLN H 235 -11.98 15.48 -54.06
C GLN H 235 -10.86 14.53 -54.45
N ILE H 236 -9.81 14.47 -53.63
CA ILE H 236 -8.73 13.52 -53.84
C ILE H 236 -9.01 12.37 -52.90
N ARG H 237 -9.17 11.20 -53.48
CA ARG H 237 -9.44 10.01 -52.67
C ARG H 237 -8.15 9.31 -52.33
N VAL H 238 -8.09 8.78 -51.12
CA VAL H 238 -6.91 8.09 -50.63
C VAL H 238 -7.32 6.73 -50.05
N ASN H 239 -6.88 5.69 -50.73
CA ASN H 239 -7.19 4.36 -50.26
C ASN H 239 -5.95 3.46 -50.21
N GLY H 240 -6.08 2.38 -49.44
CA GLY H 240 -5.04 1.40 -49.35
C GLY H 240 -5.44 0.10 -50.00
N VAL H 241 -4.44 -0.57 -50.57
CA VAL H 241 -4.62 -1.94 -50.95
C VAL H 241 -3.58 -2.79 -50.24
N GLY H 242 -4.03 -3.90 -49.64
CA GLY H 242 -3.11 -4.77 -48.88
C GLY H 242 -3.07 -6.21 -49.30
N PRO H 243 -2.00 -6.60 -49.96
CA PRO H 243 -1.79 -7.99 -50.31
C PRO H 243 -1.49 -8.83 -49.08
N GLY H 244 -1.74 -10.14 -49.17
CA GLY H 244 -1.27 -11.10 -48.18
C GLY H 244 0.01 -11.70 -48.70
N LEU H 245 -0.11 -12.65 -49.62
CA LEU H 245 1.04 -13.19 -50.32
C LEU H 245 0.83 -13.07 -51.83
N SER H 246 1.80 -12.44 -52.51
CA SER H 246 1.71 -12.23 -53.97
C SER H 246 3.05 -12.51 -54.62
N VAL H 247 2.95 -13.07 -55.84
CA VAL H 247 4.07 -13.36 -56.74
C VAL H 247 5.34 -13.82 -56.00
N LEU H 248 5.30 -15.05 -55.50
CA LEU H 248 6.27 -15.52 -54.49
C LEU H 248 7.72 -15.71 -54.93
N VAL H 249 8.54 -15.92 -53.91
CA VAL H 249 9.97 -15.69 -53.97
C VAL H 249 10.74 -17.01 -53.82
N ALA H 255 12.42 -19.12 -52.69
CA ALA H 255 13.36 -20.17 -53.04
C ALA H 255 13.62 -21.11 -51.85
N VAL H 256 13.47 -20.58 -50.63
CA VAL H 256 13.78 -21.31 -49.38
C VAL H 256 12.87 -22.56 -49.19
N TRP H 257 11.60 -22.42 -49.56
CA TRP H 257 10.69 -23.56 -49.70
C TRP H 257 9.36 -23.18 -50.39
N GLU H 258 8.79 -22.03 -50.02
CA GLU H 258 7.43 -21.60 -50.44
C GLU H 258 6.35 -22.64 -50.12
N GLY H 259 6.39 -23.10 -48.88
CA GLY H 259 5.39 -24.03 -48.36
C GLY H 259 4.57 -23.32 -47.31
N HIS H 260 5.10 -22.19 -46.82
CA HIS H 260 4.33 -21.27 -45.97
C HIS H 260 3.34 -20.53 -46.90
N ARG H 261 3.28 -21.05 -48.12
CA ARG H 261 2.26 -20.76 -49.10
C ARG H 261 0.94 -21.34 -48.61
N SER H 262 0.81 -22.67 -48.72
CA SER H 262 -0.45 -23.43 -48.52
C SER H 262 -1.33 -23.02 -47.32
N LYS H 263 -0.78 -22.21 -46.42
CA LYS H 263 -1.52 -21.65 -45.27
C LYS H 263 -2.65 -20.67 -45.69
N VAL H 264 -2.63 -20.23 -46.95
CA VAL H 264 -3.68 -19.36 -47.48
C VAL H 264 -4.98 -20.16 -47.69
N PRO H 265 -6.05 -19.71 -47.04
CA PRO H 265 -7.33 -20.40 -47.13
C PRO H 265 -7.81 -20.55 -48.56
N LEU H 266 -7.87 -19.45 -49.31
CA LEU H 266 -8.38 -19.51 -50.69
C LEU H 266 -7.34 -20.00 -51.73
N TYR H 267 -7.64 -21.11 -52.41
CA TYR H 267 -6.80 -21.69 -53.52
C TYR H 267 -5.46 -22.29 -53.06
N GLN H 268 -5.08 -22.05 -51.79
CA GLN H 268 -3.80 -22.52 -51.24
C GLN H 268 -2.62 -22.10 -52.13
N ARG H 269 -2.64 -20.83 -52.55
CA ARG H 269 -1.53 -20.24 -53.29
C ARG H 269 -1.42 -18.75 -53.04
N ASP H 270 -0.24 -18.20 -53.27
CA ASP H 270 -0.07 -16.77 -53.29
C ASP H 270 -0.81 -16.23 -54.49
N SER H 271 -1.07 -14.92 -54.52
CA SER H 271 -1.80 -14.34 -55.66
C SER H 271 -0.90 -14.10 -56.87
N SER H 272 -1.52 -13.78 -57.99
CA SER H 272 -0.77 -13.28 -59.16
C SER H 272 -0.70 -11.77 -59.05
N ALA H 273 0.14 -11.15 -59.88
CA ALA H 273 0.27 -9.69 -59.84
C ALA H 273 -1.08 -9.01 -60.16
N ALA H 274 -1.73 -9.51 -61.20
CA ALA H 274 -3.01 -8.97 -61.67
C ALA H 274 -4.07 -9.08 -60.60
N GLU H 275 -4.08 -10.20 -59.88
CA GLU H 275 -5.04 -10.38 -58.80
C GLU H 275 -4.98 -9.25 -57.78
N VAL H 276 -3.84 -8.58 -57.70
CA VAL H 276 -3.71 -7.40 -56.84
C VAL H 276 -3.94 -6.08 -57.63
N SER H 277 -3.30 -5.96 -58.78
CA SER H 277 -3.38 -4.71 -59.53
C SER H 277 -4.80 -4.37 -59.98
N ASP H 278 -5.58 -5.38 -60.37
CA ASP H 278 -6.99 -5.17 -60.72
C ASP H 278 -7.79 -4.44 -59.62
N VAL H 279 -7.49 -4.75 -58.37
CA VAL H 279 -8.09 -4.02 -57.24
C VAL H 279 -7.66 -2.54 -57.24
N VAL H 280 -6.36 -2.29 -57.39
CA VAL H 280 -5.81 -0.92 -57.43
C VAL H 280 -6.47 -0.12 -58.54
N ILE H 281 -6.48 -0.70 -59.74
CA ILE H 281 -7.12 -0.07 -60.88
C ILE H 281 -8.61 0.16 -60.63
N PHE H 282 -9.31 -0.79 -60.02
CA PHE H 282 -10.74 -0.54 -59.74
C PHE H 282 -10.91 0.64 -58.82
N LEU H 283 -10.11 0.73 -57.76
CA LEU H 283 -10.23 1.82 -56.81
C LEU H 283 -9.93 3.17 -57.47
N CYS H 284 -9.15 3.12 -58.54
CA CYS H 284 -8.80 4.33 -59.28
C CYS H 284 -9.92 4.78 -60.20
N SER H 285 -10.76 3.83 -60.59
CA SER H 285 -11.85 4.10 -61.50
C SER H 285 -12.92 4.95 -60.84
N SER H 286 -13.66 5.70 -61.67
CA SER H 286 -14.71 6.60 -61.21
C SER H 286 -15.89 5.81 -60.60
N LYS H 287 -15.94 4.51 -60.88
CA LYS H 287 -16.91 3.61 -60.24
C LYS H 287 -16.68 3.54 -58.71
N ALA H 288 -15.45 3.82 -58.29
CA ALA H 288 -15.13 3.76 -56.88
C ALA H 288 -15.06 5.16 -56.31
N LYS H 289 -15.73 6.10 -56.97
CA LYS H 289 -15.64 7.52 -56.60
C LYS H 289 -16.08 7.91 -55.16
N TYR H 290 -16.85 7.05 -54.50
CA TYR H 290 -17.30 7.34 -53.12
C TYR H 290 -16.48 6.63 -52.04
N ILE H 291 -15.58 5.73 -52.45
CA ILE H 291 -14.61 5.09 -51.55
C ILE H 291 -13.39 5.97 -51.26
N THR H 292 -13.19 6.27 -49.98
CA THR H 292 -11.98 6.95 -49.55
C THR H 292 -11.68 6.59 -48.10
N GLY H 293 -10.40 6.46 -47.80
CA GLY H 293 -9.94 6.27 -46.41
C GLY H 293 -10.01 4.82 -45.97
N THR H 294 -10.11 3.91 -46.92
CA THR H 294 -10.30 2.52 -46.56
C THR H 294 -9.16 1.70 -47.14
N CYS H 295 -8.80 0.61 -46.45
CA CYS H 295 -7.85 -0.38 -46.94
C CYS H 295 -8.52 -1.69 -47.27
N VAL H 296 -8.25 -2.18 -48.48
CA VAL H 296 -8.88 -3.40 -48.98
C VAL H 296 -7.85 -4.52 -49.02
N LYS H 297 -8.04 -5.53 -48.15
CA LYS H 297 -7.16 -6.72 -48.12
C LYS H 297 -7.42 -7.45 -49.38
N VAL H 298 -6.34 -7.89 -50.01
CA VAL H 298 -6.39 -8.80 -51.16
C VAL H 298 -5.50 -9.98 -50.77
N ASP H 299 -6.06 -10.86 -49.93
CA ASP H 299 -5.23 -11.84 -49.25
C ASP H 299 -5.73 -13.30 -49.25
N GLY H 300 -6.83 -13.57 -49.94
CA GLY H 300 -7.30 -14.95 -50.09
C GLY H 300 -7.66 -15.56 -48.75
N GLY H 301 -7.90 -14.69 -47.77
CA GLY H 301 -8.39 -15.08 -46.48
C GLY H 301 -7.29 -15.33 -45.47
N TYR H 302 -6.05 -15.07 -45.86
CA TYR H 302 -4.91 -15.36 -45.00
C TYR H 302 -4.95 -14.71 -43.61
N SER H 303 -5.49 -13.49 -43.55
CA SER H 303 -5.56 -12.73 -42.32
C SER H 303 -6.59 -13.33 -41.34
N LEU H 304 -7.35 -14.30 -41.83
CA LEU H 304 -8.34 -14.96 -40.99
C LEU H 304 -7.77 -16.17 -40.30
N THR H 305 -6.53 -16.53 -40.63
CA THR H 305 -5.89 -17.72 -40.04
C THR H 305 -5.21 -17.39 -38.73
N ARG H 306 -4.85 -18.45 -38.01
CA ARG H 306 -4.17 -18.38 -36.70
C ARG H 306 -3.23 -19.58 -36.64
N ALA H 307 -2.27 -19.53 -35.73
CA ALA H 307 -1.28 -20.62 -35.64
C ALA H 307 -1.92 -21.91 -35.15
PA NAP I . 17.08 27.41 39.47
O1A NAP I . 17.19 27.20 38.01
O2A NAP I . 16.30 28.61 39.80
O5B NAP I . 18.60 27.50 39.98
C5B NAP I . 19.07 26.70 41.06
C4B NAP I . 20.39 27.25 41.58
O4B NAP I . 21.43 26.41 41.15
C3B NAP I . 20.75 28.63 41.03
O3B NAP I . 20.23 29.66 41.84
C2B NAP I . 22.27 28.61 40.96
O2B NAP I . 22.88 29.34 41.98
C1B NAP I . 22.62 27.16 41.19
N9A NAP I . 23.57 26.72 40.16
C8A NAP I . 23.34 26.52 38.83
N7A NAP I . 24.50 26.14 38.24
C5A NAP I . 25.45 26.10 39.20
C6A NAP I . 26.79 25.77 39.16
N6A NAP I . 27.36 25.36 38.02
N1A NAP I . 27.54 25.83 40.33
C2A NAP I . 26.93 26.20 41.51
N3A NAP I . 25.61 26.51 41.52
C4A NAP I . 24.88 26.45 40.40
O3 NAP I . 16.46 26.10 40.19
PN NAP I . 14.91 25.89 40.56
O1N NAP I . 14.08 26.24 39.40
O2N NAP I . 14.72 26.63 41.83
O5D NAP I . 14.82 24.33 40.87
C5D NAP I . 15.63 23.73 41.85
C4D NAP I . 15.88 22.26 41.62
O4D NAP I . 14.71 21.62 41.18
C3D NAP I . 16.88 22.06 40.51
O3D NAP I . 17.64 20.92 40.82
C2D NAP I . 16.04 21.70 39.32
O2D NAP I . 16.74 20.91 38.38
C1D NAP I . 14.86 21.01 39.92
N1N NAP I . 13.70 21.23 39.06
C2N NAP I . 13.11 22.46 38.95
C3N NAP I . 12.01 22.62 38.10
C7N NAP I . 11.25 23.91 38.05
O7N NAP I . 9.96 23.91 37.54
N7N NAP I . 11.81 25.03 38.51
C4N NAP I . 11.53 21.53 37.35
C5N NAP I . 12.15 20.29 37.46
C6N NAP I . 13.25 20.16 38.32
P2B NAP I . 23.29 30.89 41.83
O1X NAP I . 23.78 31.35 43.18
O2X NAP I . 24.44 31.02 40.86
O3X NAP I . 22.07 31.70 41.42
C6 TAQ J . 12.16 25.42 34.78
N4 TAQ J . 10.96 25.48 34.19
C1 TAQ J . 12.78 26.59 35.23
C2 TAQ J . 14.03 26.52 35.85
C3 TAQ J . 14.67 25.28 36.00
N3 TAQ J . 15.87 25.22 36.58
C8 TAQ J . 16.49 24.04 36.74
N2 TAQ J . 17.69 23.98 37.33
N1 TAQ J . 15.93 22.88 36.34
C7 TAQ J . 14.73 22.90 35.73
C4 TAQ J . 14.06 24.12 35.56
C5 TAQ J . 12.81 24.20 34.95
NAA TAQ J . 14.22 21.74 35.34
C6 TAQ K . 52.81 28.01 38.56
N4 TAQ K . 53.19 26.80 38.96
C1 TAQ K . 53.77 28.98 38.28
C2 TAQ K . 53.37 30.25 37.87
C3 TAQ K . 52.01 30.55 37.72
N3 TAQ K . 51.64 31.79 37.33
C8 TAQ K . 50.34 32.10 37.19
N2 TAQ K . 50.02 33.32 36.78
N1 TAQ K . 49.37 31.17 37.45
C7 TAQ K . 49.69 29.90 37.86
C4 TAQ K . 51.05 29.58 38.00
C5 TAQ K . 51.45 28.31 38.41
NAA TAQ K . 48.76 28.98 38.13
PA NAP L . 33.65 -5.01 28.55
O1A NAP L . 33.73 -4.60 29.95
O2A NAP L . 34.27 -6.32 28.38
O5B NAP L . 34.40 -3.95 27.64
C5B NAP L . 33.78 -3.26 26.61
C4B NAP L . 34.84 -2.43 25.88
O4B NAP L . 34.76 -1.06 26.24
C3B NAP L . 36.28 -2.81 26.22
O3B NAP L . 36.70 -3.88 25.40
C2B NAP L . 37.07 -1.52 26.03
O2B NAP L . 37.80 -1.50 24.82
C1B NAP L . 35.98 -0.45 25.90
N9A NAP L . 36.28 0.69 26.77
C8A NAP L . 36.23 0.77 28.13
N7A NAP L . 36.61 2.00 28.49
C5A NAP L . 36.91 2.73 27.39
C6A NAP L . 37.34 4.03 27.17
N6A NAP L . 37.50 4.87 28.16
N1A NAP L . 37.57 4.48 25.90
C2A NAP L . 37.36 3.64 24.82
N3A NAP L . 36.92 2.36 25.01
C4A NAP L . 36.70 1.91 26.29
O3 NAP L . 32.12 -4.91 28.16
PN NAP L . 31.15 -6.17 28.05
O1N NAP L . 31.21 -6.99 29.27
O2N NAP L . 31.42 -6.84 26.77
O5D NAP L . 29.70 -5.43 28.02
C5D NAP L . 29.38 -4.58 26.91
C4D NAP L . 28.33 -3.54 27.24
O4D NAP L . 27.24 -4.13 27.93
C3D NAP L . 28.92 -2.45 28.11
O3D NAP L . 28.42 -1.18 27.75
C2D NAP L . 28.36 -2.80 29.47
O2D NAP L . 28.23 -1.65 30.26
C1D NAP L . 27.04 -3.50 29.17
N1N NAP L . 26.77 -4.50 30.22
C2N NAP L . 27.54 -5.63 30.33
C3N NAP L . 27.27 -6.54 31.35
C7N NAP L . 27.99 -7.87 31.42
O7N NAP L . 27.43 -8.90 32.15
N7N NAP L . 29.13 -8.07 30.78
C4N NAP L . 26.23 -6.29 32.23
C5N NAP L . 25.46 -5.14 32.11
C6N NAP L . 25.75 -4.25 31.10
P2B NAP L . 39.33 -1.96 24.71
O1X NAP L . 39.64 -1.92 23.25
O2X NAP L . 40.19 -0.95 25.43
O3X NAP L . 39.55 -3.33 25.28
C6 TAQ M . 30.34 -7.56 34.28
N4 TAQ M . 29.86 -8.52 35.06
C1 TAQ M . 31.55 -7.74 33.59
C2 TAQ M . 32.05 -6.71 32.75
C3 TAQ M . 31.32 -5.52 32.63
N3 TAQ M . 31.77 -4.53 31.84
C8 TAQ M . 31.10 -3.37 31.71
N2 TAQ M . 31.59 -2.42 30.94
N1 TAQ M . 29.95 -3.18 32.36
C7 TAQ M . 29.42 -4.13 33.17
C4 TAQ M . 30.12 -5.33 33.32
C5 TAQ M . 29.64 -6.37 34.15
NAA TAQ M . 28.26 -3.87 33.80
PA NAP N . -3.38 -6.83 56.67
O1A NAP N . -2.94 -8.03 55.95
O2A NAP N . -3.00 -7.03 58.10
O5B NAP N . -4.95 -6.65 56.48
C5B NAP N . -5.53 -5.43 56.13
C4B NAP N . -7.04 -5.54 56.32
O4B NAP N . -7.69 -5.77 55.09
C3B NAP N . -7.49 -6.69 57.22
O3B NAP N . -7.48 -6.30 58.57
C2B NAP N . -8.87 -7.04 56.71
O2B NAP N . -9.90 -6.55 57.55
C1B NAP N . -8.97 -6.26 55.40
N9A NAP N . -9.47 -7.14 54.34
C8A NAP N . -8.82 -8.18 53.74
N7A NAP N . -9.64 -8.71 52.81
C5A NAP N . -10.81 -8.03 52.81
C6A NAP N . -12.00 -8.16 52.08
N6A NAP N . -12.11 -9.03 51.09
N1A NAP N . -13.04 -7.29 52.33
C2A NAP N . -12.91 -6.32 53.30
N3A NAP N . -11.74 -6.22 54.02
C4A NAP N . -10.71 -7.04 53.78
O3 NAP N . -2.76 -5.50 56.00
PN NAP N . -1.43 -4.80 56.55
O1N NAP N . -0.36 -5.82 56.72
O2N NAP N . -1.80 -4.01 57.75
O5D NAP N . -1.06 -3.81 55.34
C5D NAP N . -1.92 -2.76 54.95
C4D NAP N . -1.77 -2.40 53.46
O4D NAP N . -0.42 -2.25 53.12
C3D NAP N . -2.34 -3.46 52.55
O3D NAP N . -3.01 -2.87 51.46
C2D NAP N . -1.13 -4.20 52.03
O2D NAP N . -1.30 -4.69 50.71
C1D NAP N . -0.07 -3.13 52.06
N1N NAP N . 1.22 -3.79 52.26
C2N NAP N . 1.55 -4.33 53.49
C3N NAP N . 2.79 -4.94 53.63
C7N NAP N . 3.25 -5.42 54.98
O7N NAP N . 4.60 -5.60 55.21
N7N NAP N . 2.37 -5.63 55.96
C4N NAP N . 3.70 -4.99 52.56
C5N NAP N . 3.35 -4.43 51.33
C6N NAP N . 2.09 -3.83 51.20
P2B NAP N . -10.59 -7.46 58.69
O1X NAP N . -11.53 -6.55 59.45
O2X NAP N . -11.40 -8.59 58.10
O3X NAP N . -9.51 -8.03 59.58
C6 TAQ O . 3.06 -9.13 54.75
N4 TAQ O . 4.36 -9.44 54.96
C1 TAQ O . 2.09 -9.36 55.75
C2 TAQ O . 0.75 -9.05 55.53
C3 TAQ O . 0.36 -8.47 54.31
N3 TAQ O . -0.93 -8.16 54.06
C8 TAQ O . -1.31 -7.62 52.89
N2 TAQ O . -2.59 -7.30 52.68
N1 TAQ O . -0.42 -7.37 51.92
C7 TAQ O . 0.88 -7.68 52.10
C4 TAQ O . 1.31 -8.25 53.30
C5 TAQ O . 2.65 -8.56 53.53
NAA TAQ O . 1.74 -7.44 51.14
PA NAP P . -8.77 -5.02 19.07
O1A NAP P . -9.43 -3.93 19.82
O2A NAP P . -8.95 -4.73 17.63
O5B NAP P . -9.45 -6.39 19.53
C5B NAP P . -8.71 -7.55 19.84
C4B NAP P . -9.67 -8.73 19.98
O4B NAP P . -10.01 -8.95 21.33
C3B NAP P . -11.03 -8.54 19.30
O3B NAP P . -10.97 -8.95 17.98
C2B NAP P . -11.97 -9.40 20.12
O2B NAP P . -12.28 -10.61 19.47
C1B NAP P . -11.15 -9.77 21.34
N9A NAP P . -11.93 -9.57 22.56
C8A NAP P . -12.33 -8.39 23.10
N7A NAP P . -13.03 -8.69 24.22
C5A NAP P . -13.10 -10.02 24.38
C6A NAP P . -13.70 -10.84 25.32
N6A NAP P . -14.36 -10.34 26.36
N1A NAP P . -13.59 -12.21 25.20
C2A NAP P . -12.88 -12.77 24.15
N3A NAP P . -12.30 -11.93 23.21
C4A NAP P . -12.40 -10.59 23.33
O3 NAP P . -7.23 -5.24 19.48
PN NAP P . -6.04 -4.58 18.64
O1N NAP P . -6.43 -3.16 18.37
O2N NAP P . -5.72 -5.40 17.46
O5D NAP P . -4.79 -4.71 19.65
C5D NAP P . -4.41 -5.98 20.15
C4D NAP P . -3.73 -5.88 21.53
O4D NAP P . -2.82 -4.80 21.59
C3D NAP P . -4.73 -5.68 22.65
O3D NAP P . -4.41 -6.47 23.78
C2D NAP P . -4.59 -4.22 23.03
O2D NAP P . -4.85 -4.01 24.40
C1D NAP P . -3.13 -3.93 22.65
N1N NAP P . -3.02 -2.53 22.25
C2N NAP P . -3.52 -2.08 21.05
C3N NAP P . -3.38 -0.73 20.73
C7N NAP P . -3.77 -0.22 19.39
O7N NAP P . -3.22 1.00 18.97
N7N NAP P . -4.61 -0.90 18.63
C4N NAP P . -2.74 0.15 21.61
C5N NAP P . -2.24 -0.32 22.82
C6N NAP P . -2.40 -1.66 23.14
P2B NAP P . -13.58 -10.82 18.54
O1X NAP P . -13.43 -12.19 17.92
O2X NAP P . -14.83 -10.80 19.39
O3X NAP P . -13.66 -9.75 17.47
C6 TAQ Q . -6.88 1.71 19.95
N4 TAQ Q . -6.46 2.92 19.55
C1 TAQ Q . -7.76 0.96 19.18
C2 TAQ Q . -8.20 -0.29 19.61
C3 TAQ Q . -7.72 -0.80 20.82
N3 TAQ Q . -8.11 -2.02 21.28
C8 TAQ Q . -7.65 -2.50 22.47
N2 TAQ Q . -8.05 -3.69 22.92
N1 TAQ Q . -6.80 -1.78 23.25
C7 TAQ Q . -6.39 -0.57 22.84
C4 TAQ Q . -6.83 -0.05 21.61
C5 TAQ Q . -6.41 1.20 21.16
NAA TAQ Q . -5.54 0.10 23.62
PA NAP R . -18.08 -22.07 -20.09
O1A NAP R . -18.10 -22.58 -21.46
O2A NAP R . -17.36 -23.01 -19.18
O5B NAP R . -19.59 -21.90 -19.53
C5B NAP R . -20.07 -20.67 -19.03
C4B NAP R . -21.44 -20.88 -18.40
O4B NAP R . -22.45 -20.36 -19.22
C3B NAP R . -21.80 -22.33 -18.21
O3B NAP R . -21.31 -22.74 -16.96
C2B NAP R . -23.32 -22.38 -18.31
O2B NAP R . -24.01 -22.50 -17.08
C1B NAP R . -23.65 -21.01 -18.87
N9A NAP R . -24.58 -21.17 -20.02
C8A NAP R . -24.32 -21.67 -21.26
N7A NAP R . -25.47 -21.61 -21.96
C5A NAP R . -26.45 -21.10 -21.19
C6A NAP R . -27.79 -20.83 -21.39
N6A NAP R . -28.41 -21.07 -22.54
N1A NAP R . -28.52 -20.29 -20.38
C2A NAP R . -27.95 -20.01 -19.15
N3A NAP R . -26.61 -20.27 -18.94
C4A NAP R . -25.89 -20.81 -19.96
O3 NAP R . -17.49 -20.58 -20.12
PN NAP R . -15.94 -20.24 -19.81
O1N NAP R . -15.08 -21.16 -20.56
O2N NAP R . -15.82 -20.13 -18.35
O5D NAP R . -15.82 -18.74 -20.40
C5D NAP R . -16.61 -17.72 -19.78
C4D NAP R . -16.86 -16.58 -20.76
O4D NAP R . -15.65 -16.26 -21.42
C3D NAP R . -17.85 -16.95 -21.83
O3D NAP R . -18.66 -15.84 -22.19
C2D NAP R . -16.97 -17.20 -23.02
O2D NAP R . -17.65 -16.88 -24.18
C1D NAP R . -15.80 -16.29 -22.83
N1N NAP R . -14.64 -16.93 -23.45
C2N NAP R . -14.09 -18.09 -22.94
C3N NAP R . -12.97 -18.67 -23.56
C7N NAP R . -12.19 -19.76 -22.89
O7N NAP R . -10.88 -20.05 -23.30
N7N NAP R . -12.72 -20.47 -21.91
C4N NAP R . -12.45 -18.08 -24.71
C5N NAP R . -13.04 -16.92 -25.22
C6N NAP R . -14.13 -16.35 -24.58
P2B NAP R . -24.43 -23.92 -16.43
O1X NAP R . -24.98 -23.67 -15.05
O2X NAP R . -25.52 -24.57 -17.28
O3X NAP R . -23.24 -24.84 -16.29
C6 TAQ S . -13.07 -22.73 -25.04
N4 TAQ S . -11.86 -23.08 -25.51
C1 TAQ S . -13.73 -23.50 -24.08
C2 TAQ S . -15.00 -23.15 -23.59
C3 TAQ S . -15.62 -22.00 -24.08
N3 TAQ S . -16.83 -21.63 -23.65
C8 TAQ S . -17.43 -20.53 -24.13
N2 TAQ S . -18.64 -20.20 -23.70
N1 TAQ S . -16.84 -19.75 -25.05
C7 TAQ S . -15.63 -20.08 -25.54
C4 TAQ S . -14.96 -21.22 -25.06
C5 TAQ S . -13.71 -21.58 -25.52
NAA TAQ S . -15.06 -19.30 -26.46
PA NAP T . -33.59 -0.40 -47.10
O1A NAP T . -33.70 0.06 -45.69
O2A NAP T . -34.16 0.62 -48.01
O5B NAP T . -34.33 -1.82 -47.23
C5B NAP T . -33.68 -2.94 -47.79
C4B NAP T . -34.72 -4.01 -48.09
O4B NAP T . -34.68 -5.00 -47.09
C3B NAP T . -36.15 -3.52 -48.05
O3B NAP T . -36.53 -3.09 -49.32
C2B NAP T . -36.95 -4.71 -47.60
O2B NAP T . -37.64 -5.32 -48.64
C1B NAP T . -35.90 -5.70 -47.12
N9A NAP T . -36.27 -6.23 -45.79
C8A NAP T . -36.29 -5.57 -44.60
N7A NAP T . -36.70 -6.42 -43.64
C5A NAP T . -36.94 -7.63 -44.21
C6A NAP T . -37.38 -8.85 -43.71
N6A NAP T . -37.82 -8.97 -42.46
N1A NAP T . -37.52 -9.93 -44.58
C2A NAP T . -37.24 -9.77 -45.93
N3A NAP T . -36.82 -8.56 -46.41
C4A NAP T . -36.67 -7.51 -45.57
O3 NAP T . -32.04 -0.74 -47.42
PN NAP T . -31.02 0.33 -48.05
O1N NAP T . -31.13 1.63 -47.41
O2N NAP T . -31.23 0.26 -49.50
O5D NAP T . -29.62 -0.36 -47.64
C5D NAP T . -29.26 -1.63 -48.16
C4D NAP T . -28.25 -2.35 -47.29
O4D NAP T . -27.19 -1.47 -46.97
C3D NAP T . -28.88 -2.82 -46.00
O3D NAP T . -28.42 -4.11 -45.65
C2D NAP T . -28.37 -1.83 -44.98
O2D NAP T . -28.34 -2.33 -43.64
C1D NAP T . -27.03 -1.37 -45.58
N1N NAP T . -26.77 0.02 -45.18
C2N NAP T . -27.52 1.05 -45.71
C3N NAP T . -27.27 2.35 -45.29
C7N NAP T . -27.95 3.54 -45.94
O7N NAP T . -27.38 4.81 -45.71
N7N NAP T . -29.03 3.39 -46.71
C4N NAP T . -26.27 2.60 -44.35
C5N NAP T . -25.52 1.54 -43.83
C6N NAP T . -25.80 0.25 -44.25
P2B NAP T . -39.18 -5.00 -48.99
O1X NAP T . -39.46 -5.75 -50.27
O2X NAP T . -40.14 -5.47 -47.92
O3X NAP T . -39.32 -3.52 -49.22
C6 TAQ U . -30.38 4.74 -43.40
N4 TAQ U . -29.89 5.97 -43.21
C1 TAQ U . -31.56 4.53 -44.11
C2 TAQ U . -32.05 3.23 -44.33
C3 TAQ U . -31.34 2.13 -43.82
N3 TAQ U . -31.79 0.87 -44.00
C8 TAQ U . -31.11 -0.19 -43.50
N2 TAQ U . -31.58 -1.41 -43.71
N1 TAQ U . -29.96 -0.03 -42.83
C7 TAQ U . -29.47 1.21 -42.60
C4 TAQ U . -30.16 2.34 -43.09
C5 TAQ U . -29.69 3.64 -42.90
NAA TAQ U . -28.33 1.36 -41.91
PA NAP V . 2.55 16.05 -23.49
O1A NAP V . 2.11 16.69 -24.74
O2A NAP V . 2.12 16.89 -22.34
O5B NAP V . 4.14 15.80 -23.62
C5B NAP V . 4.78 14.60 -23.21
C4B NAP V . 6.28 14.83 -23.05
O4B NAP V . 6.96 14.46 -24.23
C3B NAP V . 6.71 16.28 -22.85
O3B NAP V . 6.69 16.55 -21.49
C2B NAP V . 8.09 16.37 -23.47
O2B NAP V . 9.11 16.40 -22.51
C1B NAP V . 8.23 15.06 -24.19
N9A NAP V . 8.74 15.28 -25.55
C8A NAP V . 8.08 15.87 -26.61
N7A NAP V . 8.92 15.86 -27.67
C5A NAP V . 10.09 15.26 -27.31
C6A NAP V . 11.29 15.00 -28.00
N6A NAP V . 11.44 15.31 -29.29
N1A NAP V . 12.31 14.37 -27.31
C2A NAP V . 12.17 14.01 -25.99
N3A NAP V . 10.99 14.29 -25.33
C4A NAP V . 9.98 14.90 -25.97
O3 NAP V . 2.00 14.53 -23.42
PN NAP V . 0.67 14.16 -22.57
O1N NAP V . -0.36 15.11 -23.10
O2N NAP V . 0.95 14.13 -21.11
O5D NAP V . 0.34 12.66 -23.07
C5D NAP V . 1.30 11.63 -22.90
C4D NAP V . 1.16 10.59 -24.01
O4D NAP V . -0.21 10.27 -24.23
C3D NAP V . 1.74 11.05 -25.33
O3D NAP V . 2.38 9.95 -25.91
C2D NAP V . 0.54 11.34 -26.19
O2D NAP V . 0.76 11.06 -27.57
C1D NAP V . -0.51 10.42 -25.60
N1N NAP V . -1.82 11.06 -25.81
C2N NAP V . -2.19 12.14 -25.03
C3N NAP V . -3.45 12.72 -25.27
C7N NAP V . -3.97 13.75 -24.33
O7N NAP V . -5.37 13.92 -24.24
N7N NAP V . -3.13 14.49 -23.61
C4N NAP V . -4.31 12.21 -26.25
C5N NAP V . -3.92 11.11 -27.02
C6N NAP V . -2.66 10.55 -26.79
P2B NAP V . 9.75 17.80 -21.97
O1X NAP V . 10.65 17.48 -20.80
O2X NAP V . 10.57 18.52 -23.04
O3X NAP V . 8.64 18.76 -21.59
C6 TAQ W . -3.84 16.80 -26.35
N4 TAQ W . -5.14 17.13 -26.31
C1 TAQ W . -2.90 17.54 -25.62
C2 TAQ W . -1.53 17.21 -25.66
C3 TAQ W . -1.11 16.13 -26.45
N3 TAQ W . 0.21 15.81 -26.48
C8 TAQ W . 0.64 14.73 -27.22
N2 TAQ W . 1.94 14.45 -27.23
N1 TAQ W . -0.21 13.98 -27.95
C7 TAQ W . -1.54 14.27 -27.95
C4 TAQ W . -2.02 15.36 -27.18
C5 TAQ W . -3.39 15.71 -27.12
NAA TAQ W . -2.34 13.48 -28.69
PA NAP X . 8.97 -5.61 -54.14
O1A NAP X . 9.58 -6.10 -52.88
O2A NAP X . 9.17 -6.58 -55.25
O5B NAP X . 9.65 -4.19 -54.43
C5B NAP X . 8.88 -3.06 -54.78
C4B NAP X . 9.82 -2.01 -55.39
O4B NAP X . 10.16 -1.09 -54.38
C3B NAP X . 11.17 -2.53 -55.87
O3B NAP X . 11.05 -2.96 -57.21
C2B NAP X . 12.14 -1.37 -55.63
O2B NAP X . 12.48 -0.65 -56.81
C1B NAP X . 11.34 -0.41 -54.81
N9A NAP X . 12.10 0.09 -53.67
C8A NAP X . 12.45 -0.60 -52.54
N7A NAP X . 13.12 0.25 -51.76
C5A NAP X . 13.20 1.47 -52.35
C6A NAP X . 13.76 2.69 -51.99
N6A NAP X . 14.45 2.86 -50.86
N1A NAP X . 13.67 3.77 -52.85
C2A NAP X . 13.02 3.64 -54.08
N3A NAP X . 12.47 2.44 -54.41
C4A NAP X . 12.55 1.38 -53.56
O3 NAP X . 7.39 -5.21 -53.94
PN NAP X . 6.15 -6.21 -54.31
O1N NAP X . 6.46 -7.58 -53.73
O2N NAP X . 5.91 -6.11 -55.78
O5D NAP X . 4.90 -5.56 -53.52
C5D NAP X . 4.50 -4.26 -53.85
C4D NAP X . 3.83 -3.62 -52.63
O4D NAP X . 2.93 -4.56 -52.04
C3D NAP X . 4.83 -3.18 -51.55
O3D NAP X . 4.48 -1.92 -51.01
C2D NAP X . 4.66 -4.21 -50.47
O2D NAP X . 4.90 -3.70 -49.18
C1D NAP X . 3.21 -4.62 -50.66
N1N NAP X . 3.07 -5.98 -50.17
C2N NAP X . 3.60 -7.01 -50.93
C3N NAP X . 3.49 -8.31 -50.48
C7N NAP X . 3.84 -9.46 -51.39
O7N NAP X . 3.27 -10.71 -51.09
N7N NAP X . 4.67 -9.33 -52.43
C4N NAP X . 2.87 -8.55 -49.26
C5N NAP X . 2.33 -7.50 -48.49
C6N NAP X . 2.45 -6.20 -48.97
P2B NAP X . 13.79 -1.02 -57.69
O1X NAP X . 13.61 -0.24 -58.98
O2X NAP X . 15.04 -0.56 -56.94
O3X NAP X . 13.81 -2.52 -57.98
C6 TAQ Y . 6.95 -10.78 -49.73
N4 TAQ Y . 6.51 -12.01 -49.39
C1 TAQ Y . 7.87 -10.60 -50.78
C2 TAQ Y . 8.30 -9.31 -51.09
C3 TAQ Y . 7.83 -8.19 -50.38
N3 TAQ Y . 8.23 -6.94 -50.69
C8 TAQ Y . 7.77 -5.87 -49.98
N2 TAQ Y . 8.19 -4.66 -50.30
N1 TAQ Y . 6.89 -6.02 -48.95
C7 TAQ Y . 6.46 -7.26 -48.63
C4 TAQ Y . 6.90 -8.38 -49.33
C5 TAQ Y . 6.47 -9.68 -49.02
NAA TAQ Y . 5.60 -7.40 -47.63
#